data_7K11
#
_entry.id   7K11
#
_cell.length_a   1.00
_cell.length_b   1.00
_cell.length_c   1.00
_cell.angle_alpha   90.00
_cell.angle_beta   90.00
_cell.angle_gamma   90.00
#
_symmetry.space_group_name_H-M   'P 1'
#
_entity_poly.entity_id   1
_entity_poly.type   'polypeptide(L)'
_entity_poly.pdbx_seq_one_letter_code
;MAGSGAGVRCSLLRLQETLSAADRCGAALAGHQLIRGLGQECVLSSSPAVLALQTSLVFSRDFGLLVFVRKSLNSIEFRE
CREEILKFLCIFLEKMGQKIAPYSVEIKNTCTSVYTKDRAAKCKIPALDLLIKLLQTFRSSRLMDEFKIGELFSKFYGEL
ALKKKIPDTVLEKVYELLGLLGEVHPSEMINNAENLFRAFLGELKTQMTSAVREPKLPVLAGCLKGLSSLLCNFTKSMEE
DPQTSREIFNFVLKAIRPQIDLKRYAVPSAGLRLFALHASQFSTCLLDNYVSLFEVLLKWCAHTNVELKKAALSALESFL
KQVSNMVAKNAEMHKNKLQYFMEQFYGIIRNVDSNNKELSIAIRGYGLFAGPCKVINAKDVDFMYVELIQRCKQMFLTQT
DTGDDRVYQMPSFLQSVASVLLYLDTVPEVYTPVLEHLVVMQIDSFPQYSPKMQLVCCRAIVKVFLALAAKGPVLRNCIS
TVVHQGLIRICSKPVVLPKGPESESEDHRASGEVRTGKWKVPTYKDYVDLFRHLLSSDQMMDSILADEAFFSVNSSSESL
NHLLYDEFVKSVLKIVEKLDLTLEIQTVGEQENGDEAPGVWMIPTSDPAANLHPAKPKDFSAFINLVEFCREILPEKQAE
FFEPWVYSFSYELILQSTRLPLISGFYKLLSITVRNAKKIKYFEGVSPKSLKHSPEDPEKYSCFALFVKFGKEVAVKMKQ
YKDELLASCLTFLLSLPHNIIELDVRAYVPALQMAFKLGLSYTPLAEVGLNALEEWSIYIDRHVMQPYYKDILPCLDGYL
KTSALSDETKNNWEVSALSRAAQKGFNKVVLKHLKKTKNLSSNEAISLEEIRIRVVQMLGSLGGQINKNLLTVTSSDEMM
KSYVAWDREKRLSFAVPFREMKPVIFLDVFLPRVTELALTASDRQTKVAACELLHSMVMFMLGKATQMPEGGQGAPPMYQ
LYKRTFPVLLRLACDVDQVTRQLYEPLVMQLIHWFTNNKKFESQDTVALLEAILDGIVDPVDSTLRDFCGRCIREFLKWS
IKQITPQQQEKSPVNTKSLFKRLYSLALHPNAFKRLGASLAFNNIYREFREEESLVEQFVFEALVIYMESLALAHADEKS
LGTIQQCCDAIDHLCRIIEKKHVSLNKAKKRRLPRGFPPSASLCLLDLVKWLLAHCGRPQTECRHKSIELFYKFVPLLPG
NRSPNLWLKDVLKEEGVSFLINTFEGGGCGQPSGILAQPTLLYLRGPFSLQATLCWLDLLLAALECYNTFIGERTVGALQ
VLGTEAQSSLLKAVAFFLESIAMHDIIAAEKCFGTGAAGNRTSPQEGERYNYSKCTVVVRIMEFTTTLLNTSPEGWKLLK
KDLCNTHLMRVLVQTLCEPASIGFNIGDVQVMAHLPDVCVNLMKALKMSPYKDILETHLREKITAQSIEELCAVNLYGPD
AQVDRSRLAAVVSACKQLHRAGLLHNILPSQSTDLHHSVGTELLSLVYKGIAPGDERQCLPSLDLSCKQLASGLLELAFA
FGGLCERLVSLLLNPAVLSTASLGSSQGSVIHFSHGEYFYSLFSETINTELLKNLDLAVLELMQSSVDNTKMVSAVLNGM
LDQSFRERANQKHQGLKLATTILQHWKKCDSWWAKDSPLETKMAVLALLAKILQIDSSVSFNTSHGSFPEVFTTYISLLA
DTKLDLHLKGQAVTLLPFFTSLTGGSLEELRRVLEQLIVAHFPMQSREFPPGTPRFNNYVDCMKKFLDALELSQSPMLLE
LMTEVLCREQQHVMEELFQSSFRRIARRGSCVTQVGLLESVYEMFRKDDPRLSFTRQSFVDRSLLTLLWHCSLDALREFF
STIVVDAIDVLKSRFTKLNESTFDTQITKKMGYYKILDVMYSRLPKDDVHAKESKINQVFHGSCITEGNELTKTLIKLCY
DAFTENMAGENQLLERRRLYHCAAYNCAISVICCVFNELKFYQGFLFSEKPEKNLLIFENLIDLKRRYNFPVEVEVPMER
KKKYIEIRKEAREAANGDSDGPSYMSSLSYLADSTLSEEMSQFDFSTGVQSYSYSSQDPRPATGRFRRREQRDPTVHDDV
LELEMDELNRHECMAPLTALVKHMHRSLGPPQGEEDSVPRDLPSWMKFLHGKLGNPIVPLNIRLFLAKLVINTEEVFRPY
AKHWLSPLLQLAASENNGGEGIHYMVVEIVATILSWTGLATPTGVPKDEVLANRLLNFLMKHVFHPKRAVFRHNLEIIKT
LVECWKDCLSIPYRLIFEKFSGKDPNSKDNSVGIQLLGIVMANDLPPYDPQCGIQSSEYFQALVNNMSFVRYKEVYAAAA
EVLGLILRYVMERKNILEESLCELVAKQLKQHQNTMEDKFIVCLNKVTKSFPPLADRFMNAVFFLLPKFHGVLKTLCLEV
VLCRVEGMTELYFQLKSKDFVQVMRHRDDERQKVCLDIIYKMMPKLKPVELRELLNPVVEFVSHPSTTCREQMYNILMWI
HDNYRDPESETDNDSQEIFKLAKDVLIQGLIDENPGLQLIIRNFWSHETRLPSNTLDRLLALNSLYSPKIEVHFLSLATN
FLLEMTSMSPDYPNPMFEHPLSECEFQEYTIDSDWRFRSTVLTPMFVETQASQGTLQTRTQEGSLSARWPVAGQIRATQQ
QHDFTLTQTADGRSSFDWLTGSSTDPLVDHTSPSSDSLLFAHKRSERLQRAPLKSVGPDFGKKRLGLPGDEVDNKVKGAA
GRTDLLRLRRRFMRDQEKLSLMYARKGVAEQKREKEIKSELKMKQDAQVVLYRSYRHGDLPDIQIKHSSLITPLQAVAQR
DPIIAKQLFSSLFSGILKEMDKFKTLSEKNNITQKLLQDFNRFLNTTFSFFPPFVSCIQDISCQHAALLSLDPAAVSAGC
LASLQQPVGIRLLEEALLRLLPAELPAKRVRGKARLPPDVLRWVELAKLYRSIGEYDVLRGIFTSEIGTKQITQSALLAE
ARSDYSEAAKQYDEALNKQDWVDGEPTEAEKDFWELASLDCYNHLAEWKSLEYCSTASIDSENPPDLNKIWSEPFYQETY
LPYMIRSKLKLLLQGEADQSLLTFIDKAMHGELQKAILELHYSQELSLLYLLQDDVDRAKYYIQNGIQSFMQNYSSIDVL
LHQSRLTKLQSVQALTEIQEFISFISKQGNLSSQVPLKRLLNTWTNRYPDAKMDPMNIWDDIITNRCFFLSKIEEKLTPL
PEDNSMNVDQDGDPSDRMEVQEQEEDISSLIRSCKFSMKMKMIDSARKQNNFSLAMKLLKELHKESKTRDDWLVSWVQSY
CRLSHCRSRSQGCSEQVLTVLKTVSLLDENNVSSYLSKNILAFRDQNILLGTTYRIIANALSSEPACLAEIEEDKARRIL
ELSGSSSEDSEKVIAGLYQRAFQHLSEAVQAAEEEAQPPSWSCGPAAGVIDAYMTLADFCDQQLRKEEENASVIDSAELQ
AYPALVVEKMLKALKLNSNEARLKFPRLLQIIERYPEETLSLMTKEISSVPCWQFISWISHMVALLDKDQAVAVQHSVEE
ITDNYPQAIVYPFIISSESYSFKDTSTGHKNKEFVARIKSKLDQGGVIQDFINALDQLSNPELLFKDWSNDVRAELAKTP
VNKKNIEKMYERMYAALGDPKAPGLGAFRRKFIQTFGKEFDKHFGKGGSKLLRMKLSDFNDITNMLLLKMNKDSKPPGNL
KECSPWMSDFKVEFLRNELEIPGQYDGRGKPLPEYHVRIAGFDERVTVMASLRRPKRIIIRGHDEREHPFLVKGGEDLRQ
DQRVEQLFQVMNGILAQDSACSQRALQLRTYSVVPMTSRLGLIEWLENTVTLKDLLLNTMSQEEKAAYLSDPRAPPCEYK
DWLTKMSGKHDVGAYMLMYKGANRTETVTSFRKRESKVPADLLKRAFVRMSTSPEAFLALRSHFASSHALICISHWILGI
GDRHLNNFMVAMETGGVIGIDFGHAFGSATQFLPVPELMPFRLTRQFINLMLPMKETGLMYSIMVHALRAFRSDPGLLTN
TMDVFVKEPSFDWKNFEQKMLKKGGSWIQEINVAEKNWYPRQKICYAKRKLAGANPAVITCDELLLGHEKAPAFRDYVAV
ARGSKDHNIRAQEPESGLSEETQVKCLMDQATDPNILGRTWEGWEPWM
;
_entity_poly.pdbx_strand_id   A
#
# COMPACT_ATOMS: atom_id res chain seq x y z
N ASP A 2801 -4.41 -30.28 -33.19
CA ASP A 2801 -4.55 -29.27 -32.14
C ASP A 2801 -5.90 -29.36 -31.44
N PRO A 2802 -5.91 -29.72 -30.16
CA PRO A 2802 -7.18 -29.83 -29.43
C PRO A 2802 -7.85 -28.50 -29.10
N ILE A 2803 -7.11 -27.39 -29.09
CA ILE A 2803 -7.68 -26.12 -28.64
C ILE A 2803 -8.63 -25.56 -29.68
N ILE A 2804 -8.28 -25.66 -30.97
CA ILE A 2804 -9.18 -25.16 -32.00
C ILE A 2804 -10.37 -26.10 -32.18
N ALA A 2805 -10.22 -27.39 -31.84
CA ALA A 2805 -11.37 -28.28 -31.84
C ALA A 2805 -12.32 -27.94 -30.70
N LYS A 2806 -11.77 -27.59 -29.54
CA LYS A 2806 -12.57 -27.12 -28.41
C LYS A 2806 -13.33 -25.85 -28.77
N GLN A 2807 -12.65 -24.91 -29.43
CA GLN A 2807 -13.30 -23.65 -29.79
C GLN A 2807 -14.35 -23.86 -30.87
N LEU A 2808 -14.10 -24.78 -31.81
CA LEU A 2808 -15.06 -25.06 -32.87
C LEU A 2808 -16.31 -25.75 -32.35
N PHE A 2809 -16.15 -26.72 -31.44
CA PHE A 2809 -17.31 -27.38 -30.86
C PHE A 2809 -18.09 -26.45 -29.96
N SER A 2810 -17.38 -25.65 -29.15
CA SER A 2810 -18.03 -24.69 -28.25
C SER A 2810 -18.72 -23.56 -29.00
N SER A 2811 -18.30 -23.27 -30.24
CA SER A 2811 -19.04 -22.30 -31.03
C SER A 2811 -20.19 -22.95 -31.80
N LEU A 2812 -20.00 -24.17 -32.30
CA LEU A 2812 -21.03 -24.84 -33.10
C LEU A 2812 -22.24 -25.21 -32.26
N PHE A 2813 -22.02 -25.74 -31.04
CA PHE A 2813 -23.13 -26.16 -30.20
C PHE A 2813 -23.97 -24.97 -29.75
N SER A 2814 -23.31 -23.87 -29.39
CA SER A 2814 -24.02 -22.66 -29.02
C SER A 2814 -24.73 -22.03 -30.21
N GLY A 2815 -24.16 -22.15 -31.42
CA GLY A 2815 -24.85 -21.65 -32.60
C GLY A 2815 -26.10 -22.47 -32.94
N ILE A 2816 -26.03 -23.78 -32.77
CA ILE A 2816 -27.19 -24.64 -33.01
C ILE A 2816 -28.29 -24.37 -31.98
N LEU A 2817 -27.90 -24.27 -30.70
CA LEU A 2817 -28.87 -23.99 -29.64
C LEU A 2817 -29.46 -22.58 -29.76
N LYS A 2818 -28.73 -21.65 -30.35
CA LYS A 2818 -29.31 -20.34 -30.64
C LYS A 2818 -30.26 -20.41 -31.81
N GLU A 2819 -29.91 -21.17 -32.86
CA GLU A 2819 -30.68 -21.17 -34.08
C GLU A 2819 -31.96 -22.02 -33.99
N MET A 2820 -32.06 -22.92 -33.00
CA MET A 2820 -33.26 -23.74 -32.94
C MET A 2820 -34.50 -22.99 -32.44
N ASP A 2821 -34.38 -21.73 -32.03
CA ASP A 2821 -35.43 -21.07 -31.27
C ASP A 2821 -36.62 -20.61 -32.10
N LYS A 2822 -36.63 -20.81 -33.41
CA LYS A 2822 -37.80 -20.44 -34.20
C LYS A 2822 -38.92 -21.46 -34.00
N PHE A 2823 -38.66 -22.71 -34.36
CA PHE A 2823 -39.57 -23.81 -34.06
C PHE A 2823 -39.16 -24.44 -32.73
N LYS A 2824 -39.71 -25.62 -32.43
CA LYS A 2824 -39.44 -26.40 -31.20
C LYS A 2824 -39.75 -25.58 -29.95
N THR A 2825 -41.04 -25.32 -29.76
CA THR A 2825 -41.52 -24.42 -28.71
C THR A 2825 -41.38 -25.06 -27.33
N LEU A 2826 -41.91 -24.37 -26.32
CA LEU A 2826 -41.60 -24.58 -24.91
C LEU A 2826 -42.02 -25.94 -24.37
N SER A 2827 -42.84 -26.70 -25.10
CA SER A 2827 -43.16 -28.05 -24.67
C SER A 2827 -41.98 -28.99 -24.87
N GLU A 2828 -41.40 -29.02 -26.08
CA GLU A 2828 -40.28 -29.89 -26.39
C GLU A 2828 -38.93 -29.28 -26.02
N LYS A 2829 -38.86 -27.95 -25.93
CA LYS A 2829 -37.60 -27.27 -25.60
C LYS A 2829 -37.13 -27.63 -24.20
N ASN A 2830 -38.07 -27.74 -23.26
CA ASN A 2830 -37.72 -28.12 -21.89
C ASN A 2830 -37.21 -29.55 -21.82
N ASN A 2831 -37.83 -30.47 -22.58
CA ASN A 2831 -37.37 -31.85 -22.59
C ASN A 2831 -35.99 -31.98 -23.23
N ILE A 2832 -35.74 -31.22 -24.30
CA ILE A 2832 -34.43 -31.22 -24.94
C ILE A 2832 -33.36 -30.67 -24.01
N THR A 2833 -33.67 -29.59 -23.29
CA THR A 2833 -32.68 -29.00 -22.38
C THR A 2833 -32.45 -29.87 -21.14
N GLN A 2834 -33.48 -30.53 -20.61
CA GLN A 2834 -33.23 -31.44 -19.50
C GLN A 2834 -32.48 -32.68 -19.93
N LYS A 2835 -32.67 -33.14 -21.18
CA LYS A 2835 -31.87 -34.26 -21.65
C LYS A 2835 -30.42 -33.85 -21.87
N LEU A 2836 -30.19 -32.61 -22.34
CA LEU A 2836 -28.82 -32.11 -22.47
C LEU A 2836 -28.16 -31.96 -21.10
N LEU A 2837 -28.92 -31.49 -20.11
CA LEU A 2837 -28.41 -31.36 -18.75
C LEU A 2837 -28.08 -32.72 -18.15
N GLN A 2838 -28.93 -33.73 -18.41
CA GLN A 2838 -28.69 -35.07 -17.90
C GLN A 2838 -27.49 -35.73 -18.58
N ASP A 2839 -27.32 -35.49 -19.88
CA ASP A 2839 -26.17 -36.04 -20.59
C ASP A 2839 -24.88 -35.37 -20.16
N PHE A 2840 -24.92 -34.07 -19.84
CA PHE A 2840 -23.73 -33.39 -19.34
C PHE A 2840 -23.35 -33.87 -17.95
N ASN A 2841 -24.36 -34.11 -17.10
CA ASN A 2841 -24.12 -34.77 -15.81
C ASN A 2841 -23.51 -36.15 -15.99
N ARG A 2842 -23.96 -36.89 -17.02
CA ARG A 2842 -23.43 -38.23 -17.25
C ARG A 2842 -22.00 -38.19 -17.76
N PHE A 2843 -21.66 -37.21 -18.61
CA PHE A 2843 -20.28 -37.01 -19.04
C PHE A 2843 -19.37 -36.75 -17.85
N LEU A 2844 -19.76 -35.78 -17.02
CA LEU A 2844 -18.96 -35.40 -15.86
C LEU A 2844 -18.89 -36.49 -14.80
N ASN A 2845 -19.86 -37.40 -14.75
CA ASN A 2845 -19.85 -38.45 -13.75
C ASN A 2845 -19.15 -39.71 -14.21
N THR A 2846 -19.28 -40.08 -15.49
CA THR A 2846 -18.65 -41.30 -15.98
C THR A 2846 -17.31 -41.06 -16.65
N THR A 2847 -16.81 -39.81 -16.70
CA THR A 2847 -15.45 -39.61 -17.16
C THR A 2847 -14.44 -40.17 -16.14
N PHE A 2848 -13.30 -40.62 -16.66
CA PHE A 2848 -12.27 -41.24 -15.83
C PHE A 2848 -10.92 -40.64 -16.16
N SER A 2849 -10.79 -40.13 -17.39
CA SER A 2849 -9.61 -39.39 -17.82
C SER A 2849 -10.06 -37.95 -18.02
N PHE A 2850 -9.72 -37.08 -17.08
CA PHE A 2850 -10.16 -35.69 -17.12
C PHE A 2850 -9.33 -34.95 -18.16
N PHE A 2851 -9.83 -34.94 -19.39
CA PHE A 2851 -9.18 -34.19 -20.45
C PHE A 2851 -9.58 -32.73 -20.33
N PRO A 2852 -8.62 -31.81 -20.15
CA PRO A 2852 -8.97 -30.44 -19.79
C PRO A 2852 -9.66 -29.65 -20.90
N PRO A 2853 -9.30 -29.80 -22.23
CA PRO A 2853 -10.18 -29.14 -23.22
C PRO A 2853 -11.45 -29.90 -23.57
N PHE A 2854 -11.84 -30.88 -22.74
CA PHE A 2854 -13.17 -31.46 -22.77
C PHE A 2854 -13.99 -31.04 -21.56
N VAL A 2855 -13.36 -31.11 -20.38
CA VAL A 2855 -13.97 -30.66 -19.13
C VAL A 2855 -14.29 -29.18 -19.21
N SER A 2856 -13.29 -28.38 -19.63
CA SER A 2856 -13.50 -26.95 -19.78
C SER A 2856 -14.45 -26.63 -20.91
N CYS A 2857 -14.54 -27.50 -21.91
CA CYS A 2857 -15.47 -27.27 -23.01
C CYS A 2857 -16.92 -27.40 -22.54
N ILE A 2858 -17.23 -28.47 -21.81
CA ILE A 2858 -18.61 -28.64 -21.36
C ILE A 2858 -18.96 -27.65 -20.25
N GLN A 2859 -17.99 -27.29 -19.40
CA GLN A 2859 -18.25 -26.28 -18.39
C GLN A 2859 -18.28 -24.86 -18.94
N ASP A 2860 -17.78 -24.66 -20.16
CA ASP A 2860 -17.93 -23.37 -20.82
C ASP A 2860 -19.25 -23.28 -21.57
N ILE A 2861 -19.72 -24.36 -22.19
CA ILE A 2861 -20.99 -24.23 -22.90
C ILE A 2861 -22.19 -24.35 -21.97
N SER A 2862 -22.02 -24.91 -20.77
CA SER A 2862 -23.13 -24.90 -19.82
C SER A 2862 -23.35 -23.51 -19.21
N CYS A 2863 -22.28 -22.73 -19.07
CA CYS A 2863 -22.34 -21.45 -18.37
C CYS A 2863 -23.01 -20.35 -19.19
N GLN A 2864 -23.24 -20.54 -20.48
CA GLN A 2864 -23.74 -19.47 -21.33
C GLN A 2864 -25.23 -19.59 -21.62
N HIS A 2865 -25.92 -20.59 -21.07
CA HIS A 2865 -27.34 -20.78 -21.30
C HIS A 2865 -28.04 -20.97 -19.96
N ALA A 2866 -29.18 -20.30 -19.80
CA ALA A 2866 -29.91 -20.31 -18.53
C ALA A 2866 -30.89 -21.49 -18.43
N ALA A 2867 -30.42 -22.67 -18.80
CA ALA A 2867 -31.10 -23.92 -18.51
C ALA A 2867 -30.18 -24.99 -17.96
N LEU A 2868 -28.87 -24.89 -18.19
CA LEU A 2868 -27.90 -25.84 -17.68
C LEU A 2868 -27.10 -25.28 -16.52
N LEU A 2869 -27.53 -24.15 -15.96
CA LEU A 2869 -26.81 -23.54 -14.85
C LEU A 2869 -26.93 -24.35 -13.59
N SER A 2870 -28.03 -25.08 -13.42
CA SER A 2870 -28.20 -25.99 -12.29
C SER A 2870 -27.65 -27.37 -12.65
N LEU A 2871 -26.35 -27.41 -12.90
CA LEU A 2871 -25.79 -28.62 -13.51
C LEU A 2871 -25.52 -29.69 -12.46
N ASP A 2872 -24.46 -29.51 -11.67
CA ASP A 2872 -24.06 -30.45 -10.63
C ASP A 2872 -23.02 -29.81 -9.74
N PRO A 2873 -23.40 -29.17 -8.62
CA PRO A 2873 -22.37 -28.62 -7.72
C PRO A 2873 -21.39 -29.64 -7.17
N ALA A 2874 -21.78 -30.91 -7.05
CA ALA A 2874 -20.84 -31.90 -6.55
C ALA A 2874 -19.87 -32.38 -7.63
N ALA A 2875 -20.29 -32.37 -8.89
CA ALA A 2875 -19.45 -32.88 -9.96
C ALA A 2875 -18.61 -31.82 -10.63
N VAL A 2876 -19.11 -30.58 -10.72
CA VAL A 2876 -18.36 -29.46 -11.30
C VAL A 2876 -17.09 -29.20 -10.50
N SER A 2877 -17.22 -29.17 -9.17
CA SER A 2877 -16.07 -28.91 -8.30
C SER A 2877 -15.04 -30.03 -8.40
N ALA A 2878 -15.49 -31.28 -8.47
CA ALA A 2878 -14.56 -32.41 -8.54
C ALA A 2878 -13.87 -32.46 -9.90
N GLY A 2879 -14.60 -32.16 -10.98
CA GLY A 2879 -13.98 -32.13 -12.29
C GLY A 2879 -12.97 -31.01 -12.44
N CYS A 2880 -13.27 -29.83 -11.89
CA CYS A 2880 -12.31 -28.74 -11.97
C CYS A 2880 -11.12 -28.94 -11.05
N LEU A 2881 -11.30 -29.55 -9.89
CA LEU A 2881 -10.17 -29.80 -9.00
C LEU A 2881 -9.26 -30.89 -9.57
N ALA A 2882 -9.84 -31.92 -10.18
CA ALA A 2882 -9.01 -33.01 -10.71
C ALA A 2882 -8.41 -32.68 -12.06
N SER A 2883 -9.04 -31.79 -12.83
CA SER A 2883 -8.55 -31.42 -14.14
C SER A 2883 -7.66 -30.19 -14.13
N LEU A 2884 -7.47 -29.56 -12.96
CA LEU A 2884 -6.71 -28.32 -12.76
C LEU A 2884 -7.21 -27.19 -13.66
N GLN A 2885 -8.52 -26.98 -13.65
CA GLN A 2885 -9.18 -25.94 -14.42
C GLN A 2885 -10.18 -25.20 -13.55
N GLN A 2886 -9.71 -24.73 -12.39
CA GLN A 2886 -10.59 -24.06 -11.43
C GLN A 2886 -11.25 -22.75 -11.88
N PRO A 2887 -10.59 -21.81 -12.64
CA PRO A 2887 -11.29 -20.56 -12.94
C PRO A 2887 -12.42 -20.61 -13.96
N VAL A 2888 -12.82 -21.78 -14.44
CA VAL A 2888 -14.06 -21.90 -15.18
C VAL A 2888 -15.19 -22.47 -14.31
N GLY A 2889 -14.89 -23.34 -13.36
CA GLY A 2889 -15.89 -23.75 -12.39
C GLY A 2889 -16.23 -22.65 -11.41
N ILE A 2890 -15.26 -21.78 -11.10
CA ILE A 2890 -15.54 -20.61 -10.26
C ILE A 2890 -16.53 -19.69 -10.95
N ARG A 2891 -16.34 -19.43 -12.24
CA ARG A 2891 -17.26 -18.59 -13.00
C ARG A 2891 -18.63 -19.25 -13.13
N LEU A 2892 -18.66 -20.58 -13.28
CA LEU A 2892 -19.92 -21.31 -13.39
C LEU A 2892 -20.72 -21.26 -12.09
N LEU A 2893 -20.07 -21.54 -10.96
CA LEU A 2893 -20.76 -21.50 -9.67
C LEU A 2893 -21.16 -20.09 -9.29
N GLU A 2894 -20.42 -19.07 -9.73
CA GLU A 2894 -20.83 -17.70 -9.44
C GLU A 2894 -22.01 -17.28 -10.29
N GLU A 2895 -22.05 -17.73 -11.56
CA GLU A 2895 -23.22 -17.42 -12.38
C GLU A 2895 -24.45 -18.18 -11.94
N ALA A 2896 -24.27 -19.33 -11.28
CA ALA A 2896 -25.39 -20.01 -10.65
C ALA A 2896 -25.83 -19.31 -9.38
N LEU A 2897 -24.87 -18.84 -8.57
CA LEU A 2897 -25.16 -18.15 -7.31
C LEU A 2897 -25.68 -16.73 -7.51
N LEU A 2898 -25.62 -16.18 -8.72
CA LEU A 2898 -26.36 -14.97 -9.05
C LEU A 2898 -27.81 -15.32 -9.36
N ARG A 2899 -28.53 -14.40 -10.01
CA ARG A 2899 -29.91 -14.55 -10.52
C ARG A 2899 -30.92 -15.02 -9.48
N PRO A 2917 -31.25 -26.63 0.80
CA PRO A 2917 -31.20 -25.50 -0.13
C PRO A 2917 -30.19 -25.71 -1.24
N PRO A 2918 -30.47 -25.20 -2.44
CA PRO A 2918 -29.48 -25.28 -3.52
C PRO A 2918 -28.39 -24.23 -3.38
N ASP A 2919 -28.69 -23.11 -2.72
CA ASP A 2919 -27.77 -22.00 -2.57
C ASP A 2919 -27.08 -22.01 -1.21
N VAL A 2920 -26.73 -23.18 -0.68
CA VAL A 2920 -25.82 -23.31 0.44
C VAL A 2920 -24.65 -24.21 0.09
N LEU A 2921 -24.94 -25.39 -0.47
CA LEU A 2921 -23.86 -26.25 -0.95
C LEU A 2921 -23.15 -25.65 -2.16
N ARG A 2922 -23.80 -24.73 -2.89
CA ARG A 2922 -23.10 -23.99 -3.93
C ARG A 2922 -22.05 -23.07 -3.33
N TRP A 2923 -22.34 -22.42 -2.20
CA TRP A 2923 -21.31 -21.64 -1.51
C TRP A 2923 -20.22 -22.54 -0.95
N VAL A 2924 -20.58 -23.75 -0.51
CA VAL A 2924 -19.57 -24.69 -0.03
C VAL A 2924 -18.62 -25.10 -1.15
N GLU A 2925 -19.16 -25.37 -2.34
CA GLU A 2925 -18.29 -25.77 -3.45
C GLU A 2925 -17.51 -24.59 -4.02
N LEU A 2926 -18.06 -23.37 -3.97
CA LEU A 2926 -17.30 -22.20 -4.40
C LEU A 2926 -16.18 -21.86 -3.43
N ALA A 2927 -16.40 -22.07 -2.13
CA ALA A 2927 -15.30 -21.94 -1.17
C ALA A 2927 -14.25 -23.02 -1.38
N LYS A 2928 -14.68 -24.23 -1.76
CA LYS A 2928 -13.73 -25.28 -2.07
C LYS A 2928 -12.90 -24.95 -3.30
N LEU A 2929 -13.49 -24.26 -4.28
CA LEU A 2929 -12.74 -23.88 -5.48
C LEU A 2929 -11.83 -22.67 -5.24
N TYR A 2930 -12.24 -21.72 -4.40
CA TYR A 2930 -11.37 -20.60 -4.04
C TYR A 2930 -10.26 -20.96 -3.08
N ARG A 2931 -10.42 -22.03 -2.29
CA ARG A 2931 -9.36 -22.40 -1.36
C ARG A 2931 -8.14 -22.97 -2.08
N SER A 2932 -8.35 -23.58 -3.24
CA SER A 2932 -7.28 -24.32 -3.91
C SER A 2932 -6.31 -23.43 -4.68
N ILE A 2933 -6.67 -22.20 -5.01
CA ILE A 2933 -5.82 -21.34 -5.82
C ILE A 2933 -5.27 -20.20 -4.96
N GLY A 2934 -5.04 -20.47 -3.69
CA GLY A 2934 -4.68 -19.41 -2.77
C GLY A 2934 -5.93 -18.71 -2.33
N GLU A 2935 -5.97 -17.38 -2.52
CA GLU A 2935 -7.19 -16.56 -2.45
C GLU A 2935 -7.90 -16.65 -1.11
N TYR A 2936 -7.13 -16.58 -0.02
CA TYR A 2936 -7.70 -16.71 1.31
C TYR A 2936 -8.43 -15.45 1.77
N ASP A 2937 -8.38 -14.36 1.03
CA ASP A 2937 -9.13 -13.17 1.41
C ASP A 2937 -10.56 -13.21 0.91
N VAL A 2938 -10.81 -13.80 -0.26
CA VAL A 2938 -12.17 -13.97 -0.76
C VAL A 2938 -12.88 -15.11 -0.04
N LEU A 2939 -12.13 -16.08 0.47
CA LEU A 2939 -12.65 -17.23 1.21
C LEU A 2939 -13.31 -16.84 2.53
N ARG A 2940 -12.67 -15.98 3.33
CA ARG A 2940 -13.26 -15.49 4.57
C ARG A 2940 -14.48 -14.61 4.34
N GLY A 2941 -14.66 -14.06 3.14
CA GLY A 2941 -15.75 -13.16 2.88
C GLY A 2941 -17.09 -13.82 2.63
N ILE A 2942 -17.12 -15.14 2.45
CA ILE A 2942 -18.38 -15.86 2.30
C ILE A 2942 -18.70 -16.70 3.52
N PHE A 2943 -17.74 -16.93 4.41
CA PHE A 2943 -18.00 -17.57 5.68
C PHE A 2943 -18.59 -16.62 6.73
N THR A 2944 -18.88 -15.38 6.35
CA THR A 2944 -19.54 -14.41 7.23
C THR A 2944 -20.87 -13.94 6.65
N SER A 2945 -20.90 -13.59 5.38
CA SER A 2945 -22.12 -13.08 4.78
C SER A 2945 -23.12 -14.18 4.44
N GLU A 2946 -22.65 -15.40 4.15
CA GLU A 2946 -23.52 -16.46 3.71
C GLU A 2946 -23.59 -17.62 4.70
N ILE A 2947 -22.46 -18.21 5.08
CA ILE A 2947 -22.48 -19.30 6.08
C ILE A 2947 -22.24 -18.64 7.43
N GLY A 2948 -23.31 -18.08 7.98
CA GLY A 2948 -23.22 -17.29 9.20
C GLY A 2948 -24.06 -17.79 10.35
N THR A 2949 -25.08 -17.00 10.71
CA THR A 2949 -26.13 -17.24 11.69
C THR A 2949 -25.62 -17.52 13.11
N LYS A 2950 -24.38 -17.15 13.42
CA LYS A 2950 -23.85 -17.25 14.77
C LYS A 2950 -22.99 -16.03 15.05
N GLN A 2951 -22.70 -15.81 16.33
CA GLN A 2951 -21.86 -14.69 16.74
C GLN A 2951 -20.50 -15.15 17.26
N ILE A 2952 -20.16 -16.42 17.07
CA ILE A 2952 -18.84 -16.91 17.43
C ILE A 2952 -18.01 -17.25 16.19
N THR A 2953 -18.65 -17.52 15.04
CA THR A 2953 -17.93 -17.66 13.79
C THR A 2953 -17.29 -16.34 13.38
N GLN A 2954 -17.98 -15.23 13.62
CA GLN A 2954 -17.46 -13.91 13.28
C GLN A 2954 -16.24 -13.55 14.12
N SER A 2955 -16.30 -13.83 15.42
CA SER A 2955 -15.17 -13.55 16.29
C SER A 2955 -13.99 -14.47 15.98
N ALA A 2956 -14.27 -15.73 15.62
CA ALA A 2956 -13.18 -16.66 15.29
C ALA A 2956 -12.51 -16.30 13.97
N LEU A 2957 -13.29 -15.89 12.98
CA LEU A 2957 -12.69 -15.48 11.71
C LEU A 2957 -11.97 -14.14 11.84
N LEU A 2958 -12.45 -13.25 12.72
CA LEU A 2958 -11.73 -12.01 12.98
C LEU A 2958 -10.41 -12.29 13.67
N ALA A 2959 -10.38 -13.25 14.59
CA ALA A 2959 -9.13 -13.60 15.25
C ALA A 2959 -8.20 -14.40 14.34
N GLU A 2960 -8.72 -15.01 13.28
CA GLU A 2960 -7.87 -15.75 12.36
C GLU A 2960 -7.45 -14.95 11.13
N ALA A 2961 -8.07 -13.80 10.87
CA ALA A 2961 -7.66 -12.97 9.73
C ALA A 2961 -6.27 -12.39 9.92
N ARG A 2962 -5.87 -12.15 11.16
CA ARG A 2962 -4.46 -11.95 11.49
C ARG A 2962 -3.90 -13.25 12.08
N SER A 2963 -2.57 -13.32 12.15
CA SER A 2963 -1.89 -14.56 12.53
C SER A 2963 -2.00 -14.78 14.04
N ASP A 2964 -3.20 -15.13 14.47
CA ASP A 2964 -3.56 -15.33 15.87
C ASP A 2964 -4.35 -16.61 16.04
N TYR A 2965 -3.81 -17.72 15.55
CA TYR A 2965 -4.56 -18.98 15.55
C TYR A 2965 -4.50 -19.70 16.89
N SER A 2966 -4.69 -19.01 18.00
CA SER A 2966 -4.78 -19.64 19.30
C SER A 2966 -6.14 -19.36 19.94
N GLU A 2967 -6.53 -18.09 20.02
CA GLU A 2967 -7.90 -17.75 20.36
C GLU A 2967 -8.87 -18.18 19.26
N ALA A 2968 -8.43 -18.11 18.00
CA ALA A 2968 -9.31 -18.42 16.88
C ALA A 2968 -9.60 -19.91 16.78
N ALA A 2969 -8.68 -20.76 17.22
CA ALA A 2969 -8.96 -22.19 17.32
C ALA A 2969 -9.50 -22.56 18.69
N LYS A 2970 -9.31 -21.71 19.70
CA LYS A 2970 -9.92 -21.95 21.00
C LYS A 2970 -11.43 -21.81 20.93
N GLN A 2971 -11.92 -20.76 20.28
CA GLN A 2971 -13.36 -20.54 20.21
C GLN A 2971 -14.03 -21.28 19.06
N TYR A 2972 -13.41 -22.33 18.54
CA TYR A 2972 -14.01 -23.34 17.68
C TYR A 2972 -14.29 -24.65 18.42
N ASP A 2973 -13.34 -25.13 19.21
CA ASP A 2973 -13.63 -26.24 20.11
C ASP A 2973 -14.43 -25.79 21.32
N GLU A 2974 -14.52 -24.49 21.58
CA GLU A 2974 -15.49 -23.99 22.54
C GLU A 2974 -16.88 -23.81 21.95
N ALA A 2975 -17.10 -24.22 20.69
CA ALA A 2975 -18.40 -24.11 20.06
C ALA A 2975 -18.87 -25.39 19.38
N LEU A 2976 -17.98 -26.33 19.08
CA LEU A 2976 -18.43 -27.62 18.55
C LEU A 2976 -19.06 -28.47 19.64
N ASN A 2977 -18.46 -28.49 20.83
CA ASN A 2977 -18.98 -29.31 21.92
C ASN A 2977 -19.86 -28.49 22.85
N LYS A 2978 -20.65 -27.57 22.29
CA LYS A 2978 -21.72 -26.94 23.04
C LYS A 2978 -22.83 -27.96 23.28
N GLN A 2979 -23.69 -27.65 24.25
CA GLN A 2979 -24.78 -28.56 24.59
C GLN A 2979 -26.15 -27.96 24.29
N ASP A 2980 -26.49 -26.82 24.87
CA ASP A 2980 -27.82 -26.26 24.61
C ASP A 2980 -27.79 -25.08 23.65
N TRP A 2981 -27.17 -23.97 24.07
CA TRP A 2981 -27.07 -22.70 23.34
C TRP A 2981 -28.41 -22.26 22.75
N VAL A 2982 -29.34 -21.95 23.64
CA VAL A 2982 -30.72 -21.75 23.23
C VAL A 2982 -30.92 -20.34 22.64
N ASP A 2983 -30.68 -20.24 21.34
CA ASP A 2983 -31.16 -19.15 20.51
C ASP A 2983 -31.54 -19.62 19.11
N GLY A 2984 -31.48 -20.92 18.86
CA GLY A 2984 -31.57 -21.50 17.54
C GLY A 2984 -30.60 -22.66 17.42
N GLU A 2985 -30.61 -23.36 16.29
CA GLU A 2985 -29.71 -24.49 16.09
C GLU A 2985 -28.81 -24.22 14.90
N PRO A 2986 -27.50 -24.49 15.00
CA PRO A 2986 -26.61 -24.27 13.86
C PRO A 2986 -26.83 -25.32 12.78
N THR A 2987 -26.69 -24.89 11.53
CA THR A 2987 -27.00 -25.76 10.41
C THR A 2987 -25.89 -26.81 10.21
N GLU A 2988 -26.15 -27.74 9.29
CA GLU A 2988 -25.19 -28.79 8.99
C GLU A 2988 -24.12 -28.34 8.00
N ALA A 2989 -24.17 -27.09 7.54
CA ALA A 2989 -23.12 -26.55 6.68
C ALA A 2989 -22.03 -25.84 7.47
N GLU A 2990 -22.39 -25.20 8.58
CA GLU A 2990 -21.41 -24.53 9.44
C GLU A 2990 -21.01 -25.39 10.63
N LYS A 2991 -21.44 -26.64 10.68
CA LYS A 2991 -21.02 -27.53 11.75
C LYS A 2991 -19.78 -28.33 11.39
N ASP A 2992 -19.61 -28.69 10.13
CA ASP A 2992 -18.37 -29.29 9.66
C ASP A 2992 -17.36 -28.26 9.19
N PHE A 2993 -17.81 -27.05 8.87
CA PHE A 2993 -16.90 -25.94 8.58
C PHE A 2993 -16.08 -25.56 9.80
N TRP A 2994 -16.66 -25.67 11.00
CA TRP A 2994 -15.90 -25.45 12.22
C TRP A 2994 -14.82 -26.50 12.40
N GLU A 2995 -15.10 -27.75 11.99
CA GLU A 2995 -14.11 -28.80 12.08
C GLU A 2995 -12.98 -28.60 11.06
N LEU A 2996 -13.34 -28.21 9.83
CA LEU A 2996 -12.34 -27.97 8.80
C LEU A 2996 -11.45 -26.77 9.14
N ALA A 2997 -12.06 -25.69 9.67
CA ALA A 2997 -11.29 -24.53 10.08
C ALA A 2997 -10.47 -24.81 11.33
N SER A 2998 -10.94 -25.69 12.21
CA SER A 2998 -10.11 -26.16 13.32
C SER A 2998 -8.90 -26.93 12.82
N LEU A 2999 -9.08 -27.74 11.77
CA LEU A 2999 -7.96 -28.45 11.17
C LEU A 2999 -6.94 -27.49 10.56
N ASP A 3000 -7.42 -26.44 9.90
CA ASP A 3000 -6.54 -25.40 9.37
C ASP A 3000 -5.75 -24.70 10.46
N CYS A 3001 -6.43 -24.22 11.50
CA CYS A 3001 -5.75 -23.45 12.54
C CYS A 3001 -4.87 -24.33 13.41
N TYR A 3002 -5.17 -25.62 13.53
CA TYR A 3002 -4.26 -26.53 14.21
C TYR A 3002 -3.08 -26.90 13.33
N ASN A 3003 -3.23 -26.79 12.00
CA ASN A 3003 -2.12 -27.02 11.09
C ASN A 3003 -1.18 -25.82 11.02
N HIS A 3004 -1.71 -24.60 11.20
CA HIS A 3004 -0.87 -23.40 11.11
C HIS A 3004 0.12 -23.30 12.25
N LEU A 3005 -0.17 -23.88 13.39
CA LEU A 3005 0.84 -24.10 14.42
C LEU A 3005 1.43 -25.49 14.25
N ALA A 3006 2.40 -25.80 15.08
CA ALA A 3006 2.95 -27.15 15.13
C ALA A 3006 2.26 -27.95 16.24
N GLU A 3007 0.94 -28.05 16.10
CA GLU A 3007 0.11 -28.84 17.01
C GLU A 3007 -0.10 -30.21 16.37
N TRP A 3008 0.89 -31.08 16.51
CA TRP A 3008 0.84 -32.36 15.82
C TRP A 3008 0.19 -33.46 16.64
N LYS A 3009 0.13 -33.31 17.96
CA LYS A 3009 -0.58 -34.29 18.78
C LYS A 3009 -2.08 -34.05 18.77
N SER A 3010 -2.52 -32.84 18.42
CA SER A 3010 -3.93 -32.46 18.48
C SER A 3010 -4.56 -32.32 17.12
N LEU A 3011 -3.85 -32.64 16.04
CA LEU A 3011 -4.41 -32.58 14.70
C LEU A 3011 -4.88 -33.95 14.20
N GLU A 3012 -4.15 -35.02 14.55
CA GLU A 3012 -4.58 -36.35 14.15
C GLU A 3012 -5.85 -36.76 14.86
N TYR A 3013 -6.00 -36.38 16.13
CA TYR A 3013 -7.21 -36.70 16.88
C TYR A 3013 -8.42 -35.97 16.33
N CYS A 3014 -8.25 -34.69 15.99
CA CYS A 3014 -9.35 -33.92 15.45
C CYS A 3014 -9.68 -34.33 14.01
N SER A 3015 -8.73 -34.89 13.28
CA SER A 3015 -9.01 -35.35 11.92
C SER A 3015 -9.55 -36.77 11.87
N THR A 3016 -9.25 -37.60 12.86
CA THR A 3016 -9.79 -38.97 12.91
C THR A 3016 -11.01 -39.11 13.80
N ALA A 3017 -11.43 -38.06 14.51
CA ALA A 3017 -12.56 -38.15 15.41
C ALA A 3017 -13.91 -37.93 14.74
N SER A 3018 -14.01 -38.18 13.43
CA SER A 3018 -15.26 -38.02 12.72
C SER A 3018 -15.66 -39.24 11.90
N ILE A 3019 -14.75 -40.19 11.68
CA ILE A 3019 -15.08 -41.38 10.89
C ILE A 3019 -15.74 -42.45 11.74
N ASP A 3020 -15.26 -42.63 12.96
CA ASP A 3020 -15.76 -43.63 13.90
C ASP A 3020 -15.36 -43.21 15.31
N SER A 3021 -15.48 -44.13 16.27
CA SER A 3021 -15.27 -43.82 17.67
C SER A 3021 -14.50 -44.95 18.34
N GLU A 3022 -13.94 -44.64 19.52
CA GLU A 3022 -13.24 -45.58 20.39
C GLU A 3022 -12.05 -46.24 19.70
N ASN A 3023 -11.02 -45.39 19.45
CA ASN A 3023 -9.79 -45.71 18.70
C ASN A 3023 -10.16 -46.23 17.31
N PRO A 3024 -10.54 -45.33 16.40
CA PRO A 3024 -11.33 -45.71 15.22
C PRO A 3024 -10.55 -46.54 14.22
N PRO A 3025 -11.25 -47.29 13.36
CA PRO A 3025 -10.55 -48.06 12.31
C PRO A 3025 -10.06 -47.19 11.16
N ASP A 3026 -8.86 -46.64 11.29
CA ASP A 3026 -8.26 -45.87 10.21
C ASP A 3026 -7.53 -46.80 9.23
N LEU A 3027 -8.20 -47.85 8.77
CA LEU A 3027 -7.65 -48.79 7.80
C LEU A 3027 -8.51 -48.94 6.57
N ASN A 3028 -9.83 -48.98 6.72
CA ASN A 3028 -10.71 -49.03 5.56
C ASN A 3028 -11.96 -48.17 5.68
N LYS A 3029 -12.25 -47.59 6.86
CA LYS A 3029 -13.43 -46.75 6.98
C LYS A 3029 -13.28 -45.46 6.19
N ILE A 3030 -12.05 -44.98 6.02
CA ILE A 3030 -11.81 -43.80 5.21
C ILE A 3030 -11.90 -44.11 3.72
N TRP A 3031 -11.81 -45.38 3.33
CA TRP A 3031 -11.81 -45.73 1.93
C TRP A 3031 -13.21 -45.91 1.33
N SER A 3032 -14.24 -46.04 2.16
CA SER A 3032 -15.62 -45.93 1.72
C SER A 3032 -16.17 -44.59 2.15
N GLU A 3033 -17.20 -44.12 1.41
CA GLU A 3033 -17.82 -42.80 1.55
C GLU A 3033 -16.76 -41.73 1.39
N PRO A 3034 -16.34 -41.42 0.14
CA PRO A 3034 -15.09 -40.66 -0.11
C PRO A 3034 -15.00 -39.23 0.41
N PHE A 3035 -15.98 -38.75 1.17
CA PHE A 3035 -15.82 -37.49 1.88
C PHE A 3035 -14.72 -37.58 2.93
N TYR A 3036 -14.49 -38.76 3.51
CA TYR A 3036 -13.37 -38.95 4.41
C TYR A 3036 -12.05 -39.09 3.67
N GLN A 3037 -12.07 -39.14 2.34
CA GLN A 3037 -10.88 -39.37 1.53
C GLN A 3037 -10.26 -38.09 1.02
N GLU A 3038 -11.05 -37.03 0.85
CA GLU A 3038 -10.51 -35.77 0.37
C GLU A 3038 -10.15 -34.80 1.50
N THR A 3039 -10.97 -34.73 2.54
CA THR A 3039 -10.81 -33.73 3.60
C THR A 3039 -10.01 -34.25 4.79
N TYR A 3040 -10.34 -35.42 5.31
CA TYR A 3040 -9.74 -35.88 6.55
C TYR A 3040 -8.48 -36.72 6.35
N LEU A 3041 -8.18 -37.13 5.13
CA LEU A 3041 -6.99 -37.95 4.85
C LEU A 3041 -5.66 -37.17 4.80
N PRO A 3042 -5.53 -36.02 4.08
CA PRO A 3042 -4.21 -35.36 4.06
C PRO A 3042 -3.76 -34.86 5.40
N TYR A 3043 -4.67 -34.34 6.21
CA TYR A 3043 -4.32 -33.87 7.54
C TYR A 3043 -3.90 -35.01 8.45
N MET A 3044 -4.52 -36.19 8.28
CA MET A 3044 -4.15 -37.34 9.10
C MET A 3044 -2.75 -37.84 8.75
N ILE A 3045 -2.46 -37.98 7.46
CA ILE A 3045 -1.14 -38.51 7.09
C ILE A 3045 -0.04 -37.46 7.32
N ARG A 3046 -0.37 -36.17 7.17
CA ARG A 3046 0.59 -35.10 7.42
C ARG A 3046 0.91 -34.99 8.91
N SER A 3047 -0.12 -34.99 9.76
CA SER A 3047 0.10 -34.91 11.20
C SER A 3047 0.73 -36.16 11.77
N LYS A 3048 0.56 -37.32 11.14
CA LYS A 3048 1.24 -38.51 11.64
C LYS A 3048 2.68 -38.61 11.15
N LEU A 3049 2.96 -38.22 9.91
CA LEU A 3049 4.34 -38.25 9.43
C LEU A 3049 5.17 -37.16 10.09
N LYS A 3050 4.59 -35.98 10.31
CA LYS A 3050 5.29 -34.87 10.93
C LYS A 3050 5.58 -35.13 12.40
N LEU A 3051 4.91 -36.10 13.01
CA LEU A 3051 5.21 -36.56 14.35
C LEU A 3051 6.08 -37.81 14.34
N LEU A 3052 6.11 -38.54 13.22
CA LEU A 3052 7.07 -39.63 13.05
C LEU A 3052 8.49 -39.10 12.87
N LEU A 3053 8.64 -37.94 12.22
CA LEU A 3053 9.95 -37.42 11.85
C LEU A 3053 10.78 -36.91 13.01
N GLN A 3054 10.29 -36.95 14.26
CA GLN A 3054 11.11 -36.56 15.40
C GLN A 3054 11.45 -37.70 16.33
N GLY A 3055 10.83 -38.87 16.16
CA GLY A 3055 11.19 -40.01 16.97
C GLY A 3055 10.14 -40.48 17.94
N GLU A 3056 9.43 -41.54 17.56
CA GLU A 3056 8.40 -42.20 18.37
C GLU A 3056 8.25 -43.60 17.80
N ALA A 3057 7.16 -44.29 18.14
CA ALA A 3057 6.82 -45.49 17.40
C ALA A 3057 5.49 -45.36 16.66
N ASP A 3058 4.39 -45.17 17.38
CA ASP A 3058 3.03 -44.80 16.95
C ASP A 3058 2.31 -45.86 16.10
N GLN A 3059 3.08 -46.71 15.40
CA GLN A 3059 2.74 -47.91 14.63
C GLN A 3059 1.35 -47.84 13.98
N SER A 3060 1.06 -46.75 13.28
CA SER A 3060 -0.30 -46.58 12.79
C SER A 3060 -0.30 -46.21 11.32
N LEU A 3061 0.72 -45.47 10.89
CA LEU A 3061 0.80 -45.10 9.49
C LEU A 3061 1.46 -46.17 8.65
N LEU A 3062 2.43 -46.89 9.22
CA LEU A 3062 3.14 -47.93 8.48
C LEU A 3062 2.20 -49.06 8.09
N THR A 3063 1.40 -49.54 9.05
CA THR A 3063 0.46 -50.63 8.80
C THR A 3063 -0.65 -50.21 7.86
N PHE A 3064 -1.10 -48.94 7.95
CA PHE A 3064 -2.16 -48.47 7.06
C PHE A 3064 -1.66 -48.32 5.63
N ILE A 3065 -0.41 -47.86 5.45
CA ILE A 3065 0.16 -47.77 4.12
C ILE A 3065 0.39 -49.16 3.54
N ASP A 3066 0.80 -50.12 4.38
CA ASP A 3066 1.00 -51.49 3.92
C ASP A 3066 -0.31 -52.15 3.51
N LYS A 3067 -1.37 -51.96 4.28
CA LYS A 3067 -2.65 -52.54 3.92
C LYS A 3067 -3.35 -51.77 2.80
N ALA A 3068 -2.95 -50.53 2.54
CA ALA A 3068 -3.54 -49.78 1.44
C ALA A 3068 -2.77 -49.91 0.14
N MET A 3069 -1.54 -50.41 0.19
CA MET A 3069 -0.79 -50.66 -1.04
C MET A 3069 -1.03 -52.07 -1.56
N HIS A 3070 -2.31 -52.43 -1.67
CA HIS A 3070 -2.75 -53.71 -2.21
C HIS A 3070 -4.08 -53.44 -2.91
N GLY A 3071 -4.02 -53.20 -4.20
CA GLY A 3071 -5.20 -52.90 -4.97
C GLY A 3071 -4.88 -51.84 -6.00
N GLU A 3072 -5.92 -51.19 -6.51
CA GLU A 3072 -5.71 -50.07 -7.41
C GLU A 3072 -6.54 -48.89 -6.91
N LEU A 3073 -7.70 -49.18 -6.31
CA LEU A 3073 -8.52 -48.13 -5.71
C LEU A 3073 -7.84 -47.49 -4.51
N GLN A 3074 -7.02 -48.24 -3.78
CA GLN A 3074 -6.29 -47.72 -2.63
C GLN A 3074 -4.82 -47.46 -2.94
N LYS A 3075 -4.38 -47.72 -4.17
CA LYS A 3075 -2.99 -47.54 -4.57
C LYS A 3075 -2.79 -46.40 -5.54
N ALA A 3076 -3.74 -46.18 -6.46
CA ALA A 3076 -3.59 -45.12 -7.45
C ALA A 3076 -3.65 -43.75 -6.80
N ILE A 3077 -4.56 -43.55 -5.85
CA ILE A 3077 -4.67 -42.27 -5.15
C ILE A 3077 -3.44 -42.03 -4.28
N LEU A 3078 -3.03 -43.05 -3.52
CA LEU A 3078 -1.92 -42.94 -2.60
C LEU A 3078 -0.58 -42.76 -3.30
N GLU A 3079 -0.42 -43.26 -4.53
CA GLU A 3079 0.83 -43.04 -5.23
C GLU A 3079 0.77 -41.90 -6.24
N LEU A 3080 -0.42 -41.40 -6.57
CA LEU A 3080 -0.53 -40.23 -7.42
C LEU A 3080 -0.44 -38.94 -6.64
N HIS A 3081 -1.14 -38.85 -5.50
CA HIS A 3081 -1.24 -37.56 -4.85
C HIS A 3081 -0.03 -37.25 -3.98
N TYR A 3082 0.43 -38.22 -3.19
CA TYR A 3082 1.43 -37.83 -2.21
C TYR A 3082 2.86 -38.06 -2.68
N SER A 3083 3.31 -39.33 -2.69
CA SER A 3083 4.60 -39.87 -3.16
C SER A 3083 5.86 -39.30 -2.49
N GLN A 3084 5.78 -38.13 -1.89
CA GLN A 3084 6.89 -37.53 -1.16
C GLN A 3084 6.83 -37.89 0.30
N GLU A 3085 5.62 -37.95 0.84
CA GLU A 3085 5.37 -38.60 2.11
C GLU A 3085 5.75 -40.08 2.06
N LEU A 3086 5.54 -40.71 0.89
CA LEU A 3086 5.95 -42.10 0.72
C LEU A 3086 7.46 -42.24 0.69
N SER A 3087 8.16 -41.31 0.03
CA SER A 3087 9.63 -41.39 0.03
C SER A 3087 10.20 -41.14 1.43
N LEU A 3088 9.61 -40.21 2.18
CA LEU A 3088 10.05 -39.99 3.56
C LEU A 3088 9.72 -41.18 4.46
N LEU A 3089 8.61 -41.86 4.20
CA LEU A 3089 8.25 -43.05 4.98
C LEU A 3089 9.19 -44.21 4.68
N TYR A 3090 9.57 -44.39 3.42
CA TYR A 3090 10.49 -45.48 3.08
C TYR A 3090 11.91 -45.16 3.50
N LEU A 3091 12.27 -43.88 3.59
CA LEU A 3091 13.55 -43.51 4.20
C LEU A 3091 13.50 -43.72 5.71
N LEU A 3092 12.33 -43.60 6.32
CA LEU A 3092 12.17 -43.96 7.73
C LEU A 3092 12.26 -45.47 7.92
N GLN A 3093 11.87 -46.25 6.92
CA GLN A 3093 11.98 -47.70 6.96
C GLN A 3093 13.31 -48.22 6.43
N ASP A 3094 14.30 -47.34 6.24
CA ASP A 3094 15.71 -47.58 5.92
C ASP A 3094 15.98 -48.12 4.52
N ASP A 3095 14.98 -48.42 3.71
CA ASP A 3095 15.25 -48.86 2.35
C ASP A 3095 15.23 -47.65 1.41
N VAL A 3096 16.21 -47.63 0.49
CA VAL A 3096 16.49 -46.42 -0.27
C VAL A 3096 15.94 -46.48 -1.69
N ASP A 3097 15.83 -47.66 -2.30
CA ASP A 3097 15.46 -47.77 -3.70
C ASP A 3097 14.00 -47.40 -3.95
N ARG A 3098 13.10 -47.81 -3.05
CA ARG A 3098 11.71 -47.39 -3.15
C ARG A 3098 11.57 -45.90 -2.91
N ALA A 3099 12.38 -45.34 -2.00
CA ALA A 3099 12.40 -43.90 -1.77
C ALA A 3099 12.91 -43.16 -3.00
N LYS A 3100 13.89 -43.73 -3.70
CA LYS A 3100 14.40 -43.16 -4.95
C LYS A 3100 13.32 -43.15 -6.02
N TYR A 3101 12.61 -44.28 -6.17
CA TYR A 3101 11.53 -44.39 -7.14
C TYR A 3101 10.42 -43.39 -6.85
N TYR A 3102 10.08 -43.21 -5.58
CA TYR A 3102 8.99 -42.31 -5.26
C TYR A 3102 9.42 -40.84 -5.29
N ILE A 3103 10.68 -40.51 -5.02
CA ILE A 3103 11.07 -39.11 -5.17
C ILE A 3103 11.23 -38.73 -6.65
N GLN A 3104 11.62 -39.67 -7.51
CA GLN A 3104 11.65 -39.37 -8.94
C GLN A 3104 10.23 -39.28 -9.51
N ASN A 3105 9.31 -40.12 -9.01
CA ASN A 3105 7.91 -39.96 -9.35
C ASN A 3105 7.33 -38.65 -8.82
N GLY A 3106 7.82 -38.19 -7.66
CA GLY A 3106 7.36 -36.92 -7.12
C GLY A 3106 7.81 -35.73 -7.95
N ILE A 3107 9.06 -35.77 -8.41
CA ILE A 3107 9.57 -34.72 -9.28
C ILE A 3107 8.83 -34.70 -10.62
N GLN A 3108 8.56 -35.88 -11.17
CA GLN A 3108 7.80 -35.96 -12.42
C GLN A 3108 6.36 -35.50 -12.25
N SER A 3109 5.75 -35.77 -11.09
CA SER A 3109 4.39 -35.30 -10.85
C SER A 3109 4.34 -33.80 -10.61
N PHE A 3110 5.38 -33.25 -9.96
CA PHE A 3110 5.49 -31.79 -9.85
C PHE A 3110 5.58 -31.13 -11.21
N MET A 3111 6.38 -31.69 -12.11
CA MET A 3111 6.55 -31.12 -13.44
C MET A 3111 5.25 -31.20 -14.23
N GLN A 3112 4.53 -32.32 -14.10
CA GLN A 3112 3.25 -32.48 -14.78
C GLN A 3112 2.18 -31.54 -14.22
N ASN A 3113 2.22 -31.26 -12.91
CA ASN A 3113 1.25 -30.33 -12.33
C ASN A 3113 1.58 -28.89 -12.69
N TYR A 3114 2.86 -28.51 -12.60
CA TYR A 3114 3.28 -27.14 -12.87
C TYR A 3114 3.13 -26.77 -14.33
N SER A 3115 3.20 -27.75 -15.24
CA SER A 3115 3.00 -27.46 -16.65
C SER A 3115 1.53 -27.28 -17.02
N SER A 3116 0.60 -27.40 -16.07
CA SER A 3116 -0.82 -27.28 -16.35
C SER A 3116 -1.48 -26.06 -15.70
N ILE A 3117 -0.88 -25.50 -14.65
CA ILE A 3117 -1.34 -24.24 -14.11
C ILE A 3117 -1.07 -23.14 -15.11
N ASP A 3118 -2.04 -22.26 -15.33
CA ASP A 3118 -1.85 -21.14 -16.24
C ASP A 3118 -0.86 -20.15 -15.64
N VAL A 3119 -0.20 -19.40 -16.52
CA VAL A 3119 0.94 -18.59 -16.11
C VAL A 3119 0.49 -17.32 -15.40
N LEU A 3120 -0.72 -16.84 -15.66
CA LEU A 3120 -1.20 -15.62 -15.02
C LEU A 3120 -2.05 -15.90 -13.79
N LEU A 3121 -2.16 -17.16 -13.38
CA LEU A 3121 -2.68 -17.50 -12.06
C LEU A 3121 -1.51 -17.51 -11.09
N HIS A 3122 -1.09 -16.30 -10.72
CA HIS A 3122 -0.08 -16.13 -9.69
C HIS A 3122 -0.60 -16.61 -8.35
N GLN A 3123 0.36 -16.94 -7.47
CA GLN A 3123 0.25 -17.52 -6.12
C GLN A 3123 -0.13 -19.00 -6.14
N SER A 3124 -0.69 -19.49 -7.23
CA SER A 3124 -0.80 -20.94 -7.38
C SER A 3124 0.52 -21.51 -7.85
N ARG A 3125 1.16 -20.85 -8.82
CA ARG A 3125 2.52 -21.20 -9.22
C ARG A 3125 3.52 -20.90 -8.12
N LEU A 3126 3.26 -19.89 -7.28
CA LEU A 3126 4.17 -19.59 -6.18
C LEU A 3126 4.10 -20.66 -5.09
N THR A 3127 2.89 -21.05 -4.66
CA THR A 3127 2.81 -22.12 -3.67
C THR A 3127 3.12 -23.48 -4.27
N LYS A 3128 3.11 -23.62 -5.59
CA LYS A 3128 3.60 -24.84 -6.21
C LYS A 3128 5.13 -24.87 -6.24
N LEU A 3129 5.74 -23.73 -6.57
CA LEU A 3129 7.19 -23.61 -6.70
C LEU A 3129 7.90 -23.50 -5.36
N GLN A 3130 7.18 -23.24 -4.28
CA GLN A 3130 7.81 -23.20 -2.97
C GLN A 3130 8.11 -24.57 -2.37
N SER A 3131 7.96 -25.65 -3.14
CA SER A 3131 8.23 -27.01 -2.67
C SER A 3131 9.45 -27.65 -3.32
N VAL A 3132 10.02 -27.01 -4.36
CA VAL A 3132 11.13 -27.59 -5.08
C VAL A 3132 12.39 -27.62 -4.24
N GLN A 3133 12.52 -26.74 -3.25
CA GLN A 3133 13.69 -26.79 -2.38
C GLN A 3133 13.65 -28.03 -1.50
N ALA A 3134 12.48 -28.39 -0.97
CA ALA A 3134 12.36 -29.59 -0.15
C ALA A 3134 12.53 -30.86 -0.99
N LEU A 3135 11.97 -30.86 -2.21
CA LEU A 3135 12.15 -31.98 -3.14
C LEU A 3135 13.63 -32.18 -3.47
N THR A 3136 14.32 -31.10 -3.83
CA THR A 3136 15.72 -31.19 -4.22
C THR A 3136 16.62 -31.49 -3.03
N GLU A 3137 16.23 -31.08 -1.82
CA GLU A 3137 17.02 -31.46 -0.65
C GLU A 3137 16.84 -32.93 -0.30
N ILE A 3138 15.66 -33.52 -0.58
CA ILE A 3138 15.48 -34.95 -0.42
C ILE A 3138 16.36 -35.71 -1.41
N GLN A 3139 16.33 -35.28 -2.69
CA GLN A 3139 17.15 -35.90 -3.74
C GLN A 3139 18.64 -35.74 -3.44
N GLU A 3140 19.04 -34.59 -2.92
CA GLU A 3140 20.43 -34.32 -2.58
C GLU A 3140 20.88 -35.11 -1.36
N PHE A 3141 19.98 -35.37 -0.40
CA PHE A 3141 20.35 -36.23 0.72
C PHE A 3141 20.52 -37.68 0.27
N ILE A 3142 19.66 -38.13 -0.66
CA ILE A 3142 19.79 -39.47 -1.20
C ILE A 3142 21.09 -39.62 -1.98
N SER A 3143 21.46 -38.58 -2.75
CA SER A 3143 22.73 -38.59 -3.47
C SER A 3143 23.93 -38.48 -2.54
N PHE A 3144 23.81 -37.74 -1.44
CA PHE A 3144 24.91 -37.61 -0.49
C PHE A 3144 25.11 -38.90 0.30
N ILE A 3145 24.05 -39.66 0.54
CA ILE A 3145 24.18 -40.85 1.38
C ILE A 3145 24.44 -42.11 0.57
N SER A 3146 24.33 -42.06 -0.75
CA SER A 3146 24.62 -43.22 -1.58
C SER A 3146 26.11 -43.38 -1.86
N LYS A 3147 26.89 -42.30 -1.78
CA LYS A 3147 28.32 -42.38 -2.02
C LYS A 3147 29.04 -42.92 -0.80
N GLN A 3148 30.26 -43.42 -1.02
CA GLN A 3148 31.09 -43.93 0.05
C GLN A 3148 32.24 -43.00 0.41
N GLY A 3149 32.56 -42.03 -0.46
CA GLY A 3149 33.55 -41.03 -0.13
C GLY A 3149 33.07 -39.98 0.85
N ASN A 3150 31.74 -39.82 0.96
CA ASN A 3150 31.17 -38.87 1.90
C ASN A 3150 31.19 -39.39 3.33
N LEU A 3151 31.37 -40.69 3.52
CA LEU A 3151 31.25 -41.28 4.86
C LEU A 3151 32.49 -41.00 5.71
N SER A 3152 33.66 -41.44 5.24
CA SER A 3152 34.86 -41.49 6.06
C SER A 3152 35.74 -40.24 5.92
N SER A 3153 35.14 -39.09 5.62
CA SER A 3153 35.88 -37.84 5.54
C SER A 3153 34.94 -36.69 5.85
N GLN A 3154 35.45 -35.69 6.56
CA GLN A 3154 34.62 -34.64 7.14
C GLN A 3154 34.42 -33.43 6.24
N VAL A 3155 35.22 -33.27 5.20
CA VAL A 3155 35.08 -32.10 4.33
C VAL A 3155 33.84 -32.08 3.42
N PRO A 3156 33.25 -33.20 2.92
CA PRO A 3156 31.96 -33.02 2.24
C PRO A 3156 30.83 -32.76 3.20
N LEU A 3157 30.94 -33.25 4.44
CA LEU A 3157 29.97 -32.90 5.47
C LEU A 3157 30.02 -31.42 5.81
N LYS A 3158 31.23 -30.87 5.94
CA LYS A 3158 31.37 -29.44 6.24
C LYS A 3158 30.95 -28.58 5.06
N ARG A 3159 31.21 -29.03 3.83
CA ARG A 3159 30.73 -28.30 2.66
C ARG A 3159 29.21 -28.35 2.56
N LEU A 3160 28.61 -29.49 2.95
CA LEU A 3160 27.16 -29.61 2.96
C LEU A 3160 26.53 -28.69 4.00
N LEU A 3161 27.17 -28.59 5.17
CA LEU A 3161 26.68 -27.66 6.19
C LEU A 3161 26.83 -26.22 5.76
N ASN A 3162 27.92 -25.89 5.06
CA ASN A 3162 28.13 -24.53 4.61
C ASN A 3162 27.19 -24.14 3.48
N THR A 3163 26.76 -25.09 2.64
CA THR A 3163 25.72 -24.73 1.68
C THR A 3163 24.32 -24.86 2.25
N TRP A 3164 24.15 -25.54 3.39
CA TRP A 3164 22.84 -25.57 4.04
C TRP A 3164 22.56 -24.29 4.80
N THR A 3165 23.54 -23.78 5.56
CA THR A 3165 23.35 -22.53 6.30
C THR A 3165 23.57 -21.29 5.45
N ASN A 3166 23.57 -21.42 4.12
CA ASN A 3166 23.55 -20.28 3.22
C ASN A 3166 22.34 -20.25 2.32
N ARG A 3167 21.61 -21.34 2.17
CA ARG A 3167 20.39 -21.40 1.38
C ARG A 3167 19.23 -21.62 2.34
N TYR A 3168 18.74 -20.53 2.88
CA TYR A 3168 17.53 -20.51 3.66
C TYR A 3168 16.35 -20.17 2.78
N PRO A 3169 15.13 -20.47 3.20
CA PRO A 3169 13.99 -19.74 2.64
C PRO A 3169 14.07 -18.31 3.14
N ASP A 3170 13.48 -17.40 2.41
CA ASP A 3170 13.56 -16.01 2.83
C ASP A 3170 12.59 -15.77 3.97
N ALA A 3171 13.05 -15.01 4.96
CA ALA A 3171 12.15 -14.44 5.94
C ALA A 3171 11.24 -13.42 5.25
N LYS A 3172 10.10 -13.16 5.87
CA LYS A 3172 9.13 -12.13 5.50
C LYS A 3172 8.41 -12.45 4.19
N MET A 3173 8.71 -13.55 3.50
CA MET A 3173 8.09 -13.82 2.21
C MET A 3173 7.61 -15.26 2.05
N ASP A 3174 8.27 -16.23 2.70
CA ASP A 3174 7.74 -17.59 2.64
C ASP A 3174 6.97 -17.90 3.91
N PRO A 3175 5.75 -18.44 3.79
CA PRO A 3175 4.95 -18.80 4.97
C PRO A 3175 5.60 -19.92 5.77
N MET A 3176 5.09 -20.10 6.99
CA MET A 3176 5.81 -20.88 7.98
C MET A 3176 5.68 -22.39 7.80
N ASN A 3177 4.77 -22.86 6.94
CA ASN A 3177 4.76 -24.28 6.65
C ASN A 3177 5.95 -24.67 5.76
N ILE A 3178 6.39 -23.74 4.91
CA ILE A 3178 7.61 -23.96 4.11
C ILE A 3178 8.83 -24.08 5.01
N TRP A 3179 8.96 -23.16 5.97
CA TRP A 3179 10.03 -23.23 6.95
C TRP A 3179 9.95 -24.50 7.78
N ASP A 3180 8.74 -24.91 8.15
CA ASP A 3180 8.55 -26.09 8.97
C ASP A 3180 8.97 -27.34 8.23
N ASP A 3181 8.57 -27.46 6.96
CA ASP A 3181 8.98 -28.56 6.11
C ASP A 3181 10.49 -28.64 5.99
N ILE A 3182 11.13 -27.52 5.65
CA ILE A 3182 12.55 -27.56 5.33
C ILE A 3182 13.39 -27.80 6.58
N ILE A 3183 13.01 -27.20 7.71
CA ILE A 3183 13.82 -27.39 8.92
C ILE A 3183 13.59 -28.78 9.52
N THR A 3184 12.36 -29.30 9.51
CA THR A 3184 12.12 -30.65 10.02
C THR A 3184 12.80 -31.71 9.16
N ASN A 3185 12.80 -31.50 7.83
CA ASN A 3185 13.51 -32.40 6.93
C ASN A 3185 15.02 -32.34 7.17
N ARG A 3186 15.58 -31.14 7.39
CA ARG A 3186 17.01 -31.05 7.58
C ARG A 3186 17.46 -31.62 8.92
N CYS A 3187 16.64 -31.51 9.97
CA CYS A 3187 17.01 -32.14 11.23
C CYS A 3187 16.87 -33.65 11.17
N PHE A 3188 15.88 -34.16 10.41
CA PHE A 3188 15.82 -35.60 10.15
C PHE A 3188 17.06 -36.08 9.38
N PHE A 3189 17.49 -35.31 8.38
CA PHE A 3189 18.65 -35.68 7.58
C PHE A 3189 19.92 -35.66 8.41
N LEU A 3190 20.08 -34.67 9.29
CA LEU A 3190 21.27 -34.61 10.12
C LEU A 3190 21.29 -35.70 11.18
N SER A 3191 20.11 -36.10 11.69
CA SER A 3191 20.08 -37.23 12.62
C SER A 3191 20.43 -38.53 11.92
N LYS A 3192 19.98 -38.70 10.67
CA LYS A 3192 20.33 -39.91 9.91
C LYS A 3192 21.83 -39.94 9.58
N ILE A 3193 22.41 -38.77 9.25
CA ILE A 3193 23.84 -38.70 8.94
C ILE A 3193 24.67 -38.97 10.18
N GLU A 3194 24.25 -38.44 11.34
CA GLU A 3194 24.95 -38.73 12.58
C GLU A 3194 24.75 -40.17 13.04
N GLU A 3195 23.65 -40.81 12.63
CA GLU A 3195 23.52 -42.25 12.84
C GLU A 3195 24.53 -43.02 12.01
N LYS A 3196 24.65 -42.68 10.73
CA LYS A 3196 25.52 -43.44 9.84
C LYS A 3196 27.01 -43.11 10.02
N LEU A 3197 27.34 -42.03 10.73
CA LEU A 3197 28.73 -41.71 11.05
C LEU A 3197 28.93 -41.99 12.55
N THR A 3198 29.34 -43.21 12.86
CA THR A 3198 29.51 -43.62 14.25
C THR A 3198 30.71 -42.94 14.91
N ASP A 3226 34.94 -31.71 17.84
CA ASP A 3226 34.48 -33.03 17.44
C ASP A 3226 33.56 -32.94 16.23
N ILE A 3227 32.68 -33.94 16.11
CA ILE A 3227 31.67 -33.94 15.04
C ILE A 3227 30.25 -33.92 15.60
N SER A 3228 30.05 -34.24 16.88
CA SER A 3228 28.73 -34.16 17.47
C SER A 3228 28.31 -32.72 17.72
N SER A 3229 29.28 -31.82 17.87
CA SER A 3229 28.99 -30.41 18.13
C SER A 3229 28.75 -29.61 16.86
N LEU A 3230 29.41 -29.99 15.76
CA LEU A 3230 29.26 -29.28 14.50
C LEU A 3230 27.89 -29.44 13.88
N ILE A 3231 27.15 -30.48 14.26
CA ILE A 3231 25.78 -30.66 13.80
C ILE A 3231 24.78 -29.99 14.74
N ARG A 3232 25.09 -30.01 16.04
CA ARG A 3232 24.23 -29.36 17.02
C ARG A 3232 24.23 -27.84 16.85
N SER A 3233 25.38 -27.26 16.51
CA SER A 3233 25.45 -25.82 16.27
C SER A 3233 24.67 -25.44 15.02
N CYS A 3234 24.73 -26.28 13.99
CA CYS A 3234 23.92 -26.08 12.78
C CYS A 3234 22.43 -26.12 13.08
N LYS A 3235 21.99 -27.10 13.90
CA LYS A 3235 20.58 -27.22 14.23
C LYS A 3235 20.11 -26.05 15.08
N PHE A 3236 20.95 -25.61 16.03
CA PHE A 3236 20.63 -24.47 16.88
C PHE A 3236 20.51 -23.18 16.06
N SER A 3237 21.43 -22.97 15.11
CA SER A 3237 21.40 -21.76 14.30
C SER A 3237 20.20 -21.76 13.36
N MET A 3238 19.88 -22.91 12.76
CA MET A 3238 18.72 -23.00 11.88
C MET A 3238 17.42 -22.77 12.65
N LYS A 3239 17.32 -23.31 13.86
CA LYS A 3239 16.10 -23.12 14.65
C LYS A 3239 15.95 -21.68 15.12
N MET A 3240 17.06 -21.03 15.49
CA MET A 3240 16.98 -19.63 15.92
C MET A 3240 16.63 -18.71 14.76
N LYS A 3241 17.15 -19.01 13.56
CA LYS A 3241 16.77 -18.25 12.37
C LYS A 3241 15.29 -18.46 12.05
N MET A 3242 14.78 -19.67 12.28
CA MET A 3242 13.36 -19.95 12.09
C MET A 3242 12.50 -19.13 13.04
N ILE A 3243 12.94 -18.99 14.30
CA ILE A 3243 12.20 -18.20 15.28
C ILE A 3243 12.23 -16.71 14.92
N ASP A 3244 13.41 -16.21 14.50
CA ASP A 3244 13.53 -14.80 14.13
C ASP A 3244 12.74 -14.47 12.88
N SER A 3245 12.57 -15.43 11.97
CA SER A 3245 11.67 -15.21 10.84
C SER A 3245 10.21 -15.36 11.25
N ALA A 3246 9.93 -16.17 12.29
CA ALA A 3246 8.56 -16.38 12.73
C ALA A 3246 8.00 -15.16 13.43
N ARG A 3247 8.84 -14.42 14.16
CA ARG A 3247 8.41 -13.20 14.83
C ARG A 3247 8.02 -12.12 13.82
N LYS A 3248 8.77 -12.00 12.73
CA LYS A 3248 8.57 -10.93 11.75
C LYS A 3248 7.27 -11.06 10.99
N GLN A 3249 6.68 -12.25 10.93
CA GLN A 3249 5.39 -12.45 10.28
C GLN A 3249 4.23 -12.49 11.27
N ASN A 3250 4.47 -12.03 12.50
CA ASN A 3250 3.47 -11.89 13.58
C ASN A 3250 2.89 -13.25 14.01
N ASN A 3251 3.74 -14.26 14.09
CA ASN A 3251 3.37 -15.57 14.62
C ASN A 3251 4.01 -15.69 16.00
N PHE A 3252 3.32 -15.19 17.02
CA PHE A 3252 3.89 -15.15 18.37
C PHE A 3252 3.57 -16.38 19.20
N SER A 3253 2.39 -16.97 19.01
CA SER A 3253 2.08 -18.24 19.66
C SER A 3253 2.88 -19.38 19.03
N LEU A 3254 3.30 -19.24 17.77
CA LEU A 3254 4.18 -20.22 17.15
C LEU A 3254 5.64 -19.96 17.52
N ALA A 3255 6.04 -18.72 17.75
CA ALA A 3255 7.42 -18.46 18.13
C ALA A 3255 7.67 -18.76 19.61
N MET A 3256 6.66 -18.61 20.46
CA MET A 3256 6.84 -18.83 21.89
C MET A 3256 7.06 -20.31 22.19
N LYS A 3257 6.37 -21.20 21.48
CA LYS A 3257 6.58 -22.63 21.71
C LYS A 3257 7.93 -23.10 21.18
N LEU A 3258 8.46 -22.46 20.15
CA LEU A 3258 9.79 -22.79 19.66
C LEU A 3258 10.87 -22.27 20.61
N LEU A 3259 10.67 -21.08 21.17
CA LEU A 3259 11.59 -20.56 22.17
C LEU A 3259 11.55 -21.39 23.45
N LYS A 3260 10.38 -21.92 23.81
CA LYS A 3260 10.28 -22.76 24.99
C LYS A 3260 10.80 -24.17 24.74
N GLU A 3261 10.74 -24.66 23.50
CA GLU A 3261 11.31 -25.96 23.19
C GLU A 3261 12.82 -25.90 22.97
N LEU A 3262 13.37 -24.71 22.74
CA LEU A 3262 14.81 -24.57 22.51
C LEU A 3262 15.56 -24.07 23.74
N HIS A 3263 14.85 -23.83 24.86
CA HIS A 3263 15.51 -23.19 26.00
C HIS A 3263 16.45 -24.15 26.72
N LYS A 3264 16.11 -25.44 26.76
CA LYS A 3264 16.89 -26.39 27.53
C LYS A 3264 18.25 -26.67 26.89
N GLU A 3265 18.35 -26.59 25.56
CA GLU A 3265 19.64 -26.69 24.90
C GLU A 3265 20.45 -25.40 25.04
N SER A 3266 19.78 -24.26 25.12
CA SER A 3266 20.43 -22.96 25.24
C SER A 3266 20.73 -22.64 26.71
N LYS A 3267 21.58 -23.47 27.31
CA LYS A 3267 21.93 -23.31 28.71
C LYS A 3267 23.43 -23.45 28.91
N THR A 3268 24.09 -24.24 28.06
CA THR A 3268 25.46 -24.67 28.33
C THR A 3268 26.48 -23.59 27.98
N ARG A 3269 26.30 -22.89 26.86
CA ARG A 3269 27.21 -21.83 26.48
C ARG A 3269 26.54 -20.48 26.59
N ASP A 3270 27.35 -19.44 26.83
CA ASP A 3270 26.83 -18.12 27.13
C ASP A 3270 26.25 -17.43 25.90
N ASP A 3271 26.86 -17.62 24.74
CA ASP A 3271 26.42 -16.93 23.52
C ASP A 3271 25.07 -17.44 23.06
N TRP A 3272 24.84 -18.75 23.22
CA TRP A 3272 23.51 -19.33 22.99
C TRP A 3272 22.48 -18.70 23.92
N LEU A 3273 22.87 -18.49 25.17
CA LEU A 3273 21.96 -17.91 26.16
C LEU A 3273 21.62 -16.46 25.83
N VAL A 3274 22.62 -15.66 25.41
CA VAL A 3274 22.32 -14.26 25.13
C VAL A 3274 21.55 -14.11 23.83
N SER A 3275 21.77 -15.00 22.85
CA SER A 3275 20.96 -14.95 21.64
C SER A 3275 19.52 -15.33 21.94
N TRP A 3276 19.33 -16.31 22.83
CA TRP A 3276 17.98 -16.71 23.20
C TRP A 3276 17.26 -15.62 23.99
N VAL A 3277 17.95 -14.98 24.93
CA VAL A 3277 17.34 -13.96 25.76
C VAL A 3277 17.03 -12.71 24.95
N GLN A 3278 17.91 -12.36 24.01
CA GLN A 3278 17.64 -11.21 23.16
C GLN A 3278 16.53 -11.50 22.15
N SER A 3279 16.39 -12.75 21.70
CA SER A 3279 15.25 -13.11 20.87
C SER A 3279 13.95 -13.04 21.66
N TYR A 3280 14.00 -13.44 22.93
CA TYR A 3280 12.87 -13.34 23.84
C TYR A 3280 12.44 -11.89 24.02
N CYS A 3281 13.41 -11.00 24.26
CA CYS A 3281 13.11 -9.58 24.48
C CYS A 3281 12.61 -8.91 23.21
N ARG A 3282 13.16 -9.27 22.06
CA ARG A 3282 12.67 -8.73 20.80
C ARG A 3282 11.25 -9.19 20.51
N LEU A 3283 10.93 -10.44 20.87
CA LEU A 3283 9.57 -10.94 20.73
C LEU A 3283 8.61 -10.18 21.63
N SER A 3284 9.04 -9.86 22.85
CA SER A 3284 8.18 -9.10 23.76
C SER A 3284 8.00 -7.65 23.31
N HIS A 3285 9.02 -7.05 22.69
CA HIS A 3285 8.87 -5.68 22.20
C HIS A 3285 7.99 -5.61 20.95
N CYS A 3286 8.15 -6.56 20.02
CA CYS A 3286 7.29 -6.57 18.85
C CYS A 3286 5.89 -7.09 19.16
N ARG A 3287 5.70 -7.75 20.29
CA ARG A 3287 4.37 -8.26 20.63
C ARG A 3287 3.48 -7.16 21.19
N SER A 3288 4.03 -6.26 22.01
CA SER A 3288 3.27 -5.28 22.77
C SER A 3288 2.87 -4.06 21.96
N ARG A 3289 3.08 -4.03 20.66
CA ARG A 3289 2.76 -2.86 19.85
C ARG A 3289 1.28 -2.77 19.49
N SER A 3290 0.44 -3.65 20.03
CA SER A 3290 -0.98 -3.64 19.72
C SER A 3290 -1.87 -3.77 20.95
N GLN A 3291 -1.33 -4.14 22.10
CA GLN A 3291 -2.13 -4.27 23.30
C GLN A 3291 -2.39 -2.90 23.91
N GLY A 3292 -3.47 -2.82 24.69
CA GLY A 3292 -3.79 -1.61 25.43
C GLY A 3292 -2.81 -1.38 26.56
N CYS A 3293 -2.88 -0.17 27.13
CA CYS A 3293 -1.87 0.30 28.07
C CYS A 3293 -1.91 -0.44 29.40
N SER A 3294 -3.01 -1.14 29.71
CA SER A 3294 -3.08 -1.90 30.94
C SER A 3294 -2.31 -3.21 30.86
N GLU A 3295 -2.18 -3.78 29.66
CA GLU A 3295 -1.47 -5.04 29.46
C GLU A 3295 -0.07 -4.85 28.91
N GLN A 3296 0.25 -3.66 28.39
CA GLN A 3296 1.60 -3.37 27.91
C GLN A 3296 2.61 -3.32 29.04
N VAL A 3297 2.17 -2.99 30.26
CA VAL A 3297 3.05 -3.08 31.42
C VAL A 3297 3.23 -4.52 31.86
N LEU A 3298 2.15 -5.31 31.76
CA LEU A 3298 2.20 -6.70 32.19
C LEU A 3298 3.06 -7.56 31.29
N THR A 3299 3.04 -7.30 29.97
CA THR A 3299 3.80 -8.13 29.04
C THR A 3299 5.29 -7.84 29.05
N VAL A 3300 5.73 -6.70 29.60
CA VAL A 3300 7.15 -6.38 29.66
C VAL A 3300 7.67 -6.30 31.08
N LEU A 3301 6.81 -6.48 32.09
CA LEU A 3301 7.34 -6.68 33.43
C LEU A 3301 7.87 -8.10 33.64
N LYS A 3302 7.64 -9.01 32.69
CA LYS A 3302 8.27 -10.32 32.75
C LYS A 3302 9.72 -10.26 32.31
N THR A 3303 10.02 -9.50 31.26
CA THR A 3303 11.38 -9.38 30.73
C THR A 3303 12.19 -8.28 31.43
N VAL A 3304 12.14 -8.28 32.77
CA VAL A 3304 13.05 -7.53 33.61
C VAL A 3304 13.79 -8.43 34.57
N SER A 3305 13.11 -9.40 35.17
CA SER A 3305 13.74 -10.29 36.14
C SER A 3305 14.63 -11.31 35.48
N LEU A 3306 14.31 -11.75 34.26
CA LEU A 3306 15.14 -12.71 33.56
C LEU A 3306 16.35 -12.07 32.88
N LEU A 3307 16.51 -10.75 33.00
CA LEU A 3307 17.77 -10.10 32.70
C LEU A 3307 18.60 -9.88 33.95
N ASP A 3308 18.03 -10.14 35.13
CA ASP A 3308 18.78 -10.23 36.37
C ASP A 3308 19.29 -11.65 36.62
N GLU A 3309 19.28 -12.49 35.59
CA GLU A 3309 19.86 -13.82 35.58
C GLU A 3309 21.36 -13.71 35.31
N ASN A 3310 22.00 -14.81 34.98
CA ASN A 3310 23.35 -14.75 34.43
C ASN A 3310 23.29 -14.17 33.02
N ASN A 3311 24.50 -14.00 32.44
CA ASN A 3311 25.00 -13.21 31.30
C ASN A 3311 25.30 -11.76 31.68
N VAL A 3312 25.00 -11.34 32.91
CA VAL A 3312 25.51 -10.09 33.44
C VAL A 3312 26.71 -10.31 34.36
N SER A 3313 26.75 -11.44 35.07
CA SER A 3313 27.87 -11.78 35.94
C SER A 3313 29.04 -12.22 35.05
N SER A 3314 29.75 -11.22 34.54
CA SER A 3314 30.96 -11.37 33.72
C SER A 3314 30.70 -12.16 32.43
N TYR A 3315 29.77 -11.65 31.63
CA TYR A 3315 29.77 -11.94 30.21
C TYR A 3315 29.88 -10.69 29.36
N LEU A 3316 29.18 -9.62 29.74
CA LEU A 3316 29.19 -8.39 28.96
C LEU A 3316 30.36 -7.49 29.31
N SER A 3317 31.56 -8.08 29.37
CA SER A 3317 32.81 -7.34 29.40
C SER A 3317 33.84 -7.92 28.45
N LYS A 3318 33.64 -9.13 27.94
CA LYS A 3318 34.48 -9.74 26.92
C LYS A 3318 33.96 -9.49 25.52
N ASN A 3319 32.65 -9.57 25.32
CA ASN A 3319 32.02 -9.23 24.06
C ASN A 3319 31.37 -7.86 24.18
N ILE A 3320 31.30 -7.14 23.07
CA ILE A 3320 30.80 -5.79 23.05
C ILE A 3320 29.55 -5.62 22.18
N LEU A 3321 29.33 -6.50 21.19
CA LEU A 3321 28.13 -6.39 20.36
C LEU A 3321 26.88 -6.83 21.09
N ALA A 3322 27.02 -7.70 22.08
CA ALA A 3322 25.90 -8.00 22.96
C ALA A 3322 25.72 -6.95 24.04
N PHE A 3323 26.84 -6.36 24.50
CA PHE A 3323 26.81 -5.32 25.53
C PHE A 3323 26.19 -4.04 25.00
N ARG A 3324 26.21 -3.84 23.68
CA ARG A 3324 25.47 -2.71 23.10
C ARG A 3324 23.98 -3.04 22.98
N ASP A 3325 23.67 -4.24 22.51
CA ASP A 3325 22.29 -4.60 22.18
C ASP A 3325 21.43 -4.77 23.44
N GLN A 3326 22.05 -5.19 24.54
CA GLN A 3326 21.31 -5.31 25.80
C GLN A 3326 20.91 -3.93 26.32
N ASN A 3327 21.81 -2.94 26.22
CA ASN A 3327 21.49 -1.58 26.63
C ASN A 3327 20.42 -0.97 25.73
N ILE A 3328 20.47 -1.26 24.43
CA ILE A 3328 19.44 -0.79 23.50
C ILE A 3328 18.07 -1.36 23.87
N LEU A 3329 18.00 -2.67 24.15
CA LEU A 3329 16.70 -3.28 24.43
C LEU A 3329 16.17 -2.90 25.80
N LEU A 3330 17.05 -2.70 26.80
CA LEU A 3330 16.57 -2.26 28.11
C LEU A 3330 16.07 -0.82 28.07
N GLY A 3331 16.76 0.04 27.31
CA GLY A 3331 16.26 1.39 27.11
C GLY A 3331 14.93 1.42 26.40
N THR A 3332 14.74 0.53 25.42
CA THR A 3332 13.45 0.45 24.74
C THR A 3332 12.36 -0.10 25.67
N THR A 3333 12.72 -1.02 26.57
CA THR A 3333 11.76 -1.58 27.53
C THR A 3333 11.25 -0.51 28.48
N TYR A 3334 12.16 0.25 29.09
CA TYR A 3334 11.74 1.33 29.98
C TYR A 3334 11.04 2.45 29.23
N ARG A 3335 11.37 2.62 27.95
CA ARG A 3335 10.66 3.59 27.12
C ARG A 3335 9.19 3.20 26.93
N ILE A 3336 8.93 1.91 26.65
CA ILE A 3336 7.54 1.48 26.46
C ILE A 3336 6.77 1.56 27.77
N ILE A 3337 7.41 1.25 28.90
CA ILE A 3337 6.72 1.40 30.19
C ILE A 3337 6.38 2.86 30.48
N ALA A 3338 7.36 3.76 30.32
CA ALA A 3338 7.16 5.16 30.69
C ALA A 3338 6.20 5.88 29.75
N ASN A 3339 6.17 5.52 28.45
CA ASN A 3339 5.12 6.06 27.60
C ASN A 3339 3.80 5.36 27.82
N ALA A 3340 3.80 4.17 28.44
CA ALA A 3340 2.56 3.46 28.66
C ALA A 3340 1.77 4.07 29.80
N LEU A 3341 2.42 4.32 30.94
CA LEU A 3341 1.67 4.83 32.07
C LEU A 3341 1.58 6.35 32.11
N SER A 3342 2.03 7.04 31.05
CA SER A 3342 1.84 8.47 30.90
C SER A 3342 0.64 8.84 30.05
N SER A 3343 0.23 7.96 29.12
CA SER A 3343 -1.00 8.22 28.38
C SER A 3343 -2.22 7.94 29.24
N GLU A 3344 -2.19 6.88 30.03
CA GLU A 3344 -3.18 6.64 31.07
C GLU A 3344 -2.49 6.80 32.42
N PRO A 3345 -2.77 7.87 33.18
CA PRO A 3345 -1.81 8.37 34.18
C PRO A 3345 -1.57 7.48 35.39
N ALA A 3346 -2.63 7.03 36.06
CA ALA A 3346 -2.44 6.27 37.29
C ALA A 3346 -3.34 5.05 37.41
N CYS A 3347 -4.36 4.91 36.57
CA CYS A 3347 -5.28 3.77 36.69
C CYS A 3347 -4.61 2.46 36.35
N LEU A 3348 -3.55 2.49 35.54
CA LEU A 3348 -2.81 1.27 35.24
C LEU A 3348 -2.04 0.78 36.45
N ALA A 3349 -1.52 1.70 37.26
CA ALA A 3349 -0.95 1.31 38.54
C ALA A 3349 -2.02 1.02 39.57
N GLU A 3350 -3.24 1.51 39.38
CA GLU A 3350 -4.34 1.17 40.27
C GLU A 3350 -4.80 -0.27 40.06
N ILE A 3351 -4.82 -0.72 38.80
CA ILE A 3351 -5.18 -2.12 38.52
C ILE A 3351 -3.89 -2.92 38.61
N GLU A 3352 -3.52 -3.24 39.85
CA GLU A 3352 -2.31 -3.96 40.24
C GLU A 3352 -2.38 -4.21 41.73
N GLU A 3353 -1.59 -5.17 42.20
CA GLU A 3353 -1.48 -5.45 43.62
C GLU A 3353 -0.06 -5.28 44.15
N ASP A 3354 0.93 -5.84 43.45
CA ASP A 3354 2.33 -5.64 43.77
C ASP A 3354 3.13 -5.15 42.57
N LYS A 3355 2.54 -5.20 41.37
CA LYS A 3355 3.20 -4.69 40.18
C LYS A 3355 3.36 -3.18 40.22
N ALA A 3356 2.45 -2.47 40.90
CA ALA A 3356 2.60 -1.03 41.08
C ALA A 3356 3.80 -0.71 41.98
N ARG A 3357 4.00 -1.50 43.04
CA ARG A 3357 5.17 -1.31 43.88
C ARG A 3357 6.45 -1.69 43.16
N ARG A 3358 6.38 -2.70 42.28
CA ARG A 3358 7.54 -3.05 41.47
C ARG A 3358 7.85 -1.97 40.42
N ILE A 3359 6.83 -1.26 39.95
CA ILE A 3359 7.06 -0.11 39.08
C ILE A 3359 7.72 1.02 39.86
N LEU A 3360 7.16 1.36 41.02
CA LEU A 3360 7.64 2.51 41.78
C LEU A 3360 8.98 2.27 42.47
N GLU A 3361 9.41 1.01 42.60
CA GLU A 3361 10.73 0.78 43.18
C GLU A 3361 11.87 0.97 42.18
N LEU A 3362 11.55 1.14 40.90
CA LEU A 3362 12.58 1.31 39.88
C LEU A 3362 12.93 2.78 39.67
N ASP A 3369 4.34 10.87 44.41
CA ASP A 3369 4.01 9.77 43.51
C ASP A 3369 3.20 10.27 42.32
N SER A 3370 3.05 9.39 41.32
CA SER A 3370 2.31 9.51 40.06
C SER A 3370 2.93 10.50 39.08
N GLU A 3371 3.96 11.26 39.47
CA GLU A 3371 4.71 12.08 38.53
C GLU A 3371 6.21 12.04 38.76
N LYS A 3372 6.69 11.58 39.90
CA LYS A 3372 8.11 11.53 40.20
C LYS A 3372 8.72 10.18 39.89
N VAL A 3373 7.95 9.25 39.36
CA VAL A 3373 8.46 7.93 38.99
C VAL A 3373 8.61 7.88 37.47
N ILE A 3374 7.75 8.61 36.76
CA ILE A 3374 7.87 8.73 35.31
C ILE A 3374 9.17 9.43 34.94
N ALA A 3375 9.53 10.47 35.68
CA ALA A 3375 10.78 11.18 35.47
C ALA A 3375 11.99 10.39 35.93
N GLY A 3376 11.80 9.34 36.73
CA GLY A 3376 12.89 8.45 37.07
C GLY A 3376 13.07 7.39 36.00
N LEU A 3377 11.95 6.96 35.42
CA LEU A 3377 12.02 5.94 34.37
C LEU A 3377 12.55 6.52 33.05
N TYR A 3378 12.28 7.79 32.76
CA TYR A 3378 12.95 8.42 31.61
C TYR A 3378 14.45 8.57 31.82
N GLN A 3379 14.89 8.82 33.04
CA GLN A 3379 16.33 8.80 33.33
C GLN A 3379 16.90 7.40 33.18
N ARG A 3380 16.14 6.38 33.60
CA ARG A 3380 16.59 4.99 33.46
C ARG A 3380 16.61 4.55 32.00
N ALA A 3381 15.78 5.16 31.15
CA ALA A 3381 15.87 4.90 29.71
C ALA A 3381 17.06 5.63 29.10
N PHE A 3382 17.29 6.88 29.52
CA PHE A 3382 18.34 7.70 28.94
C PHE A 3382 19.72 7.16 29.30
N GLN A 3383 19.89 6.64 30.51
CA GLN A 3383 21.20 6.13 30.92
C GLN A 3383 21.60 4.90 30.11
N HIS A 3384 20.66 4.00 29.87
CA HIS A 3384 20.96 2.81 29.09
C HIS A 3384 21.08 3.11 27.61
N LEU A 3385 20.32 4.08 27.08
CA LEU A 3385 20.52 4.46 25.69
C LEU A 3385 21.80 5.26 25.47
N SER A 3386 22.33 5.91 26.51
CA SER A 3386 23.58 6.66 26.37
C SER A 3386 24.81 5.84 26.75
N GLU A 3387 24.62 4.70 27.42
CA GLU A 3387 25.76 3.83 27.67
C GLU A 3387 26.20 3.10 26.40
N ALA A 3388 25.29 2.89 25.46
CA ALA A 3388 25.58 2.07 24.28
C ALA A 3388 26.52 2.78 23.32
N VAL A 3389 26.37 4.09 23.13
CA VAL A 3389 27.23 4.83 22.23
C VAL A 3389 28.63 5.00 22.81
N GLN A 3390 28.77 4.88 24.14
CA GLN A 3390 30.09 4.90 24.76
C GLN A 3390 30.71 3.51 24.87
N ALA A 3391 29.91 2.46 24.79
CA ALA A 3391 30.44 1.10 24.73
C ALA A 3391 30.89 0.76 23.33
N ALA A 3406 28.23 -0.97 10.57
CA ALA A 3406 27.12 -1.28 9.69
C ALA A 3406 26.01 -1.99 10.46
N ALA A 3407 25.00 -1.20 10.86
CA ALA A 3407 23.78 -1.66 11.53
C ALA A 3407 24.07 -2.37 12.85
N GLY A 3408 25.19 -2.05 13.48
CA GLY A 3408 25.52 -2.54 14.80
C GLY A 3408 25.86 -1.36 15.67
N VAL A 3409 26.13 -0.22 15.02
CA VAL A 3409 26.33 1.04 15.71
C VAL A 3409 25.42 2.15 15.20
N ILE A 3410 24.82 2.05 14.00
CA ILE A 3410 23.93 3.12 13.57
C ILE A 3410 22.60 2.98 14.29
N ASP A 3411 22.26 1.79 14.77
CA ASP A 3411 21.08 1.67 15.62
C ASP A 3411 21.34 2.25 17.00
N ALA A 3412 22.57 2.06 17.51
CA ALA A 3412 22.95 2.65 18.79
C ALA A 3412 22.92 4.16 18.75
N TYR A 3413 23.29 4.74 17.60
CA TYR A 3413 23.13 6.18 17.39
C TYR A 3413 21.65 6.56 17.30
N MET A 3414 20.89 5.87 16.44
CA MET A 3414 19.59 6.36 16.03
C MET A 3414 18.49 6.13 17.06
N THR A 3415 18.59 5.09 17.90
CA THR A 3415 17.62 4.92 18.97
C THR A 3415 17.73 6.02 20.01
N LEU A 3416 18.97 6.36 20.39
CA LEU A 3416 19.20 7.48 21.30
C LEU A 3416 18.76 8.79 20.68
N ALA A 3417 19.00 8.96 19.38
CA ALA A 3417 18.59 10.17 18.68
C ALA A 3417 17.08 10.34 18.66
N ASP A 3418 16.35 9.27 18.35
CA ASP A 3418 14.89 9.38 18.29
C ASP A 3418 14.27 9.49 19.67
N PHE A 3419 14.91 8.90 20.69
CA PHE A 3419 14.41 9.08 22.06
C PHE A 3419 14.59 10.52 22.53
N CYS A 3420 15.75 11.14 22.26
CA CYS A 3420 15.89 12.55 22.61
C CYS A 3420 15.01 13.45 21.75
N ASP A 3421 14.73 13.07 20.51
CA ASP A 3421 13.87 13.91 19.68
C ASP A 3421 12.43 13.87 20.15
N GLN A 3422 11.93 12.69 20.55
CA GLN A 3422 10.58 12.65 21.12
C GLN A 3422 10.54 13.29 22.50
N GLN A 3423 11.69 13.30 23.20
CA GLN A 3423 11.77 14.06 24.45
C GLN A 3423 11.64 15.56 24.20
N LEU A 3424 12.24 16.08 23.13
CA LEU A 3424 12.08 17.51 22.82
C LEU A 3424 10.67 17.85 22.35
N ARG A 3425 10.09 17.00 21.50
CA ARG A 3425 8.72 17.26 21.06
C ARG A 3425 7.70 17.02 22.17
N LYS A 3426 8.09 16.35 23.26
CA LYS A 3426 7.30 16.32 24.48
C LYS A 3426 7.62 17.50 25.40
N GLU A 3427 8.85 18.00 25.36
CA GLU A 3427 9.34 19.09 26.20
C GLU A 3427 8.90 20.46 25.70
N GLU A 3428 8.32 20.53 24.50
CA GLU A 3428 7.84 21.82 23.98
C GLU A 3428 6.74 22.44 24.84
N GLU A 3429 6.03 21.66 25.65
CA GLU A 3429 5.07 22.21 26.60
C GLU A 3429 5.75 22.98 27.72
N GLN A 3440 18.37 21.49 29.30
CA GLN A 3440 18.91 20.19 28.95
C GLN A 3440 19.84 20.29 27.76
N ALA A 3441 20.97 19.59 27.83
CA ALA A 3441 21.92 19.55 26.72
C ALA A 3441 21.66 18.37 25.79
N TYR A 3442 20.39 18.21 25.43
CA TYR A 3442 19.90 17.25 24.43
C TYR A 3442 20.09 17.71 22.98
N PRO A 3443 19.99 19.01 22.62
CA PRO A 3443 20.43 19.42 21.27
C PRO A 3443 21.89 19.12 20.93
N ALA A 3444 22.77 18.94 21.92
CA ALA A 3444 24.11 18.49 21.59
C ALA A 3444 24.13 17.01 21.22
N LEU A 3445 23.28 16.20 21.85
CA LEU A 3445 23.25 14.76 21.62
C LEU A 3445 22.41 14.34 20.43
N VAL A 3446 21.49 15.19 19.96
CA VAL A 3446 20.75 14.81 18.76
C VAL A 3446 21.61 15.01 17.52
N VAL A 3447 22.34 16.13 17.44
CA VAL A 3447 22.94 16.57 16.19
C VAL A 3447 24.15 15.71 15.82
N GLU A 3448 25.08 15.52 16.75
CA GLU A 3448 26.27 14.71 16.49
C GLU A 3448 25.90 13.26 16.25
N LYS A 3449 24.96 12.73 17.03
CA LYS A 3449 24.63 11.31 16.96
C LYS A 3449 23.64 11.00 15.84
N MET A 3450 23.11 12.00 15.15
CA MET A 3450 22.49 11.75 13.86
C MET A 3450 23.44 11.98 12.69
N LEU A 3451 24.35 12.95 12.79
CA LEU A 3451 25.27 13.19 11.68
C LEU A 3451 26.35 12.11 11.58
N LYS A 3452 26.74 11.51 12.70
CA LYS A 3452 27.72 10.44 12.64
C LYS A 3452 27.13 9.16 12.07
N ALA A 3453 25.80 9.00 12.10
CA ALA A 3453 25.15 7.88 11.44
C ALA A 3453 24.75 8.20 10.01
N LEU A 3454 24.60 9.47 9.66
CA LEU A 3454 24.49 9.84 8.24
C LEU A 3454 25.84 9.79 7.53
N LYS A 3455 26.95 9.93 8.27
CA LYS A 3455 28.28 9.74 7.70
C LYS A 3455 28.50 8.30 7.26
N LEU A 3456 27.85 7.35 7.91
CA LEU A 3456 27.74 6.00 7.37
C LEU A 3456 26.49 5.92 6.50
N ASN A 3457 26.47 4.92 5.61
CA ASN A 3457 25.41 4.84 4.63
C ASN A 3457 24.14 4.33 5.31
N SER A 3458 23.24 5.26 5.63
CA SER A 3458 21.97 4.90 6.25
C SER A 3458 20.82 5.53 5.46
N ASN A 3459 19.63 5.01 5.71
CA ASN A 3459 18.40 5.56 5.16
C ASN A 3459 17.39 5.95 6.21
N GLU A 3460 17.47 5.41 7.42
CA GLU A 3460 16.67 5.93 8.51
C GLU A 3460 17.27 7.22 9.08
N ALA A 3461 18.59 7.39 8.94
CA ALA A 3461 19.23 8.64 9.29
C ALA A 3461 19.19 9.66 8.16
N ARG A 3462 18.74 9.28 6.97
CA ARG A 3462 18.71 10.17 5.82
C ARG A 3462 17.40 10.90 5.66
N LEU A 3463 16.31 10.39 6.23
CA LEU A 3463 15.03 11.07 6.20
C LEU A 3463 14.81 11.95 7.41
N LYS A 3464 15.75 11.97 8.36
CA LYS A 3464 15.59 12.69 9.61
C LYS A 3464 16.47 13.93 9.72
N PHE A 3465 17.04 14.38 8.61
CA PHE A 3465 17.90 15.56 8.55
C PHE A 3465 17.18 16.92 8.66
N PRO A 3466 15.95 17.11 8.14
CA PRO A 3466 15.24 18.36 8.49
C PRO A 3466 14.90 18.51 9.97
N ARG A 3467 14.90 17.43 10.75
CA ARG A 3467 14.83 17.58 12.21
C ARG A 3467 16.06 18.32 12.73
N LEU A 3468 17.24 18.02 12.17
CA LEU A 3468 18.44 18.76 12.54
C LEU A 3468 18.36 20.20 12.05
N LEU A 3469 17.83 20.41 10.85
CA LEU A 3469 17.70 21.78 10.33
C LEU A 3469 16.70 22.62 11.11
N GLN A 3470 15.73 21.98 11.78
CA GLN A 3470 14.83 22.73 12.65
C GLN A 3470 15.40 22.92 14.05
N ILE A 3471 16.15 21.95 14.58
CA ILE A 3471 16.67 22.11 15.93
C ILE A 3471 17.83 23.13 15.96
N ILE A 3472 18.61 23.26 14.89
CA ILE A 3472 19.66 24.28 14.91
C ILE A 3472 19.09 25.67 14.70
N GLU A 3473 17.86 25.78 14.20
CA GLU A 3473 17.19 27.07 14.13
C GLU A 3473 16.55 27.42 15.47
N ARG A 3474 15.87 26.45 16.09
CA ARG A 3474 15.12 26.72 17.31
C ARG A 3474 15.98 26.75 18.55
N TYR A 3475 17.18 26.18 18.52
CA TYR A 3475 18.14 26.30 19.62
C TYR A 3475 19.48 26.77 19.08
N PRO A 3476 19.57 28.02 18.59
CA PRO A 3476 20.75 28.44 17.85
C PRO A 3476 21.87 29.05 18.66
N GLU A 3477 21.64 29.38 19.95
CA GLU A 3477 22.67 30.03 20.74
C GLU A 3477 23.80 29.08 21.09
N GLU A 3478 23.52 27.78 21.10
CA GLU A 3478 24.54 26.75 21.27
C GLU A 3478 24.40 25.74 20.14
N THR A 3479 25.47 24.95 19.96
CA THR A 3479 25.59 23.88 18.96
C THR A 3479 25.33 24.39 17.54
N LEU A 3480 26.20 25.29 17.10
CA LEU A 3480 26.15 25.64 15.68
C LEU A 3480 27.51 25.58 15.01
N SER A 3481 28.58 26.00 15.71
CA SER A 3481 29.92 25.72 15.23
C SER A 3481 30.19 24.21 15.25
N LEU A 3482 29.60 23.51 16.22
CA LEU A 3482 29.59 22.06 16.21
C LEU A 3482 28.85 21.51 14.99
N MET A 3483 27.76 22.15 14.58
CA MET A 3483 27.02 21.73 13.39
C MET A 3483 27.85 21.92 12.12
N THR A 3484 28.58 23.04 12.03
CA THR A 3484 29.47 23.26 10.89
C THR A 3484 30.60 22.25 10.86
N LYS A 3485 31.21 21.99 12.01
CA LYS A 3485 32.33 21.05 12.08
C LYS A 3485 31.90 19.62 11.83
N GLU A 3486 30.63 19.29 12.11
CA GLU A 3486 30.16 17.94 11.85
C GLU A 3486 29.61 17.75 10.44
N ILE A 3487 29.06 18.79 9.81
CA ILE A 3487 28.61 18.67 8.43
C ILE A 3487 29.74 18.95 7.43
N SER A 3488 30.89 19.44 7.89
CA SER A 3488 32.01 19.71 6.99
C SER A 3488 32.62 18.45 6.39
N SER A 3489 32.46 17.29 7.02
CA SER A 3489 32.99 16.02 6.50
C SER A 3489 31.85 15.02 6.39
N VAL A 3490 31.10 15.10 5.29
CA VAL A 3490 29.99 14.21 4.95
C VAL A 3490 30.07 14.01 3.43
N PRO A 3491 29.92 12.79 2.93
CA PRO A 3491 29.80 12.59 1.47
C PRO A 3491 28.58 13.32 0.92
N CYS A 3492 28.82 14.27 0.03
CA CYS A 3492 27.80 15.24 -0.37
C CYS A 3492 26.92 14.75 -1.50
N TRP A 3493 26.46 13.51 -1.40
CA TRP A 3493 25.37 13.00 -2.21
C TRP A 3493 24.18 12.60 -1.37
N GLN A 3494 24.31 12.69 -0.03
CA GLN A 3494 23.22 12.39 0.89
C GLN A 3494 22.39 13.62 1.23
N PHE A 3495 22.40 14.64 0.36
CA PHE A 3495 21.58 15.82 0.52
C PHE A 3495 20.83 16.18 -0.76
N ILE A 3496 20.94 15.38 -1.82
CA ILE A 3496 20.29 15.71 -3.08
C ILE A 3496 18.79 15.55 -3.00
N SER A 3497 18.30 14.77 -2.04
CA SER A 3497 16.88 14.78 -1.73
C SER A 3497 16.48 16.01 -0.91
N TRP A 3498 17.43 16.60 -0.17
CA TRP A 3498 17.17 17.76 0.65
C TRP A 3498 17.86 19.01 0.11
N ILE A 3499 18.05 19.09 -1.20
CA ILE A 3499 18.74 20.24 -1.75
C ILE A 3499 17.82 21.46 -1.81
N SER A 3500 16.53 21.26 -2.05
CA SER A 3500 15.57 22.35 -2.11
C SER A 3500 15.17 22.87 -0.74
N HIS A 3501 15.63 22.23 0.33
CA HIS A 3501 15.49 22.74 1.68
C HIS A 3501 16.68 23.55 2.13
N MET A 3502 17.88 23.16 1.71
CA MET A 3502 19.07 23.92 2.07
C MET A 3502 19.27 25.14 1.19
N VAL A 3503 18.78 25.11 -0.06
CA VAL A 3503 18.89 26.31 -0.90
C VAL A 3503 17.74 27.29 -0.70
N ALA A 3504 16.69 26.93 0.05
CA ALA A 3504 15.73 27.94 0.47
C ALA A 3504 16.20 28.69 1.71
N LEU A 3505 17.26 28.21 2.35
CA LEU A 3505 17.91 28.90 3.45
C LEU A 3505 18.90 29.95 2.97
N LEU A 3506 19.06 30.12 1.66
CA LEU A 3506 20.00 31.11 1.14
C LEU A 3506 19.51 32.53 1.37
N ASP A 3507 18.20 32.74 1.23
CA ASP A 3507 17.60 34.04 1.56
C ASP A 3507 17.66 34.31 3.07
N LYS A 3508 17.38 33.29 3.88
CA LYS A 3508 17.14 33.49 5.29
C LYS A 3508 18.45 33.65 6.06
N ASP A 3509 18.31 34.22 7.27
CA ASP A 3509 19.42 34.40 8.19
C ASP A 3509 19.94 33.05 8.65
N GLN A 3510 21.21 33.03 9.06
CA GLN A 3510 21.90 31.85 9.58
C GLN A 3510 21.92 30.73 8.54
N ALA A 3511 22.63 31.00 7.44
CA ALA A 3511 22.94 30.00 6.43
C ALA A 3511 24.40 29.59 6.47
N VAL A 3512 25.15 30.01 7.48
CA VAL A 3512 26.55 29.64 7.61
C VAL A 3512 26.73 28.21 8.10
N ALA A 3513 25.67 27.57 8.59
CA ALA A 3513 25.75 26.18 8.98
C ALA A 3513 25.82 25.27 7.76
N VAL A 3514 25.24 25.69 6.65
CA VAL A 3514 25.28 24.94 5.39
C VAL A 3514 25.77 25.89 4.28
N GLN A 3515 27.08 25.93 4.09
CA GLN A 3515 27.70 26.59 2.94
C GLN A 3515 28.72 25.72 2.25
N HIS A 3516 29.49 24.94 3.01
CA HIS A 3516 30.49 24.06 2.43
C HIS A 3516 29.86 22.92 1.64
N SER A 3517 28.69 22.45 2.08
CA SER A 3517 28.00 21.39 1.34
C SER A 3517 27.44 21.90 0.03
N VAL A 3518 26.94 23.14 0.01
CA VAL A 3518 26.46 23.73 -1.23
C VAL A 3518 27.62 24.01 -2.18
N GLU A 3519 28.78 24.42 -1.64
CA GLU A 3519 29.96 24.59 -2.47
C GLU A 3519 30.46 23.26 -3.03
N GLU A 3520 30.42 22.20 -2.21
CA GLU A 3520 30.84 20.88 -2.66
C GLU A 3520 29.91 20.32 -3.73
N ILE A 3521 28.60 20.57 -3.60
CA ILE A 3521 27.67 20.09 -4.61
C ILE A 3521 27.85 20.88 -5.90
N THR A 3522 28.04 22.19 -5.80
CA THR A 3522 28.23 22.99 -7.01
C THR A 3522 29.59 22.76 -7.67
N ASP A 3523 30.55 22.17 -6.95
CA ASP A 3523 31.82 21.81 -7.55
C ASP A 3523 31.85 20.38 -8.09
N ASN A 3524 31.12 19.44 -7.49
CA ASN A 3524 31.15 18.05 -7.94
C ASN A 3524 30.00 17.71 -8.90
N TYR A 3525 28.75 17.97 -8.50
CA TYR A 3525 27.58 17.69 -9.30
C TYR A 3525 26.89 19.02 -9.61
N PRO A 3526 27.33 19.72 -10.65
CA PRO A 3526 26.76 21.04 -10.94
C PRO A 3526 25.51 20.95 -11.82
N GLN A 3527 24.88 19.78 -11.87
CA GLN A 3527 23.63 19.58 -12.58
C GLN A 3527 22.45 19.32 -11.66
N ALA A 3528 22.69 18.85 -10.44
CA ALA A 3528 21.64 18.47 -9.51
C ALA A 3528 21.41 19.51 -8.41
N ILE A 3529 21.69 20.78 -8.69
CA ILE A 3529 21.42 21.85 -7.75
C ILE A 3529 20.82 23.02 -8.54
N VAL A 3530 20.84 22.90 -9.86
CA VAL A 3530 20.47 24.01 -10.75
C VAL A 3530 19.00 24.37 -10.61
N TYR A 3531 18.12 23.40 -10.78
CA TYR A 3531 16.68 23.63 -10.72
C TYR A 3531 16.15 23.97 -9.32
N PRO A 3532 16.76 23.51 -8.22
CA PRO A 3532 16.46 24.18 -6.94
C PRO A 3532 17.07 25.57 -6.79
N PHE A 3533 18.02 25.98 -7.64
CA PHE A 3533 18.56 27.32 -7.46
C PHE A 3533 17.69 28.38 -8.12
N ILE A 3534 17.00 28.04 -9.21
CA ILE A 3534 16.18 29.03 -9.90
C ILE A 3534 14.91 29.33 -9.11
N ILE A 3535 14.44 28.39 -8.29
CA ILE A 3535 13.24 28.65 -7.50
C ILE A 3535 13.54 29.52 -6.29
N SER A 3536 14.80 29.57 -5.84
CA SER A 3536 15.19 30.30 -4.65
C SER A 3536 15.90 31.62 -4.94
N SER A 3537 16.46 31.79 -6.13
CA SER A 3537 16.94 33.10 -6.54
C SER A 3537 15.82 34.01 -7.02
N GLU A 3538 14.61 33.48 -7.19
CA GLU A 3538 13.47 34.28 -7.62
C GLU A 3538 12.97 35.19 -6.50
N SER A 3539 13.21 34.86 -5.24
CA SER A 3539 12.81 35.69 -4.12
C SER A 3539 13.89 35.60 -3.06
N TYR A 3540 14.59 36.71 -2.82
CA TYR A 3540 15.66 36.74 -1.83
C TYR A 3540 15.79 38.17 -1.31
N SER A 3541 15.48 38.36 -0.03
CA SER A 3541 15.57 39.66 0.62
C SER A 3541 16.66 39.57 1.69
N PHE A 3542 17.87 40.01 1.34
CA PHE A 3542 19.02 39.84 2.21
C PHE A 3542 19.02 40.89 3.31
N LYS A 3543 19.92 40.69 4.27
CA LYS A 3543 20.03 41.54 5.45
C LYS A 3543 21.12 42.60 5.24
N ASP A 3544 21.46 43.31 6.32
CA ASP A 3544 22.48 44.35 6.27
C ASP A 3544 23.53 44.20 7.36
N THR A 3545 23.47 43.16 8.18
CA THR A 3545 24.40 42.94 9.28
C THR A 3545 25.66 42.30 8.68
N SER A 3546 26.76 42.25 9.45
CA SER A 3546 28.02 41.69 8.97
C SER A 3546 27.92 40.19 8.67
N THR A 3547 27.09 39.46 9.40
CA THR A 3547 26.83 38.08 9.05
C THR A 3547 25.87 37.95 7.88
N GLY A 3548 25.16 39.01 7.52
CA GLY A 3548 24.33 39.03 6.34
C GLY A 3548 24.98 39.81 5.22
N HIS A 3549 26.31 39.88 5.24
CA HIS A 3549 27.09 40.57 4.23
C HIS A 3549 27.82 39.64 3.29
N LYS A 3550 28.46 38.59 3.82
CA LYS A 3550 29.11 37.60 2.98
C LYS A 3550 28.13 36.68 2.27
N ASN A 3551 26.87 36.64 2.73
CA ASN A 3551 25.89 35.75 2.13
C ASN A 3551 25.50 36.22 0.73
N LYS A 3552 25.41 37.53 0.53
CA LYS A 3552 25.11 38.07 -0.80
C LYS A 3552 26.24 37.75 -1.78
N GLU A 3553 27.48 37.86 -1.31
CA GLU A 3553 28.63 37.47 -2.12
C GLU A 3553 28.65 35.98 -2.40
N PHE A 3554 28.18 35.15 -1.46
CA PHE A 3554 28.13 33.71 -1.67
C PHE A 3554 27.10 33.33 -2.73
N VAL A 3555 25.90 33.91 -2.65
CA VAL A 3555 24.86 33.63 -3.64
C VAL A 3555 25.27 34.16 -5.01
N ALA A 3556 25.94 35.32 -5.06
CA ALA A 3556 26.46 35.82 -6.32
C ALA A 3556 27.58 34.94 -6.87
N ARG A 3557 28.40 34.38 -5.99
CA ARG A 3557 29.48 33.48 -6.41
C ARG A 3557 28.93 32.22 -7.04
N ILE A 3558 27.90 31.62 -6.44
CA ILE A 3558 27.36 30.38 -6.99
C ILE A 3558 26.52 30.67 -8.23
N LYS A 3559 25.84 31.82 -8.28
CA LYS A 3559 25.15 32.24 -9.49
C LYS A 3559 26.12 32.50 -10.65
N SER A 3560 27.34 32.98 -10.35
CA SER A 3560 28.32 33.20 -11.40
C SER A 3560 28.98 31.90 -11.84
N LYS A 3561 29.34 31.03 -10.90
CA LYS A 3561 30.04 29.78 -11.23
C LYS A 3561 29.12 28.68 -11.70
N LEU A 3562 27.80 28.86 -11.60
CA LEU A 3562 26.83 27.89 -12.07
C LEU A 3562 26.08 28.48 -13.25
N ASP A 3563 25.66 27.60 -14.16
CA ASP A 3563 25.24 27.94 -15.52
C ASP A 3563 26.33 28.81 -16.18
N GLN A 3564 27.51 28.21 -16.31
CA GLN A 3564 28.65 28.91 -16.87
C GLN A 3564 28.64 28.90 -18.38
N GLY A 3565 28.19 27.80 -18.99
CA GLY A 3565 28.10 27.74 -20.43
C GLY A 3565 26.95 28.53 -21.01
N GLY A 3566 25.98 28.89 -20.18
CA GLY A 3566 24.83 29.63 -20.64
C GLY A 3566 23.92 28.83 -21.54
N VAL A 3567 23.48 27.65 -21.08
CA VAL A 3567 22.52 26.85 -21.84
C VAL A 3567 21.34 26.37 -21.01
N ILE A 3568 21.42 26.37 -19.68
CA ILE A 3568 20.30 25.90 -18.87
C ILE A 3568 19.17 26.91 -18.89
N GLN A 3569 19.51 28.20 -18.85
CA GLN A 3569 18.50 29.25 -18.93
C GLN A 3569 17.85 29.29 -20.31
N ASP A 3570 18.60 28.97 -21.37
CA ASP A 3570 18.01 28.91 -22.70
C ASP A 3570 17.15 27.66 -22.87
N PHE A 3571 17.52 26.57 -22.19
CA PHE A 3571 16.66 25.39 -22.14
C PHE A 3571 15.33 25.71 -21.47
N ILE A 3572 15.38 26.39 -20.33
CA ILE A 3572 14.17 26.74 -19.60
C ILE A 3572 13.35 27.77 -20.38
N ASN A 3573 14.01 28.67 -21.11
CA ASN A 3573 13.29 29.64 -21.93
C ASN A 3573 12.61 28.98 -23.13
N ALA A 3574 13.30 28.02 -23.76
CA ALA A 3574 12.69 27.27 -24.86
C ALA A 3574 11.54 26.40 -24.39
N LEU A 3575 11.61 25.89 -23.14
CA LEU A 3575 10.47 25.18 -22.58
C LEU A 3575 9.33 26.13 -22.25
N ASP A 3576 9.65 27.33 -21.78
CA ASP A 3576 8.61 28.29 -21.40
C ASP A 3576 7.88 28.82 -22.62
N GLN A 3577 8.54 28.88 -23.78
CA GLN A 3577 7.84 29.30 -24.99
C GLN A 3577 6.78 28.29 -25.43
N LEU A 3578 6.90 27.03 -25.00
CA LEU A 3578 5.96 25.99 -25.39
C LEU A 3578 4.61 26.13 -24.71
N SER A 3579 4.59 26.67 -23.48
CA SER A 3579 3.35 26.82 -22.74
C SER A 3579 2.50 27.96 -23.31
N ASN A 3580 1.20 27.86 -23.10
CA ASN A 3580 0.26 28.81 -23.69
C ASN A 3580 0.29 30.12 -22.93
N PRO A 3581 0.37 31.26 -23.62
CA PRO A 3581 0.32 32.57 -22.94
C PRO A 3581 -1.07 33.12 -22.73
N GLU A 3582 -2.07 32.63 -23.47
CA GLU A 3582 -3.44 33.12 -23.31
C GLU A 3582 -4.01 32.72 -21.96
N LEU A 3583 -3.60 31.57 -21.43
CA LEU A 3583 -3.90 31.18 -20.06
C LEU A 3583 -2.85 31.65 -19.08
N LEU A 3584 -1.96 32.54 -19.50
CA LEU A 3584 -1.06 33.25 -18.60
C LEU A 3584 -1.46 34.70 -18.40
N PHE A 3585 -2.16 35.28 -19.39
CA PHE A 3585 -2.77 36.59 -19.20
C PHE A 3585 -3.86 36.53 -18.14
N LYS A 3586 -4.58 35.40 -18.05
CA LYS A 3586 -5.48 35.11 -16.92
C LYS A 3586 -4.76 35.22 -15.59
N ASP A 3587 -3.58 34.60 -15.50
CA ASP A 3587 -2.86 34.57 -14.23
C ASP A 3587 -2.30 35.95 -13.89
N TRP A 3588 -1.88 36.70 -14.89
CA TRP A 3588 -1.41 38.07 -14.63
C TRP A 3588 -2.57 38.98 -14.21
N SER A 3589 -3.76 38.79 -14.79
CA SER A 3589 -4.91 39.57 -14.39
C SER A 3589 -5.34 39.24 -12.96
N ASN A 3590 -5.28 37.96 -12.60
CA ASN A 3590 -5.58 37.57 -11.22
C ASN A 3590 -4.49 38.00 -10.25
N ASP A 3591 -3.25 38.19 -10.71
CA ASP A 3591 -2.22 38.72 -9.83
C ASP A 3591 -2.40 40.22 -9.61
N VAL A 3592 -2.78 40.96 -10.63
CA VAL A 3592 -2.87 42.41 -10.47
C VAL A 3592 -4.20 42.87 -9.87
N ARG A 3593 -5.31 42.16 -10.11
CA ARG A 3593 -6.59 42.61 -9.58
C ARG A 3593 -6.78 42.23 -8.12
N ALA A 3594 -5.94 41.34 -7.58
CA ALA A 3594 -5.98 41.01 -6.16
C ALA A 3594 -5.11 41.93 -5.33
N GLU A 3595 -4.25 42.72 -5.95
CA GLU A 3595 -3.34 43.62 -5.23
C GLU A 3595 -3.63 45.08 -5.48
N LEU A 3596 -3.87 45.48 -6.74
CA LEU A 3596 -4.08 46.88 -7.05
C LEU A 3596 -5.47 47.36 -6.64
N ALA A 3597 -6.46 46.49 -6.69
CA ALA A 3597 -7.86 46.88 -6.56
C ALA A 3597 -8.42 46.68 -5.16
N LYS A 3598 -7.63 46.92 -4.11
CA LYS A 3598 -8.18 46.96 -2.76
C LYS A 3598 -8.03 48.33 -2.11
N THR A 3599 -6.80 48.85 -1.99
CA THR A 3599 -6.52 50.12 -1.32
C THR A 3599 -5.34 50.77 -2.02
N PRO A 3600 -5.31 52.11 -2.13
CA PRO A 3600 -4.16 52.80 -2.74
C PRO A 3600 -3.01 53.08 -1.77
N VAL A 3601 -2.60 52.03 -1.05
CA VAL A 3601 -1.48 52.14 -0.11
C VAL A 3601 -0.34 51.18 -0.44
N ASN A 3602 -0.60 50.11 -1.20
CA ASN A 3602 0.42 49.15 -1.58
C ASN A 3602 1.15 49.68 -2.82
N LYS A 3603 2.41 50.08 -2.64
CA LYS A 3603 3.15 50.80 -3.67
C LYS A 3603 4.08 49.88 -4.43
N LYS A 3604 4.25 50.17 -5.72
CA LYS A 3604 5.25 49.69 -6.67
C LYS A 3604 5.30 48.16 -6.83
N ASN A 3605 4.34 47.42 -6.26
CA ASN A 3605 4.31 45.98 -6.49
C ASN A 3605 3.84 45.66 -7.91
N ILE A 3606 2.85 46.42 -8.41
CA ILE A 3606 2.43 46.30 -9.80
C ILE A 3606 3.54 46.75 -10.75
N GLU A 3607 4.36 47.72 -10.33
CA GLU A 3607 5.46 48.17 -11.17
C GLU A 3607 6.59 47.14 -11.22
N LYS A 3608 6.84 46.44 -10.11
CA LYS A 3608 7.83 45.38 -10.12
C LYS A 3608 7.31 44.13 -10.84
N MET A 3609 5.99 43.93 -10.86
CA MET A 3609 5.41 42.73 -11.45
C MET A 3609 4.99 42.91 -12.90
N TYR A 3610 5.02 44.14 -13.43
CA TYR A 3610 4.73 44.30 -14.86
C TYR A 3610 5.90 43.91 -15.74
N GLU A 3611 7.11 43.77 -15.17
CA GLU A 3611 8.25 43.35 -15.96
C GLU A 3611 8.15 41.88 -16.35
N ARG A 3612 7.47 41.06 -15.53
CA ARG A 3612 7.23 39.67 -15.88
C ARG A 3612 6.31 39.54 -17.08
N MET A 3613 5.31 40.43 -17.17
CA MET A 3613 4.45 40.46 -18.36
C MET A 3613 5.19 41.06 -19.54
N TYR A 3614 6.06 42.04 -19.30
CA TYR A 3614 6.78 42.68 -20.39
C TYR A 3614 7.85 41.77 -20.99
N ALA A 3615 8.38 40.83 -20.20
CA ALA A 3615 9.38 39.90 -20.71
C ALA A 3615 8.80 38.89 -21.67
N ALA A 3616 7.50 38.61 -21.60
CA ALA A 3616 6.87 37.63 -22.46
C ALA A 3616 5.92 38.24 -23.48
N LEU A 3617 5.54 39.51 -23.32
CA LEU A 3617 4.72 40.16 -24.33
C LEU A 3617 5.09 41.63 -24.40
N GLY A 3618 4.88 42.21 -25.58
CA GLY A 3618 5.27 43.57 -25.85
C GLY A 3618 6.07 43.66 -27.14
N ASP A 3619 7.32 44.07 -27.03
CA ASP A 3619 8.19 44.14 -28.21
C ASP A 3619 8.52 42.74 -28.71
N PRO A 3620 8.51 42.51 -30.03
CA PRO A 3620 8.72 41.15 -30.55
C PRO A 3620 10.16 40.68 -30.51
N LYS A 3621 11.11 41.58 -30.30
CA LYS A 3621 12.52 41.20 -30.24
C LYS A 3621 12.91 40.62 -28.88
N ALA A 3622 12.12 40.86 -27.84
CA ALA A 3622 12.41 40.31 -26.52
C ALA A 3622 12.25 38.79 -26.42
N PRO A 3623 11.21 38.14 -26.99
CA PRO A 3623 11.24 36.66 -26.99
C PRO A 3623 12.29 36.07 -27.92
N GLY A 3624 12.65 36.77 -28.99
CA GLY A 3624 13.75 36.32 -29.82
C GLY A 3624 15.08 36.39 -29.09
N LEU A 3625 15.26 37.41 -28.26
CA LEU A 3625 16.44 37.50 -27.41
C LEU A 3625 16.38 36.52 -26.25
N GLY A 3626 15.18 36.21 -25.75
CA GLY A 3626 15.02 35.25 -24.68
C GLY A 3626 15.31 33.82 -25.11
N ALA A 3627 14.44 33.26 -25.95
CA ALA A 3627 14.69 31.91 -26.47
C ALA A 3627 14.88 31.90 -27.98
N PHE A 3628 13.88 32.35 -28.75
CA PHE A 3628 13.90 32.22 -30.20
C PHE A 3628 12.73 33.01 -30.77
N ARG A 3629 12.72 33.15 -32.09
CA ARG A 3629 11.59 33.70 -32.82
C ARG A 3629 10.48 32.66 -32.84
N ARG A 3630 9.48 32.84 -31.97
CA ARG A 3630 8.36 31.93 -31.90
C ARG A 3630 7.49 32.02 -33.15
N LYS A 3631 6.78 30.94 -33.46
CA LYS A 3631 5.75 31.02 -34.48
C LYS A 3631 4.43 31.54 -33.92
N PHE A 3632 4.26 31.51 -32.60
CA PHE A 3632 3.06 32.04 -31.97
C PHE A 3632 3.09 33.55 -31.84
N ILE A 3633 4.28 34.16 -31.72
CA ILE A 3633 4.33 35.60 -31.52
C ILE A 3633 4.00 36.36 -32.79
N GLN A 3634 4.17 35.74 -33.96
CA GLN A 3634 3.79 36.35 -35.23
C GLN A 3634 2.28 36.61 -35.30
N THR A 3635 1.48 35.77 -34.64
CA THR A 3635 0.04 35.93 -34.63
C THR A 3635 -0.48 36.50 -33.31
N PHE A 3636 0.35 36.53 -32.25
CA PHE A 3636 -0.08 37.11 -30.99
C PHE A 3636 0.48 38.52 -30.75
N GLY A 3637 1.81 38.65 -30.74
CA GLY A 3637 2.44 39.92 -30.41
C GLY A 3637 2.37 40.94 -31.53
N LYS A 3638 2.11 40.49 -32.76
CA LYS A 3638 1.85 41.41 -33.86
C LYS A 3638 0.39 41.81 -33.95
N GLU A 3639 -0.52 40.92 -33.55
CA GLU A 3639 -1.94 41.24 -33.58
C GLU A 3639 -2.33 42.16 -32.42
N PHE A 3640 -1.82 41.88 -31.23
CA PHE A 3640 -2.20 42.66 -30.05
C PHE A 3640 -1.17 43.77 -29.80
N ASP A 3641 -1.10 44.67 -30.78
CA ASP A 3641 -0.36 45.92 -30.68
C ASP A 3641 -1.28 47.13 -30.66
N LYS A 3642 -2.31 47.14 -31.50
CA LYS A 3642 -3.25 48.25 -31.52
C LYS A 3642 -4.21 48.22 -30.33
N HIS A 3643 -4.29 47.11 -29.60
CA HIS A 3643 -4.97 47.08 -28.32
C HIS A 3643 -4.04 47.26 -27.12
N PHE A 3644 -2.74 47.01 -27.27
CA PHE A 3644 -1.81 47.07 -26.15
C PHE A 3644 -0.91 48.29 -26.18
N GLY A 3645 -0.99 49.14 -27.21
CA GLY A 3645 -0.41 50.47 -27.10
C GLY A 3645 -1.12 51.29 -26.04
N LYS A 3646 -2.44 51.14 -25.94
CA LYS A 3646 -3.20 51.71 -24.83
C LYS A 3646 -2.74 51.14 -23.49
N GLY A 3647 -2.42 49.85 -23.46
CA GLY A 3647 -1.93 49.24 -22.24
C GLY A 3647 -0.56 49.75 -21.82
N GLY A 3648 0.38 49.79 -22.77
CA GLY A 3648 1.71 50.31 -22.50
C GLY A 3648 1.75 51.79 -22.20
N SER A 3649 0.76 52.56 -22.68
CA SER A 3649 0.72 53.97 -22.34
C SER A 3649 0.04 54.19 -20.98
N LYS A 3650 -1.22 53.78 -20.84
CA LYS A 3650 -1.99 54.12 -19.64
C LYS A 3650 -1.83 53.08 -18.54
N LEU A 3651 -1.89 51.79 -18.89
CA LEU A 3651 -1.92 50.72 -17.89
C LEU A 3651 -0.63 50.60 -17.08
N LEU A 3652 0.50 51.05 -17.64
CA LEU A 3652 1.75 51.04 -16.88
C LEU A 3652 1.71 52.05 -15.73
N ARG A 3653 0.94 53.12 -15.87
CA ARG A 3653 0.78 54.15 -14.85
C ARG A 3653 -0.70 54.39 -14.59
N MET A 3654 -1.48 53.32 -14.42
CA MET A 3654 -2.93 53.48 -14.36
C MET A 3654 -3.36 54.01 -12.98
N LYS A 3655 -3.22 53.18 -11.95
CA LYS A 3655 -3.57 53.48 -10.55
C LYS A 3655 -5.01 54.01 -10.40
N LEU A 3656 -5.95 53.32 -11.04
CA LEU A 3656 -7.37 53.63 -10.86
C LEU A 3656 -8.12 52.66 -9.95
N SER A 3657 -7.83 51.35 -10.07
CA SER A 3657 -8.36 50.29 -9.21
C SER A 3657 -9.89 50.20 -9.27
N ASP A 3658 -10.49 50.52 -10.41
CA ASP A 3658 -11.94 50.59 -10.48
C ASP A 3658 -12.55 49.77 -11.62
N PHE A 3659 -11.81 49.62 -12.72
CA PHE A 3659 -12.38 49.04 -13.94
C PHE A 3659 -11.51 47.89 -14.43
N ASN A 3660 -12.18 46.81 -14.82
CA ASN A 3660 -11.49 45.66 -15.41
C ASN A 3660 -12.24 45.07 -16.60
N ASP A 3661 -13.38 45.64 -16.99
CA ASP A 3661 -14.12 45.11 -18.13
C ASP A 3661 -13.45 45.41 -19.46
N ILE A 3662 -12.61 46.46 -19.52
CA ILE A 3662 -11.84 46.71 -20.73
C ILE A 3662 -10.77 45.64 -20.92
N THR A 3663 -10.28 45.05 -19.83
CA THR A 3663 -9.36 43.91 -19.93
C THR A 3663 -10.13 42.63 -20.18
N ASN A 3664 -11.32 42.50 -19.59
CA ASN A 3664 -12.15 41.31 -19.78
C ASN A 3664 -12.61 41.18 -21.23
N MET A 3665 -12.93 42.31 -21.90
CA MET A 3665 -13.43 42.22 -23.26
C MET A 3665 -12.35 41.91 -24.28
N LEU A 3666 -11.07 42.19 -23.97
CA LEU A 3666 -9.99 41.75 -24.84
C LEU A 3666 -9.52 40.35 -24.48
N LEU A 3667 -9.60 39.97 -23.20
CA LEU A 3667 -9.33 38.60 -22.80
C LEU A 3667 -10.37 37.64 -23.36
N LEU A 3668 -11.60 38.11 -23.56
CA LEU A 3668 -12.65 37.33 -24.19
C LEU A 3668 -12.44 37.20 -25.70
N LYS A 3669 -11.83 38.19 -26.34
CA LYS A 3669 -11.58 38.10 -27.77
C LYS A 3669 -10.25 37.44 -28.09
N MET A 3670 -9.35 37.33 -27.13
CA MET A 3670 -8.04 36.72 -27.37
C MET A 3670 -8.10 35.20 -27.47
N ASN A 3671 -9.23 34.58 -27.18
CA ASN A 3671 -9.36 33.13 -27.25
C ASN A 3671 -10.26 32.67 -28.39
N LYS A 3672 -10.76 33.60 -29.21
CA LYS A 3672 -11.53 33.24 -30.38
C LYS A 3672 -10.71 33.26 -31.66
N ASP A 3673 -9.54 33.90 -31.64
CA ASP A 3673 -8.63 33.92 -32.76
C ASP A 3673 -7.35 33.13 -32.51
N SER A 3674 -7.12 32.66 -31.28
CA SER A 3674 -5.92 31.92 -30.95
C SER A 3674 -6.09 30.45 -31.31
N LYS A 3675 -4.98 29.84 -31.75
CA LYS A 3675 -4.94 28.43 -32.16
C LYS A 3675 -4.00 27.66 -31.24
N PRO A 3676 -4.54 26.97 -30.24
CA PRO A 3676 -3.71 26.05 -29.42
C PRO A 3676 -3.08 24.91 -30.22
N PRO A 3677 -3.62 24.47 -31.41
CA PRO A 3677 -2.77 23.68 -32.30
C PRO A 3677 -1.54 24.42 -32.79
N GLY A 3678 -0.36 23.97 -32.36
CA GLY A 3678 0.90 24.48 -32.86
C GLY A 3678 1.47 23.59 -33.94
N ASN A 3679 1.10 22.30 -33.88
CA ASN A 3679 1.23 21.29 -34.94
C ASN A 3679 2.67 20.84 -35.22
N LEU A 3680 3.66 21.43 -34.55
CA LEU A 3680 5.05 21.09 -34.79
C LEU A 3680 5.86 21.34 -33.53
N LYS A 3681 7.13 20.95 -33.59
CA LYS A 3681 8.14 21.39 -32.63
C LYS A 3681 8.75 22.72 -33.02
N GLU A 3682 8.38 23.25 -34.19
CA GLU A 3682 8.89 24.54 -34.66
C GLU A 3682 8.32 25.73 -33.92
N CYS A 3683 7.39 25.52 -32.96
CA CYS A 3683 6.93 26.63 -32.13
C CYS A 3683 8.01 27.09 -31.17
N SER A 3684 8.77 26.15 -30.61
CA SER A 3684 9.93 26.47 -29.78
C SER A 3684 11.18 26.01 -30.53
N PRO A 3685 11.71 26.82 -31.45
CA PRO A 3685 12.68 26.29 -32.42
C PRO A 3685 14.09 26.12 -31.90
N TRP A 3686 14.35 26.43 -30.63
CA TRP A 3686 15.63 26.06 -30.04
C TRP A 3686 15.74 24.54 -29.89
N MET A 3687 14.62 23.85 -29.80
CA MET A 3687 14.60 22.41 -29.57
C MET A 3687 14.48 21.62 -30.86
N SER A 3688 13.96 22.22 -31.92
CA SER A 3688 13.73 21.51 -33.18
C SER A 3688 15.02 21.13 -33.90
N ASP A 3689 16.12 21.82 -33.61
CA ASP A 3689 17.42 21.60 -34.22
C ASP A 3689 18.51 21.58 -33.15
N PHE A 3690 18.30 20.76 -32.12
CA PHE A 3690 19.16 20.73 -30.95
C PHE A 3690 20.58 20.30 -31.28
N LYS A 3691 20.78 19.02 -31.59
CA LYS A 3691 21.95 18.44 -32.27
C LYS A 3691 23.28 18.90 -31.66
N VAL A 3692 23.54 18.39 -30.44
CA VAL A 3692 24.70 18.80 -29.66
C VAL A 3692 26.01 18.48 -30.41
N GLU A 3693 27.02 19.32 -30.19
CA GLU A 3693 28.23 19.29 -31.00
C GLU A 3693 29.47 18.82 -30.22
N PHE A 3694 29.81 19.47 -29.12
CA PHE A 3694 31.00 19.12 -28.36
C PHE A 3694 30.76 19.43 -26.90
N LEU A 3695 31.84 19.54 -26.12
CA LEU A 3695 31.75 19.80 -24.68
C LEU A 3695 31.36 21.26 -24.47
N ARG A 3696 30.07 21.53 -24.59
CA ARG A 3696 29.50 22.86 -24.38
C ARG A 3696 28.34 22.78 -23.39
N ASN A 3697 28.60 22.11 -22.25
CA ASN A 3697 27.67 21.95 -21.13
C ASN A 3697 26.39 21.24 -21.56
N GLU A 3698 26.53 19.94 -21.85
CA GLU A 3698 25.41 19.08 -22.21
C GLU A 3698 24.33 19.09 -21.12
N LEU A 3699 23.09 18.82 -21.55
CA LEU A 3699 21.93 19.19 -20.75
C LEU A 3699 21.65 18.20 -19.62
N GLU A 3700 21.70 16.89 -19.91
CA GLU A 3700 21.36 15.81 -18.98
C GLU A 3700 19.94 15.93 -18.46
N ILE A 3701 18.97 15.51 -19.28
CA ILE A 3701 17.51 15.57 -19.08
C ILE A 3701 17.06 15.35 -17.64
N PRO A 3702 16.26 16.27 -17.08
CA PRO A 3702 16.02 16.26 -15.63
C PRO A 3702 15.11 15.12 -15.20
N GLY A 3703 15.26 14.72 -13.95
CA GLY A 3703 14.57 13.55 -13.46
C GLY A 3703 15.50 12.40 -13.08
N GLN A 3704 16.64 12.72 -12.49
CA GLN A 3704 17.48 11.76 -11.81
C GLN A 3704 17.94 12.39 -10.51
N TYR A 3705 18.98 11.82 -9.90
CA TYR A 3705 19.62 12.30 -8.66
C TYR A 3705 18.61 12.37 -7.51
N ASP A 3706 18.12 11.19 -7.10
CA ASP A 3706 17.14 11.11 -6.03
C ASP A 3706 17.69 10.29 -4.87
N GLY A 3707 18.49 10.95 -4.02
CA GLY A 3707 19.14 10.27 -2.91
C GLY A 3707 20.03 9.16 -3.42
N ARG A 3708 19.85 7.97 -2.86
CA ARG A 3708 20.15 6.68 -3.48
C ARG A 3708 21.64 6.53 -3.82
N GLY A 3709 22.47 6.60 -2.78
CA GLY A 3709 23.88 6.31 -2.92
C GLY A 3709 24.64 7.36 -3.72
N LYS A 3710 25.86 6.98 -4.13
CA LYS A 3710 26.71 7.85 -4.92
C LYS A 3710 26.36 7.70 -6.39
N PRO A 3711 25.88 8.74 -7.05
CA PRO A 3711 25.48 8.59 -8.45
C PRO A 3711 26.67 8.61 -9.40
N LEU A 3712 26.42 8.13 -10.62
CA LEU A 3712 27.41 8.06 -11.68
C LEU A 3712 26.95 8.98 -12.81
N PRO A 3713 27.39 10.24 -12.85
CA PRO A 3713 26.82 11.19 -13.82
C PRO A 3713 27.24 10.96 -15.25
N GLU A 3714 28.25 10.13 -15.51
CA GLU A 3714 28.64 9.84 -16.88
C GLU A 3714 27.69 8.87 -17.56
N TYR A 3715 27.07 7.96 -16.82
CA TYR A 3715 26.17 6.96 -17.37
C TYR A 3715 24.71 7.42 -17.38
N HIS A 3716 24.41 8.58 -16.81
CA HIS A 3716 23.05 9.11 -16.86
C HIS A 3716 22.70 9.49 -18.30
N VAL A 3717 21.41 9.38 -18.62
CA VAL A 3717 20.93 9.64 -19.97
C VAL A 3717 21.05 11.14 -20.25
N ARG A 3718 21.74 11.48 -21.32
CA ARG A 3718 21.78 12.84 -21.82
C ARG A 3718 20.81 12.95 -22.98
N ILE A 3719 20.12 14.08 -23.07
CA ILE A 3719 19.18 14.30 -24.15
C ILE A 3719 19.95 14.57 -25.43
N ALA A 3720 19.57 13.85 -26.49
CA ALA A 3720 20.28 13.92 -27.77
C ALA A 3720 19.29 14.06 -28.92
N GLY A 3721 18.23 14.81 -28.70
CA GLY A 3721 17.29 15.10 -29.77
C GLY A 3721 15.86 15.25 -29.28
N PHE A 3722 15.10 16.07 -30.00
CA PHE A 3722 13.68 16.22 -29.78
C PHE A 3722 12.94 15.52 -30.92
N ASP A 3723 11.61 15.56 -30.86
CA ASP A 3723 10.77 14.96 -31.89
C ASP A 3723 9.82 16.01 -32.42
N GLU A 3724 9.44 15.87 -33.68
CA GLU A 3724 8.69 16.91 -34.38
C GLU A 3724 7.18 16.72 -34.26
N ARG A 3725 6.69 16.60 -33.03
CA ARG A 3725 5.25 16.47 -32.80
C ARG A 3725 4.94 16.95 -31.39
N VAL A 3726 3.84 17.68 -31.25
CA VAL A 3726 3.31 18.07 -29.94
C VAL A 3726 1.86 17.59 -29.85
N THR A 3727 1.46 17.22 -28.64
CA THR A 3727 0.12 16.73 -28.36
C THR A 3727 -0.38 17.38 -27.08
N VAL A 3728 -1.50 18.09 -27.16
CA VAL A 3728 -2.05 18.81 -26.04
C VAL A 3728 -3.05 17.92 -25.33
N MET A 3729 -2.90 17.79 -24.01
CA MET A 3729 -3.85 17.01 -23.21
C MET A 3729 -5.10 17.83 -22.92
N ALA A 3730 -6.21 17.12 -22.72
CA ALA A 3730 -7.52 17.75 -22.55
C ALA A 3730 -7.76 18.05 -21.06
N SER A 3731 -7.73 19.33 -20.72
CA SER A 3731 -7.98 19.83 -19.38
C SER A 3731 -8.40 21.29 -19.52
N LEU A 3732 -8.31 22.05 -18.43
CA LEU A 3732 -8.46 23.50 -18.54
C LEU A 3732 -7.12 24.19 -18.73
N ARG A 3733 -6.04 23.61 -18.22
CA ARG A 3733 -4.73 24.24 -18.26
C ARG A 3733 -3.88 23.80 -19.45
N ARG A 3734 -4.28 22.74 -20.14
CA ARG A 3734 -3.72 22.23 -21.39
C ARG A 3734 -2.22 21.96 -21.34
N PRO A 3735 -1.76 20.90 -20.68
CA PRO A 3735 -0.33 20.58 -20.71
C PRO A 3735 0.06 20.04 -22.08
N LYS A 3736 1.37 19.97 -22.33
CA LYS A 3736 1.87 19.53 -23.63
C LYS A 3736 2.80 18.33 -23.48
N ARG A 3737 2.57 17.28 -24.27
CA ARG A 3737 3.38 16.07 -24.20
C ARG A 3737 4.44 16.09 -25.29
N ILE A 3738 5.70 15.88 -24.89
CA ILE A 3738 6.83 15.90 -25.81
C ILE A 3738 7.49 14.52 -25.81
N ILE A 3739 8.00 14.14 -26.98
CA ILE A 3739 8.31 12.75 -27.30
C ILE A 3739 9.82 12.65 -27.53
N ILE A 3740 10.61 13.28 -26.66
CA ILE A 3740 12.03 13.51 -26.95
C ILE A 3740 12.81 12.21 -26.94
N ARG A 3741 14.02 12.23 -27.50
CA ARG A 3741 14.83 11.03 -27.61
C ARG A 3741 16.03 11.13 -26.67
N GLY A 3742 16.68 9.99 -26.46
CA GLY A 3742 17.83 9.91 -25.59
C GLY A 3742 19.05 9.43 -26.37
N HIS A 3743 20.21 9.53 -25.71
CA HIS A 3743 21.43 9.07 -26.37
C HIS A 3743 21.60 7.56 -26.28
N ASP A 3744 20.71 6.87 -25.56
CA ASP A 3744 20.57 5.42 -25.62
C ASP A 3744 19.59 4.99 -26.71
N GLU A 3745 19.20 5.93 -27.58
CA GLU A 3745 18.26 5.73 -28.69
C GLU A 3745 16.89 5.23 -28.23
N ARG A 3746 16.52 5.54 -26.99
CA ARG A 3746 15.14 5.39 -26.54
C ARG A 3746 14.38 6.69 -26.80
N GLU A 3747 13.06 6.64 -26.61
CA GLU A 3747 12.23 7.84 -26.69
C GLU A 3747 11.44 7.99 -25.40
N HIS A 3748 11.72 9.07 -24.67
CA HIS A 3748 11.02 9.38 -23.45
C HIS A 3748 9.96 10.45 -23.72
N PRO A 3749 8.69 10.19 -23.41
CA PRO A 3749 7.71 11.26 -23.40
C PRO A 3749 7.58 11.88 -22.02
N PHE A 3750 7.29 13.17 -22.01
CA PHE A 3750 7.13 13.96 -20.80
C PHE A 3750 5.97 14.92 -21.00
N LEU A 3751 5.65 15.66 -19.95
CA LEU A 3751 4.52 16.58 -19.93
C LEU A 3751 4.96 17.92 -19.36
N VAL A 3752 4.73 18.97 -20.11
CA VAL A 3752 5.10 20.33 -19.75
C VAL A 3752 3.85 21.03 -19.22
N LYS A 3753 3.95 21.53 -17.99
CA LYS A 3753 2.90 22.30 -17.34
C LYS A 3753 3.49 23.65 -16.95
N GLY A 3754 3.03 24.72 -17.61
CA GLY A 3754 3.59 26.04 -17.42
C GLY A 3754 2.62 26.95 -16.67
N GLY A 3755 3.15 27.58 -15.62
CA GLY A 3755 2.40 28.53 -14.82
C GLY A 3755 2.11 28.07 -13.40
N GLU A 3756 2.17 26.77 -13.13
CA GLU A 3756 1.69 26.20 -11.89
C GLU A 3756 2.83 25.66 -11.06
N ASP A 3757 2.82 25.99 -9.77
CA ASP A 3757 3.85 25.56 -8.83
C ASP A 3757 3.67 24.07 -8.57
N LEU A 3758 4.52 23.25 -9.17
CA LEU A 3758 4.44 21.80 -9.03
C LEU A 3758 5.34 21.28 -7.92
N ARG A 3759 5.62 22.11 -6.90
CA ARG A 3759 6.47 21.63 -5.82
C ARG A 3759 5.70 20.71 -4.87
N GLN A 3760 4.43 21.01 -4.63
CA GLN A 3760 3.63 20.24 -3.68
C GLN A 3760 3.37 18.82 -4.15
N ASP A 3761 3.18 18.62 -5.46
CA ASP A 3761 3.06 17.27 -6.00
C ASP A 3761 4.35 16.49 -5.81
N GLN A 3762 5.50 17.14 -5.96
CA GLN A 3762 6.79 16.49 -5.71
C GLN A 3762 6.95 16.10 -4.24
N ARG A 3763 6.47 16.98 -3.34
CA ARG A 3763 6.52 16.69 -1.91
C ARG A 3763 5.65 15.50 -1.55
N VAL A 3764 4.41 15.48 -2.03
CA VAL A 3764 3.51 14.38 -1.68
C VAL A 3764 3.86 13.08 -2.41
N GLU A 3765 4.55 13.15 -3.55
CA GLU A 3765 5.03 11.90 -4.15
C GLU A 3765 6.24 11.38 -3.40
N GLN A 3766 7.05 12.26 -2.78
CA GLN A 3766 8.08 11.77 -1.86
C GLN A 3766 7.45 11.14 -0.62
N LEU A 3767 6.31 11.67 -0.18
CA LEU A 3767 5.54 11.04 0.89
C LEU A 3767 5.02 9.67 0.47
N PHE A 3768 4.56 9.54 -0.78
CA PHE A 3768 4.15 8.24 -1.30
C PHE A 3768 5.32 7.27 -1.40
N GLN A 3769 6.52 7.78 -1.68
CA GLN A 3769 7.70 6.93 -1.77
C GLN A 3769 8.08 6.36 -0.41
N VAL A 3770 8.10 7.20 0.64
CA VAL A 3770 8.38 6.67 1.97
C VAL A 3770 7.21 5.80 2.46
N MET A 3771 6.01 6.07 1.96
CA MET A 3771 4.83 5.27 2.29
C MET A 3771 4.93 3.85 1.75
N ASN A 3772 5.16 3.69 0.44
CA ASN A 3772 5.30 2.34 -0.08
C ASN A 3772 6.71 1.80 0.04
N GLY A 3773 7.59 2.50 0.75
CA GLY A 3773 8.78 1.86 1.27
C GLY A 3773 8.53 1.26 2.63
N ILE A 3774 7.61 1.85 3.40
CA ILE A 3774 7.27 1.26 4.69
C ILE A 3774 6.25 0.14 4.52
N LEU A 3775 5.53 0.11 3.38
CA LEU A 3775 4.67 -1.03 3.08
C LEU A 3775 5.49 -2.28 2.75
N ALA A 3776 6.55 -2.14 1.97
CA ALA A 3776 7.32 -3.29 1.50
C ALA A 3776 8.19 -3.91 2.58
N GLN A 3777 8.27 -3.30 3.76
CA GLN A 3777 8.96 -3.88 4.90
C GLN A 3777 8.03 -4.75 5.75
N ASP A 3778 6.73 -4.70 5.49
CA ASP A 3778 5.75 -5.52 6.20
C ASP A 3778 5.63 -6.87 5.52
N SER A 3779 5.36 -7.90 6.33
CA SER A 3779 5.29 -9.27 5.81
C SER A 3779 3.97 -9.54 5.10
N ALA A 3780 2.85 -9.25 5.78
CA ALA A 3780 1.53 -9.54 5.22
C ALA A 3780 1.15 -8.64 4.06
N CYS A 3781 1.89 -7.56 3.83
CA CYS A 3781 1.65 -6.70 2.67
C CYS A 3781 2.56 -7.07 1.51
N SER A 3782 3.82 -7.42 1.78
CA SER A 3782 4.70 -7.85 0.71
C SER A 3782 4.36 -9.25 0.20
N GLN A 3783 3.68 -10.07 1.02
CA GLN A 3783 3.19 -11.35 0.53
C GLN A 3783 2.04 -11.18 -0.47
N ARG A 3784 1.32 -10.06 -0.41
CA ARG A 3784 0.31 -9.74 -1.41
C ARG A 3784 0.80 -8.74 -2.44
N ALA A 3785 2.03 -8.26 -2.29
CA ALA A 3785 2.70 -7.29 -3.18
C ALA A 3785 1.91 -5.99 -3.28
N LEU A 3786 1.72 -5.36 -2.12
CA LEU A 3786 1.04 -4.08 -2.03
C LEU A 3786 2.07 -2.97 -2.18
N GLN A 3787 1.91 -2.13 -3.21
CA GLN A 3787 2.87 -1.09 -3.52
C GLN A 3787 2.16 -0.01 -4.32
N LEU A 3788 2.25 1.23 -3.85
CA LEU A 3788 1.62 2.35 -4.53
C LEU A 3788 2.40 2.71 -5.79
N ARG A 3789 1.68 3.20 -6.81
CA ARG A 3789 2.27 3.54 -8.10
C ARG A 3789 2.61 5.02 -8.13
N THR A 3790 3.89 5.33 -8.27
CA THR A 3790 4.39 6.69 -8.27
C THR A 3790 4.88 7.06 -9.66
N TYR A 3791 5.25 8.33 -9.81
CA TYR A 3791 5.90 8.81 -11.03
C TYR A 3791 6.85 9.94 -10.63
N SER A 3792 7.28 10.73 -11.60
CA SER A 3792 8.31 11.76 -11.38
C SER A 3792 7.76 13.13 -11.75
N VAL A 3793 7.99 14.10 -10.86
CA VAL A 3793 7.65 15.51 -11.08
C VAL A 3793 8.88 16.33 -10.76
N VAL A 3794 9.28 17.19 -11.70
CA VAL A 3794 10.43 18.07 -11.48
C VAL A 3794 10.00 19.53 -11.67
N PRO A 3795 10.08 20.35 -10.62
CA PRO A 3795 9.87 21.80 -10.77
C PRO A 3795 11.12 22.55 -11.18
N MET A 3796 11.36 22.75 -12.48
CA MET A 3796 12.63 23.30 -12.95
C MET A 3796 12.85 24.71 -12.45
N THR A 3797 11.89 25.60 -12.65
CA THR A 3797 11.79 26.84 -11.90
C THR A 3797 10.41 26.88 -11.27
N SER A 3798 10.10 27.96 -10.56
CA SER A 3798 8.72 28.20 -10.18
C SER A 3798 7.93 28.51 -11.44
N ARG A 3799 6.67 28.07 -11.46
CA ARG A 3799 5.73 28.16 -12.58
C ARG A 3799 6.23 27.44 -13.87
N LEU A 3800 7.21 26.55 -13.78
CA LEU A 3800 7.55 25.69 -14.91
C LEU A 3800 8.13 24.36 -14.43
N GLY A 3801 7.44 23.27 -14.78
CA GLY A 3801 7.88 21.94 -14.38
C GLY A 3801 7.76 20.90 -15.48
N LEU A 3802 7.96 19.63 -15.10
CA LEU A 3802 8.02 18.54 -16.06
C LEU A 3802 7.56 17.27 -15.35
N ILE A 3803 6.49 16.65 -15.85
CA ILE A 3803 5.90 15.46 -15.24
C ILE A 3803 6.06 14.27 -16.18
N GLU A 3804 6.30 13.10 -15.60
CA GLU A 3804 6.36 11.85 -16.37
C GLU A 3804 5.00 11.54 -16.98
N TRP A 3805 5.01 10.69 -18.01
CA TRP A 3805 3.80 10.29 -18.71
C TRP A 3805 3.71 8.78 -18.71
N LEU A 3806 2.50 8.26 -18.53
CA LEU A 3806 2.26 6.84 -18.33
C LEU A 3806 1.65 6.22 -19.59
N GLU A 3807 2.25 5.14 -20.08
CA GLU A 3807 1.90 4.56 -21.36
C GLU A 3807 0.72 3.60 -21.23
N ASN A 3808 -0.26 3.77 -22.12
CA ASN A 3808 -1.44 2.92 -22.24
C ASN A 3808 -2.23 2.87 -20.93
N THR A 3809 -2.72 4.03 -20.52
CA THR A 3809 -3.57 4.19 -19.35
C THR A 3809 -4.74 5.09 -19.74
N VAL A 3810 -5.93 4.74 -19.27
CA VAL A 3810 -7.14 5.51 -19.56
C VAL A 3810 -7.72 5.95 -18.22
N THR A 3811 -8.26 7.17 -18.17
CA THR A 3811 -8.92 7.64 -16.95
C THR A 3811 -10.20 6.83 -16.68
N LEU A 3812 -10.58 6.82 -15.39
CA LEU A 3812 -11.67 5.96 -14.93
C LEU A 3812 -13.01 6.39 -15.51
N LYS A 3813 -13.24 7.70 -15.61
CA LYS A 3813 -14.48 8.18 -16.21
C LYS A 3813 -14.55 7.83 -17.69
N ASP A 3814 -13.42 7.84 -18.39
CA ASP A 3814 -13.44 7.48 -19.80
C ASP A 3814 -13.62 5.98 -20.01
N LEU A 3815 -13.10 5.17 -19.09
CA LEU A 3815 -13.34 3.72 -19.14
C LEU A 3815 -14.82 3.41 -18.94
N LEU A 3816 -15.43 4.01 -17.91
CA LEU A 3816 -16.85 3.79 -17.66
C LEU A 3816 -17.73 4.42 -18.74
N LEU A 3817 -17.27 5.48 -19.39
CA LEU A 3817 -18.06 6.10 -20.44
C LEU A 3817 -17.93 5.39 -21.77
N ASN A 3818 -16.86 4.63 -21.99
CA ASN A 3818 -16.75 3.85 -23.21
C ASN A 3818 -17.19 2.41 -23.05
N THR A 3819 -17.48 1.96 -21.83
CA THR A 3819 -18.12 0.66 -21.67
C THR A 3819 -19.59 0.67 -22.12
N MET A 3820 -20.23 1.83 -22.09
CA MET A 3820 -21.66 1.94 -22.40
C MET A 3820 -21.94 1.68 -23.87
N SER A 3821 -23.23 1.70 -24.22
CA SER A 3821 -23.65 1.57 -25.60
C SER A 3821 -23.70 2.96 -26.24
N GLN A 3822 -24.26 3.06 -27.43
CA GLN A 3822 -24.32 4.33 -28.16
C GLN A 3822 -25.57 5.14 -27.87
N GLU A 3823 -26.61 4.51 -27.32
CA GLU A 3823 -27.89 5.17 -27.03
C GLU A 3823 -28.05 5.53 -25.56
N GLU A 3824 -27.67 4.62 -24.66
CA GLU A 3824 -27.76 4.90 -23.23
C GLU A 3824 -26.75 5.96 -22.79
N LYS A 3825 -25.71 6.22 -23.58
CA LYS A 3825 -24.83 7.35 -23.31
C LYS A 3825 -25.57 8.67 -23.48
N ALA A 3826 -26.35 8.80 -24.56
CA ALA A 3826 -27.16 9.99 -24.74
C ALA A 3826 -28.29 10.05 -23.73
N ALA A 3827 -28.82 8.89 -23.31
CA ALA A 3827 -29.86 8.89 -22.28
C ALA A 3827 -29.29 9.25 -20.91
N TYR A 3828 -28.01 8.99 -20.67
CA TYR A 3828 -27.37 9.36 -19.41
C TYR A 3828 -26.90 10.80 -19.41
N LEU A 3829 -26.46 11.32 -20.56
CA LEU A 3829 -25.88 12.66 -20.60
C LEU A 3829 -26.92 13.75 -20.88
N SER A 3830 -27.91 13.48 -21.74
CA SER A 3830 -28.87 14.48 -22.17
C SER A 3830 -30.28 13.94 -22.00
N ASP A 3831 -30.84 14.11 -20.80
CA ASP A 3831 -32.22 13.74 -20.49
C ASP A 3831 -32.61 14.46 -19.21
N PRO A 3832 -33.90 14.79 -19.03
CA PRO A 3832 -34.31 15.38 -17.76
C PRO A 3832 -34.23 14.43 -16.58
N ARG A 3833 -34.44 13.14 -16.79
CA ARG A 3833 -34.35 12.15 -15.72
C ARG A 3833 -32.94 11.59 -15.54
N ALA A 3834 -31.95 12.23 -16.15
CA ALA A 3834 -30.57 11.83 -15.97
C ALA A 3834 -30.10 12.15 -14.54
N PRO A 3835 -29.20 11.36 -13.99
CA PRO A 3835 -28.65 11.64 -12.65
C PRO A 3835 -27.90 12.98 -12.54
N PRO A 3836 -27.33 13.56 -13.62
CA PRO A 3836 -26.93 14.98 -13.49
C PRO A 3836 -28.08 15.94 -13.26
N CYS A 3837 -29.09 15.95 -14.13
CA CYS A 3837 -30.13 16.98 -14.06
C CYS A 3837 -31.10 16.76 -12.91
N GLU A 3838 -31.28 15.50 -12.48
CA GLU A 3838 -32.21 15.22 -11.39
C GLU A 3838 -31.68 15.74 -10.06
N TYR A 3839 -30.36 15.74 -9.89
CA TYR A 3839 -29.77 16.31 -8.66
C TYR A 3839 -29.96 17.82 -8.61
N LYS A 3840 -29.87 18.50 -9.76
CA LYS A 3840 -30.10 19.94 -9.79
C LYS A 3840 -31.57 20.28 -9.57
N ASP A 3841 -32.47 19.47 -10.11
CA ASP A 3841 -33.89 19.65 -9.84
C ASP A 3841 -34.22 19.39 -8.38
N TRP A 3842 -33.55 18.41 -7.77
CA TRP A 3842 -33.77 18.11 -6.37
C TRP A 3842 -33.25 19.21 -5.46
N LEU A 3843 -32.09 19.78 -5.80
CA LEU A 3843 -31.55 20.89 -5.01
C LEU A 3843 -32.35 22.17 -5.22
N THR A 3844 -33.00 22.31 -6.38
CA THR A 3844 -33.92 23.43 -6.57
C THR A 3844 -35.17 23.23 -5.74
N LYS A 3845 -35.65 21.99 -5.63
CA LYS A 3845 -36.85 21.71 -4.86
C LYS A 3845 -36.63 21.85 -3.36
N MET A 3846 -35.49 21.38 -2.84
CA MET A 3846 -35.32 21.34 -1.39
C MET A 3846 -34.92 22.69 -0.80
N SER A 3847 -34.27 23.56 -1.57
CA SER A 3847 -33.78 24.82 -1.02
C SER A 3847 -34.46 26.04 -1.63
N GLY A 3848 -34.44 26.17 -2.96
CA GLY A 3848 -35.10 27.29 -3.60
C GLY A 3848 -34.21 28.04 -4.57
N LYS A 3849 -32.93 28.17 -4.23
CA LYS A 3849 -31.97 28.86 -5.07
C LYS A 3849 -31.32 27.90 -6.04
N HIS A 3850 -30.89 28.42 -7.19
CA HIS A 3850 -30.39 27.61 -8.30
C HIS A 3850 -28.88 27.74 -8.47
N ASP A 3851 -28.14 27.83 -7.37
CA ASP A 3851 -26.69 27.95 -7.44
C ASP A 3851 -26.07 27.33 -6.18
N VAL A 3852 -24.76 27.48 -6.05
CA VAL A 3852 -24.08 27.07 -4.83
C VAL A 3852 -24.48 28.02 -3.70
N GLY A 3853 -24.83 27.44 -2.55
CA GLY A 3853 -25.54 28.13 -1.49
C GLY A 3853 -26.87 27.49 -1.18
N ALA A 3854 -27.45 26.79 -2.16
CA ALA A 3854 -28.57 25.89 -1.91
C ALA A 3854 -28.15 24.68 -1.09
N TYR A 3855 -26.86 24.33 -1.12
CA TYR A 3855 -26.35 23.30 -0.22
C TYR A 3855 -26.44 23.72 1.23
N MET A 3856 -26.30 25.03 1.51
CA MET A 3856 -26.38 25.52 2.88
C MET A 3856 -27.79 25.46 3.43
N LEU A 3857 -28.81 25.49 2.56
CA LEU A 3857 -30.20 25.42 2.97
C LEU A 3857 -30.78 24.02 2.82
N MET A 3858 -30.12 23.14 2.07
CA MET A 3858 -30.57 21.75 1.95
C MET A 3858 -30.25 20.94 3.21
N TYR A 3859 -29.25 21.36 3.98
CA TYR A 3859 -28.94 20.66 5.22
C TYR A 3859 -29.97 20.92 6.32
N LYS A 3860 -30.77 21.99 6.18
CA LYS A 3860 -31.79 22.32 7.15
C LYS A 3860 -33.21 22.15 6.64
N GLY A 3861 -33.40 21.96 5.33
CA GLY A 3861 -34.71 21.78 4.75
C GLY A 3861 -35.08 20.34 4.43
N ALA A 3862 -34.26 19.37 4.81
CA ALA A 3862 -34.52 17.96 4.51
C ALA A 3862 -34.13 17.09 5.70
N ASN A 3863 -34.86 16.00 5.86
CA ASN A 3863 -34.57 14.99 6.88
C ASN A 3863 -33.85 13.82 6.22
N ARG A 3864 -33.68 12.72 6.96
CA ARG A 3864 -32.85 11.62 6.47
C ARG A 3864 -33.56 10.81 5.38
N THR A 3865 -34.83 10.46 5.61
CA THR A 3865 -35.49 9.42 4.82
C THR A 3865 -35.76 9.87 3.39
N GLU A 3866 -36.11 11.16 3.22
CA GLU A 3866 -36.37 11.68 1.89
C GLU A 3866 -35.13 11.67 1.02
N THR A 3867 -33.98 12.08 1.58
CA THR A 3867 -32.74 12.07 0.83
C THR A 3867 -32.26 10.65 0.54
N VAL A 3868 -32.47 9.71 1.49
CA VAL A 3868 -32.04 8.34 1.27
C VAL A 3868 -32.86 7.69 0.15
N THR A 3869 -34.19 7.85 0.17
CA THR A 3869 -35.02 7.28 -0.89
C THR A 3869 -34.76 7.96 -2.23
N SER A 3870 -34.50 9.27 -2.23
CA SER A 3870 -34.20 9.94 -3.49
C SER A 3870 -32.86 9.54 -4.07
N PHE A 3871 -31.88 9.26 -3.20
CA PHE A 3871 -30.57 8.81 -3.66
C PHE A 3871 -30.66 7.40 -4.24
N ARG A 3872 -31.45 6.52 -3.61
CA ARG A 3872 -31.67 5.19 -4.18
C ARG A 3872 -32.39 5.26 -5.52
N LYS A 3873 -33.39 6.16 -5.62
CA LYS A 3873 -34.14 6.30 -6.85
C LYS A 3873 -33.30 6.87 -7.99
N ARG A 3874 -32.34 7.76 -7.69
CA ARG A 3874 -31.53 8.32 -8.76
C ARG A 3874 -30.27 7.50 -9.05
N GLU A 3875 -29.84 6.63 -8.14
CA GLU A 3875 -28.73 5.74 -8.43
C GLU A 3875 -29.17 4.40 -8.98
N SER A 3876 -30.47 4.10 -8.98
CA SER A 3876 -30.99 2.94 -9.69
C SER A 3876 -31.31 3.25 -11.15
N LYS A 3877 -30.70 4.26 -11.74
CA LYS A 3877 -30.90 4.60 -13.13
C LYS A 3877 -29.66 4.41 -14.00
N VAL A 3878 -28.48 4.33 -13.40
CA VAL A 3878 -27.26 4.02 -14.14
C VAL A 3878 -27.17 2.51 -14.25
N PRO A 3879 -26.55 1.96 -15.31
CA PRO A 3879 -26.44 0.50 -15.42
C PRO A 3879 -25.49 -0.08 -14.38
N ALA A 3880 -25.95 -1.11 -13.69
CA ALA A 3880 -25.21 -1.67 -12.57
C ALA A 3880 -23.99 -2.47 -13.01
N ASP A 3881 -24.06 -3.10 -14.17
CA ASP A 3881 -22.95 -3.90 -14.70
C ASP A 3881 -22.14 -3.08 -15.70
N LEU A 3882 -21.48 -2.06 -15.17
CA LEU A 3882 -20.67 -1.16 -15.99
C LEU A 3882 -19.18 -1.39 -15.86
N LEU A 3883 -18.71 -1.95 -14.75
CA LEU A 3883 -17.30 -2.26 -14.61
C LEU A 3883 -17.00 -3.73 -14.89
N LYS A 3884 -17.94 -4.62 -14.58
CA LYS A 3884 -17.82 -6.02 -14.97
C LYS A 3884 -17.86 -6.18 -16.48
N ARG A 3885 -18.69 -5.38 -17.15
CA ARG A 3885 -18.76 -5.40 -18.61
C ARG A 3885 -17.45 -4.94 -19.23
N ALA A 3886 -16.79 -3.94 -18.62
CA ALA A 3886 -15.49 -3.48 -19.12
C ALA A 3886 -14.41 -4.52 -18.88
N PHE A 3887 -14.46 -5.21 -17.75
CA PHE A 3887 -13.45 -6.21 -17.49
C PHE A 3887 -13.74 -7.55 -18.16
N VAL A 3888 -14.92 -7.73 -18.76
CA VAL A 3888 -15.21 -8.94 -19.52
C VAL A 3888 -15.21 -8.69 -21.02
N ARG A 3889 -15.22 -7.43 -21.46
CA ARG A 3889 -15.15 -7.13 -22.88
C ARG A 3889 -13.75 -7.33 -23.42
N MET A 3890 -12.74 -7.05 -22.61
CA MET A 3890 -11.35 -7.04 -23.07
C MET A 3890 -10.52 -8.19 -22.52
N SER A 3891 -11.13 -9.17 -21.86
CA SER A 3891 -10.37 -10.17 -21.12
C SER A 3891 -10.14 -11.46 -21.88
N THR A 3892 -11.11 -11.86 -22.72
CA THR A 3892 -11.12 -12.99 -23.67
C THR A 3892 -11.05 -14.38 -23.02
N SER A 3893 -10.92 -14.45 -21.69
CA SER A 3893 -10.77 -15.73 -21.02
C SER A 3893 -11.23 -15.67 -19.58
N PRO A 3894 -11.86 -16.74 -19.06
CA PRO A 3894 -12.24 -16.76 -17.65
C PRO A 3894 -11.05 -16.85 -16.71
N GLU A 3895 -9.90 -17.33 -17.18
CA GLU A 3895 -8.70 -17.36 -16.38
C GLU A 3895 -7.95 -16.03 -16.39
N ALA A 3896 -8.39 -15.07 -17.22
CA ALA A 3896 -7.86 -13.71 -17.21
C ALA A 3896 -8.81 -12.72 -16.58
N PHE A 3897 -10.11 -13.04 -16.52
CA PHE A 3897 -11.06 -12.19 -15.81
C PHE A 3897 -10.72 -12.06 -14.33
N LEU A 3898 -10.30 -13.16 -13.70
CA LEU A 3898 -9.93 -13.16 -12.29
C LEU A 3898 -8.72 -12.26 -12.05
N ALA A 3899 -7.74 -12.31 -12.95
CA ALA A 3899 -6.53 -11.52 -12.80
C ALA A 3899 -6.79 -10.05 -13.04
N LEU A 3900 -7.66 -9.72 -13.99
CA LEU A 3900 -7.98 -8.31 -14.23
C LEU A 3900 -8.93 -7.74 -13.19
N ARG A 3901 -9.63 -8.56 -12.42
CA ARG A 3901 -10.52 -8.00 -11.39
C ARG A 3901 -9.83 -7.89 -10.03
N SER A 3902 -9.03 -8.89 -9.63
CA SER A 3902 -8.40 -8.83 -8.31
C SER A 3902 -7.34 -7.74 -8.22
N HIS A 3903 -6.70 -7.39 -9.34
CA HIS A 3903 -5.70 -6.33 -9.33
C HIS A 3903 -6.34 -4.97 -9.15
N PHE A 3904 -7.47 -4.72 -9.83
CA PHE A 3904 -8.24 -3.50 -9.65
C PHE A 3904 -8.72 -3.37 -8.21
N ALA A 3905 -9.16 -4.48 -7.62
CA ALA A 3905 -9.64 -4.46 -6.24
C ALA A 3905 -8.52 -4.12 -5.25
N SER A 3906 -7.36 -4.77 -5.39
CA SER A 3906 -6.26 -4.51 -4.46
C SER A 3906 -5.71 -3.11 -4.61
N SER A 3907 -5.56 -2.62 -5.86
CA SER A 3907 -5.02 -1.29 -6.06
C SER A 3907 -5.97 -0.19 -5.59
N HIS A 3908 -7.28 -0.37 -5.81
CA HIS A 3908 -8.21 0.64 -5.33
C HIS A 3908 -8.34 0.63 -3.81
N ALA A 3909 -8.24 -0.54 -3.18
CA ALA A 3909 -8.28 -0.57 -1.72
C ALA A 3909 -7.05 0.07 -1.11
N LEU A 3910 -5.88 -0.11 -1.74
CA LEU A 3910 -4.66 0.51 -1.23
C LEU A 3910 -4.69 2.02 -1.37
N ILE A 3911 -5.16 2.55 -2.51
CA ILE A 3911 -5.17 4.01 -2.61
C ILE A 3911 -6.31 4.61 -1.78
N CYS A 3912 -7.38 3.85 -1.52
CA CYS A 3912 -8.44 4.33 -0.64
C CYS A 3912 -7.97 4.47 0.80
N ILE A 3913 -7.18 3.51 1.30
CA ILE A 3913 -6.67 3.68 2.65
C ILE A 3913 -5.52 4.68 2.69
N SER A 3914 -4.74 4.82 1.61
CA SER A 3914 -3.58 5.70 1.65
C SER A 3914 -3.90 7.17 1.44
N HIS A 3915 -5.03 7.49 0.81
CA HIS A 3915 -5.47 8.87 0.68
C HIS A 3915 -6.28 9.34 1.89
N TRP A 3916 -6.15 8.67 3.04
CA TRP A 3916 -6.88 9.03 4.26
C TRP A 3916 -5.97 9.44 5.40
N ILE A 3917 -4.76 8.88 5.49
CA ILE A 3917 -3.83 9.25 6.57
C ILE A 3917 -3.37 10.69 6.38
N LEU A 3918 -2.74 10.97 5.25
CA LEU A 3918 -2.54 12.33 4.78
C LEU A 3918 -3.80 12.71 3.98
N GLY A 3919 -4.70 13.45 4.62
CA GLY A 3919 -6.07 13.53 4.16
C GLY A 3919 -6.30 14.24 2.83
N ILE A 3920 -6.57 13.47 1.79
CA ILE A 3920 -6.72 13.99 0.44
C ILE A 3920 -8.19 13.90 0.05
N GLY A 3921 -8.76 15.01 -0.35
CA GLY A 3921 -10.09 15.06 -0.90
C GLY A 3921 -10.07 15.09 -2.41
N ASP A 3922 -11.19 15.55 -2.99
CA ASP A 3922 -11.34 15.86 -4.41
C ASP A 3922 -11.12 14.64 -5.30
N ARG A 3923 -11.46 13.44 -4.81
CA ARG A 3923 -11.20 12.19 -5.53
C ARG A 3923 -12.31 11.89 -6.54
N HIS A 3924 -12.50 12.80 -7.49
CA HIS A 3924 -13.56 12.64 -8.47
C HIS A 3924 -13.11 11.66 -9.55
N LEU A 3925 -13.89 11.52 -10.62
CA LEU A 3925 -13.71 10.42 -11.55
C LEU A 3925 -12.55 10.60 -12.52
N ASN A 3926 -11.80 11.69 -12.45
CA ASN A 3926 -10.66 11.91 -13.34
C ASN A 3926 -9.32 11.78 -12.65
N ASN A 3927 -9.30 11.61 -11.33
CA ASN A 3927 -8.06 11.45 -10.58
C ASN A 3927 -7.62 10.00 -10.49
N PHE A 3928 -8.27 9.11 -11.23
CA PHE A 3928 -7.90 7.70 -11.27
C PHE A 3928 -7.62 7.33 -12.71
N MET A 3929 -6.48 6.70 -12.95
CA MET A 3929 -6.13 6.20 -14.28
C MET A 3929 -5.89 4.70 -14.19
N VAL A 3930 -6.65 3.94 -14.96
CA VAL A 3930 -6.50 2.50 -15.00
C VAL A 3930 -5.47 2.14 -16.07
N ALA A 3931 -4.72 1.07 -15.77
CA ALA A 3931 -3.69 0.53 -16.66
C ALA A 3931 -4.31 -0.59 -17.47
N MET A 3932 -4.64 -0.31 -18.73
CA MET A 3932 -5.52 -1.16 -19.52
C MET A 3932 -4.88 -2.45 -19.99
N GLU A 3933 -3.65 -2.76 -19.62
CA GLU A 3933 -3.10 -4.08 -19.89
C GLU A 3933 -3.09 -4.99 -18.67
N THR A 3934 -3.10 -4.44 -17.45
CA THR A 3934 -3.13 -5.24 -16.25
C THR A 3934 -4.24 -4.87 -15.26
N GLY A 3935 -4.95 -3.76 -15.48
CA GLY A 3935 -6.04 -3.38 -14.61
C GLY A 3935 -5.61 -2.91 -13.24
N GLY A 3936 -4.98 -1.75 -13.16
CA GLY A 3936 -4.60 -1.17 -11.88
C GLY A 3936 -4.71 0.33 -11.94
N VAL A 3937 -5.15 0.93 -10.83
CA VAL A 3937 -5.44 2.36 -10.79
C VAL A 3937 -4.22 3.15 -10.33
N ILE A 3938 -4.10 4.38 -10.84
CA ILE A 3938 -3.07 5.33 -10.42
C ILE A 3938 -3.78 6.50 -9.77
N GLY A 3939 -3.14 7.11 -8.78
CA GLY A 3939 -3.65 8.31 -8.12
C GLY A 3939 -2.82 9.53 -8.48
N ILE A 3940 -3.51 10.61 -8.86
CA ILE A 3940 -2.88 11.84 -9.32
C ILE A 3940 -3.53 13.03 -8.62
N ASP A 3941 -3.06 14.24 -8.98
CA ASP A 3941 -3.75 15.52 -8.79
C ASP A 3941 -3.99 15.84 -7.30
N PHE A 3942 -2.88 16.05 -6.58
CA PHE A 3942 -2.92 16.26 -5.13
C PHE A 3942 -2.94 17.75 -4.78
N GLY A 3943 -4.08 18.38 -5.06
CA GLY A 3943 -4.27 19.77 -4.71
C GLY A 3943 -4.57 19.97 -3.23
N HIS A 3944 -5.32 19.04 -2.64
CA HIS A 3944 -5.64 19.03 -1.22
C HIS A 3944 -4.78 17.96 -0.56
N ALA A 3945 -3.83 18.37 0.26
CA ALA A 3945 -2.86 17.46 0.86
C ALA A 3945 -3.27 17.01 2.25
N PHE A 3946 -3.51 17.96 3.15
CA PHE A 3946 -4.14 17.65 4.42
C PHE A 3946 -5.59 18.11 4.32
N GLY A 3947 -6.31 18.07 5.43
CA GLY A 3947 -7.74 18.29 5.37
C GLY A 3947 -8.10 19.72 5.01
N SER A 3948 -8.46 19.91 3.75
CA SER A 3948 -8.80 21.23 3.22
C SER A 3948 -10.01 21.24 2.32
N ALA A 3949 -10.38 20.10 1.71
CA ALA A 3949 -11.60 20.03 0.92
C ALA A 3949 -12.84 20.15 1.80
N THR A 3950 -12.75 19.70 3.05
CA THR A 3950 -13.82 19.87 4.02
C THR A 3950 -13.71 21.15 4.81
N GLN A 3951 -12.52 21.76 4.85
CA GLN A 3951 -12.30 22.89 5.75
C GLN A 3951 -12.41 24.23 5.04
N PHE A 3952 -12.08 24.29 3.75
CA PHE A 3952 -12.06 25.56 3.04
C PHE A 3952 -13.00 25.64 1.86
N LEU A 3953 -13.48 24.53 1.32
CA LEU A 3953 -14.53 24.64 0.32
C LEU A 3953 -15.85 25.01 0.99
N PRO A 3954 -16.77 25.67 0.25
CA PRO A 3954 -18.07 26.00 0.82
C PRO A 3954 -18.91 24.79 1.20
N VAL A 3955 -19.17 23.91 0.24
CA VAL A 3955 -19.80 22.62 0.51
C VAL A 3955 -18.70 21.60 0.79
N PRO A 3956 -18.63 21.03 1.98
CA PRO A 3956 -17.47 20.24 2.37
C PRO A 3956 -17.51 18.84 1.77
N GLU A 3957 -16.46 18.09 2.00
CA GLU A 3957 -16.40 16.67 1.66
C GLU A 3957 -16.37 15.90 2.97
N LEU A 3958 -17.46 15.22 3.29
CA LEU A 3958 -17.58 14.49 4.54
C LEU A 3958 -17.18 13.02 4.44
N MET A 3959 -16.99 12.51 3.23
CA MET A 3959 -16.61 11.12 3.03
C MET A 3959 -15.10 10.95 3.16
N PRO A 3960 -14.63 9.77 3.58
CA PRO A 3960 -13.18 9.56 3.65
C PRO A 3960 -12.55 9.30 2.29
N PHE A 3961 -13.24 8.56 1.43
CA PHE A 3961 -12.72 8.22 0.11
C PHE A 3961 -13.90 7.91 -0.81
N ARG A 3962 -13.59 7.32 -1.96
CA ARG A 3962 -14.60 6.99 -2.98
C ARG A 3962 -14.81 5.49 -3.00
N LEU A 3963 -15.97 5.04 -2.51
CA LEU A 3963 -16.41 3.65 -2.59
C LEU A 3963 -17.88 3.68 -3.00
N THR A 3964 -18.13 3.77 -4.29
CA THR A 3964 -19.46 4.01 -4.82
C THR A 3964 -20.11 2.70 -5.26
N ARG A 3965 -21.19 2.82 -6.05
CA ARG A 3965 -22.00 1.67 -6.42
C ARG A 3965 -21.26 0.73 -7.37
N GLN A 3966 -20.48 1.26 -8.31
CA GLN A 3966 -19.81 0.42 -9.29
C GLN A 3966 -18.72 -0.44 -8.66
N PHE A 3967 -17.98 0.15 -7.70
CA PHE A 3967 -17.00 -0.61 -6.92
C PHE A 3967 -17.65 -1.66 -6.03
N ILE A 3968 -18.92 -1.50 -5.70
CA ILE A 3968 -19.64 -2.50 -4.91
C ILE A 3968 -20.15 -3.62 -5.80
N ASN A 3969 -20.81 -3.27 -6.91
CA ASN A 3969 -21.38 -4.24 -7.82
C ASN A 3969 -20.36 -4.93 -8.72
N LEU A 3970 -19.09 -4.55 -8.66
CA LEU A 3970 -18.08 -5.35 -9.33
C LEU A 3970 -17.86 -6.69 -8.64
N MET A 3971 -18.05 -6.75 -7.32
CA MET A 3971 -17.67 -7.92 -6.53
C MET A 3971 -18.79 -8.90 -6.28
N LEU A 3972 -19.92 -8.78 -6.99
CA LEU A 3972 -21.06 -9.65 -6.72
C LEU A 3972 -20.81 -11.07 -7.22
N PRO A 3973 -21.33 -12.09 -6.52
CA PRO A 3973 -22.16 -12.12 -5.32
C PRO A 3973 -21.40 -12.04 -3.99
N MET A 3974 -20.09 -11.86 -4.01
CA MET A 3974 -19.36 -11.67 -2.77
C MET A 3974 -19.61 -10.27 -2.21
N LYS A 3975 -19.27 -10.09 -0.94
CA LYS A 3975 -19.54 -8.83 -0.25
C LYS A 3975 -18.25 -8.06 -0.03
N GLU A 3976 -18.41 -6.85 0.51
CA GLU A 3976 -17.29 -5.95 0.75
C GLU A 3976 -16.47 -6.33 1.97
N THR A 3977 -16.87 -7.36 2.71
CA THR A 3977 -16.14 -7.87 3.86
C THR A 3977 -15.06 -8.88 3.47
N GLY A 3978 -14.64 -8.89 2.21
CA GLY A 3978 -13.63 -9.82 1.76
C GLY A 3978 -12.32 -9.17 1.38
N LEU A 3979 -12.14 -8.95 0.08
CA LEU A 3979 -10.84 -8.57 -0.46
C LEU A 3979 -10.48 -7.13 -0.08
N MET A 3980 -11.39 -6.17 -0.35
CA MET A 3980 -11.11 -4.78 -0.05
C MET A 3980 -10.97 -4.55 1.45
N TYR A 3981 -11.78 -5.24 2.24
CA TYR A 3981 -11.70 -5.15 3.70
C TYR A 3981 -10.36 -5.65 4.21
N SER A 3982 -9.89 -6.80 3.70
CA SER A 3982 -8.63 -7.36 4.17
C SER A 3982 -7.43 -6.50 3.73
N ILE A 3983 -7.49 -5.95 2.51
CA ILE A 3983 -6.39 -5.11 2.04
C ILE A 3983 -6.32 -3.81 2.83
N MET A 3984 -7.48 -3.19 3.11
CA MET A 3984 -7.50 -1.95 3.89
C MET A 3984 -7.03 -2.16 5.32
N VAL A 3985 -7.43 -3.28 5.94
CA VAL A 3985 -7.01 -3.56 7.31
C VAL A 3985 -5.52 -3.85 7.38
N HIS A 3986 -4.98 -4.60 6.41
CA HIS A 3986 -3.55 -4.92 6.42
C HIS A 3986 -2.69 -3.69 6.15
N ALA A 3987 -3.13 -2.82 5.25
CA ALA A 3987 -2.36 -1.60 4.99
C ALA A 3987 -2.43 -0.63 6.15
N LEU A 3988 -3.58 -0.52 6.83
CA LEU A 3988 -3.65 0.38 7.97
C LEU A 3988 -2.83 -0.13 9.14
N ARG A 3989 -2.79 -1.45 9.35
CA ARG A 3989 -1.91 -1.97 10.40
C ARG A 3989 -0.44 -1.84 10.01
N ALA A 3990 -0.13 -1.82 8.72
CA ALA A 3990 1.23 -1.49 8.30
C ALA A 3990 1.58 -0.04 8.58
N PHE A 3991 0.61 0.86 8.41
CA PHE A 3991 0.88 2.28 8.61
C PHE A 3991 1.06 2.62 10.08
N ARG A 3992 0.12 2.23 10.94
CA ARG A 3992 0.23 2.69 12.33
C ARG A 3992 0.97 1.70 13.23
N SER A 3993 2.16 1.26 12.79
CA SER A 3993 3.08 0.52 13.65
C SER A 3993 4.52 0.99 13.40
N ASP A 3994 4.72 2.29 13.29
CA ASP A 3994 5.98 2.89 12.86
C ASP A 3994 6.69 3.60 14.01
N PRO A 3995 8.00 3.83 13.90
CA PRO A 3995 8.67 4.70 14.88
C PRO A 3995 8.32 6.16 14.74
N GLY A 3996 7.72 6.58 13.63
CA GLY A 3996 7.37 7.97 13.43
C GLY A 3996 8.01 8.61 12.23
N LEU A 3997 8.28 7.83 11.18
CA LEU A 3997 8.85 8.39 9.97
C LEU A 3997 7.83 9.19 9.19
N LEU A 3998 6.60 8.69 9.11
CA LEU A 3998 5.57 9.36 8.31
C LEU A 3998 5.09 10.64 8.99
N THR A 3999 5.00 10.62 10.32
CA THR A 3999 4.61 11.83 11.05
C THR A 3999 5.68 12.91 10.94
N ASN A 4000 6.96 12.52 11.00
CA ASN A 4000 8.05 13.47 10.86
C ASN A 4000 8.09 14.05 9.45
N THR A 4001 7.90 13.21 8.42
CA THR A 4001 7.94 13.72 7.06
C THR A 4001 6.72 14.60 6.76
N MET A 4002 5.56 14.30 7.33
CA MET A 4002 4.41 15.17 7.14
C MET A 4002 4.57 16.48 7.89
N ASP A 4003 5.24 16.45 9.05
CA ASP A 4003 5.53 17.65 9.81
C ASP A 4003 6.48 18.57 9.05
N VAL A 4004 7.54 18.00 8.46
CA VAL A 4004 8.45 18.75 7.61
C VAL A 4004 7.73 19.27 6.35
N PHE A 4005 6.76 18.50 5.85
CA PHE A 4005 6.01 18.92 4.67
C PHE A 4005 5.13 20.13 4.97
N VAL A 4006 4.50 20.18 6.14
CA VAL A 4006 3.61 21.32 6.42
C VAL A 4006 4.35 22.52 6.98
N LYS A 4007 5.51 22.34 7.61
CA LYS A 4007 6.26 23.47 8.13
C LYS A 4007 7.30 24.01 7.15
N GLU A 4008 7.11 23.74 5.86
CA GLU A 4008 8.00 24.26 4.82
C GLU A 4008 7.39 25.54 4.28
N PRO A 4009 8.00 26.71 4.53
CA PRO A 4009 7.33 27.98 4.19
C PRO A 4009 7.29 28.28 2.70
N SER A 4010 6.34 27.68 1.99
CA SER A 4010 6.12 28.01 0.59
C SER A 4010 4.65 28.07 0.23
N PHE A 4011 3.74 27.93 1.20
CA PHE A 4011 2.32 27.87 0.92
C PHE A 4011 1.49 28.60 1.97
N ASP A 4012 2.00 29.69 2.54
CA ASP A 4012 1.38 30.31 3.71
C ASP A 4012 0.09 31.04 3.35
N TRP A 4013 -0.91 30.27 2.91
CA TRP A 4013 -2.26 30.60 2.44
C TRP A 4013 -2.24 31.32 1.09
N LYS A 4014 -1.09 31.83 0.66
CA LYS A 4014 -1.03 32.64 -0.55
C LYS A 4014 -0.91 31.76 -1.78
N ASN A 4015 -0.01 30.77 -1.74
CA ASN A 4015 0.03 29.75 -2.78
C ASN A 4015 -1.26 28.95 -2.83
N PHE A 4016 -1.88 28.73 -1.66
CA PHE A 4016 -3.17 28.06 -1.58
C PHE A 4016 -4.25 28.82 -2.34
N GLU A 4017 -4.41 30.11 -2.04
CA GLU A 4017 -5.45 30.89 -2.71
C GLU A 4017 -5.10 31.14 -4.18
N GLN A 4018 -3.82 31.15 -4.55
CA GLN A 4018 -3.46 31.30 -5.95
C GLN A 4018 -3.79 30.05 -6.75
N LYS A 4019 -3.45 28.87 -6.22
CA LYS A 4019 -3.76 27.65 -6.95
C LYS A 4019 -5.25 27.33 -6.92
N MET A 4020 -5.99 27.82 -5.92
CA MET A 4020 -7.44 27.69 -5.99
C MET A 4020 -8.05 28.74 -6.90
N LEU A 4021 -7.37 29.86 -7.12
CA LEU A 4021 -7.84 30.85 -8.08
C LEU A 4021 -7.63 30.39 -9.52
N LYS A 4022 -6.56 29.65 -9.78
CA LYS A 4022 -6.22 29.26 -11.15
C LYS A 4022 -7.17 28.21 -11.73
N LYS A 4023 -8.05 27.63 -10.94
CA LYS A 4023 -9.14 26.79 -11.43
C LYS A 4023 -10.45 27.34 -10.89
N GLY A 4024 -11.34 27.77 -11.78
CA GLY A 4024 -12.57 28.38 -11.35
C GLY A 4024 -13.68 27.38 -11.06
N GLY A 4025 -13.84 27.04 -9.78
CA GLY A 4025 -14.85 26.08 -9.37
C GLY A 4025 -15.85 26.66 -8.40
N SER A 4026 -15.76 26.26 -7.13
CA SER A 4026 -16.67 26.69 -6.09
C SER A 4026 -16.05 27.67 -5.09
N TRP A 4027 -14.76 27.52 -4.78
CA TRP A 4027 -14.09 28.42 -3.86
C TRP A 4027 -13.81 29.74 -4.57
N ILE A 4028 -14.44 30.82 -4.08
CA ILE A 4028 -14.28 32.15 -4.66
C ILE A 4028 -14.40 33.19 -3.56
N GLN A 4029 -13.41 34.09 -3.48
CA GLN A 4029 -13.45 35.35 -2.72
C GLN A 4029 -13.69 35.12 -1.22
N GLU A 4030 -12.69 34.51 -0.58
CA GLU A 4030 -12.75 34.26 0.87
C GLU A 4030 -11.38 34.54 1.49
N ILE A 4031 -11.19 35.75 2.01
CA ILE A 4031 -10.13 35.99 2.98
C ILE A 4031 -10.60 36.96 4.06
N ASN A 4032 -11.03 36.41 5.19
CA ASN A 4032 -11.12 37.20 6.42
C ASN A 4032 -10.56 36.48 7.63
N VAL A 4033 -10.80 35.17 7.74
CA VAL A 4033 -10.40 34.38 8.90
C VAL A 4033 -9.36 33.33 8.54
N ALA A 4034 -9.40 32.82 7.31
CA ALA A 4034 -8.48 31.80 6.85
C ALA A 4034 -7.04 32.29 6.74
N GLU A 4035 -6.83 33.60 6.66
CA GLU A 4035 -5.47 34.14 6.78
C GLU A 4035 -4.90 33.89 8.17
N LYS A 4036 -5.74 33.91 9.20
CA LYS A 4036 -5.32 33.67 10.58
C LYS A 4036 -5.79 32.32 11.09
N ASN A 4037 -6.07 31.37 10.20
CA ASN A 4037 -6.51 30.04 10.62
C ASN A 4037 -5.83 28.94 9.80
N TRP A 4038 -4.58 29.15 9.38
CA TRP A 4038 -3.86 28.09 8.69
C TRP A 4038 -3.33 27.06 9.69
N TYR A 4039 -2.49 27.51 10.63
CA TYR A 4039 -2.06 26.79 11.82
C TYR A 4039 -1.44 25.42 11.57
N PRO A 4040 -0.19 25.36 11.12
CA PRO A 4040 0.43 24.07 10.76
C PRO A 4040 0.69 23.11 11.93
N ARG A 4041 0.32 23.45 13.16
CA ARG A 4041 0.32 22.48 14.24
C ARG A 4041 -0.97 21.66 14.28
N GLN A 4042 -2.06 22.25 13.79
CA GLN A 4042 -3.37 21.60 13.83
C GLN A 4042 -3.43 20.39 12.92
N LYS A 4043 -2.85 20.49 11.71
CA LYS A 4043 -2.87 19.40 10.74
C LYS A 4043 -2.06 18.21 11.24
N ILE A 4044 -0.92 18.46 11.85
CA ILE A 4044 -0.12 17.39 12.43
C ILE A 4044 -0.82 16.79 13.64
N CYS A 4045 -1.51 17.62 14.43
CA CYS A 4045 -2.27 17.10 15.56
C CYS A 4045 -3.39 16.18 15.10
N TYR A 4046 -4.09 16.54 14.03
CA TYR A 4046 -5.21 15.71 13.60
C TYR A 4046 -4.77 14.45 12.87
N ALA A 4047 -3.69 14.53 12.08
CA ALA A 4047 -3.16 13.33 11.44
C ALA A 4047 -2.57 12.37 12.46
N LYS A 4048 -1.87 12.89 13.47
CA LYS A 4048 -1.37 12.03 14.54
C LYS A 4048 -2.49 11.44 15.36
N ARG A 4049 -3.59 12.18 15.53
CA ARG A 4049 -4.71 11.68 16.32
C ARG A 4049 -5.45 10.58 15.59
N LYS A 4050 -5.60 10.69 14.27
CA LYS A 4050 -6.23 9.61 13.51
C LYS A 4050 -5.27 8.45 13.23
N LEU A 4051 -3.96 8.67 13.35
CA LEU A 4051 -3.02 7.56 13.33
C LEU A 4051 -2.98 6.83 14.66
N ALA A 4052 -3.36 7.50 15.75
CA ALA A 4052 -3.41 6.88 17.07
C ALA A 4052 -4.71 6.15 17.33
N GLY A 4053 -5.65 6.17 16.39
CA GLY A 4053 -6.89 5.44 16.55
C GLY A 4053 -8.02 6.35 16.97
N ALA A 4054 -8.87 6.76 16.04
CA ALA A 4054 -9.92 7.71 16.34
C ALA A 4054 -11.10 7.47 15.42
N ASN A 4055 -12.26 7.93 15.87
CA ASN A 4055 -13.48 7.78 15.10
C ASN A 4055 -13.41 8.68 13.87
N PRO A 4056 -13.65 8.13 12.67
CA PRO A 4056 -13.56 8.95 11.45
C PRO A 4056 -14.60 10.06 11.34
N ALA A 4057 -15.67 10.05 12.14
CA ALA A 4057 -16.61 11.16 12.15
C ALA A 4057 -16.39 12.12 13.30
N VAL A 4058 -15.33 11.91 14.09
CA VAL A 4058 -14.91 12.89 15.08
C VAL A 4058 -13.90 13.87 14.48
N ILE A 4059 -12.97 13.36 13.67
CA ILE A 4059 -12.00 14.20 12.97
C ILE A 4059 -12.70 15.10 11.95
N THR A 4060 -13.74 14.58 11.29
CA THR A 4060 -14.51 15.37 10.34
C THR A 4060 -15.27 16.50 11.03
N CYS A 4061 -15.84 16.21 12.20
CA CYS A 4061 -16.56 17.23 12.94
C CYS A 4061 -15.60 18.26 13.52
N ASP A 4062 -14.39 17.84 13.88
CA ASP A 4062 -13.38 18.77 14.36
C ASP A 4062 -12.90 19.69 13.26
N GLU A 4063 -12.76 19.17 12.04
CA GLU A 4063 -12.38 20.02 10.91
C GLU A 4063 -13.50 20.98 10.53
N LEU A 4064 -14.76 20.54 10.60
CA LEU A 4064 -15.88 21.44 10.36
C LEU A 4064 -16.00 22.51 11.44
N LEU A 4065 -15.62 22.18 12.68
CA LEU A 4065 -15.58 23.19 13.73
C LEU A 4065 -14.45 24.18 13.49
N LEU A 4066 -13.31 23.70 13.00
CA LEU A 4066 -12.19 24.58 12.69
C LEU A 4066 -12.46 25.51 11.52
N GLY A 4067 -13.27 25.09 10.55
CA GLY A 4067 -13.38 25.91 9.34
C GLY A 4067 -14.76 26.36 8.91
N HIS A 4068 -15.80 26.05 9.67
CA HIS A 4068 -17.14 26.39 9.21
C HIS A 4068 -18.05 26.93 10.32
N GLU A 4069 -17.50 27.41 11.42
CA GLU A 4069 -18.33 28.02 12.44
C GLU A 4069 -18.78 29.40 11.99
N LYS A 4070 -19.77 29.94 12.73
CA LYS A 4070 -20.50 31.16 12.37
C LYS A 4070 -21.10 31.06 10.97
N ALA A 4071 -21.70 29.90 10.70
CA ALA A 4071 -22.45 29.58 9.50
C ALA A 4071 -23.81 29.06 9.93
N PRO A 4072 -24.85 29.17 9.07
CA PRO A 4072 -26.18 28.70 9.46
C PRO A 4072 -26.28 27.20 9.74
N ALA A 4073 -25.89 26.37 8.78
CA ALA A 4073 -26.04 24.92 8.90
C ALA A 4073 -24.68 24.32 9.28
N PHE A 4074 -24.37 24.39 10.57
CA PHE A 4074 -23.19 23.75 11.14
C PHE A 4074 -23.53 22.56 12.01
N ARG A 4075 -24.57 22.69 12.84
CA ARG A 4075 -25.08 21.55 13.59
C ARG A 4075 -25.67 20.50 12.66
N ASP A 4076 -26.19 20.92 11.49
CA ASP A 4076 -26.64 19.95 10.50
C ASP A 4076 -25.46 19.25 9.81
N TYR A 4077 -24.34 19.95 9.64
CA TYR A 4077 -23.11 19.29 9.16
C TYR A 4077 -22.67 18.22 10.14
N VAL A 4078 -22.68 18.54 11.44
CA VAL A 4078 -22.32 17.58 12.47
C VAL A 4078 -23.31 16.42 12.49
N ALA A 4079 -24.61 16.72 12.33
CA ALA A 4079 -25.64 15.69 12.41
C ALA A 4079 -25.58 14.74 11.22
N VAL A 4080 -25.24 15.24 10.04
CA VAL A 4080 -25.08 14.37 8.88
C VAL A 4080 -23.82 13.55 9.00
N ALA A 4081 -22.67 14.21 9.19
CA ALA A 4081 -21.42 13.44 9.31
C ALA A 4081 -21.08 13.14 10.76
N ARG A 4082 -22.06 12.67 11.51
CA ARG A 4082 -21.86 12.13 12.85
C ARG A 4082 -22.42 10.72 12.99
N GLY A 4083 -23.57 10.45 12.39
CA GLY A 4083 -24.22 9.15 12.45
C GLY A 4083 -25.69 9.32 12.73
N SER A 4084 -26.34 8.18 13.02
CA SER A 4084 -27.76 8.19 13.36
C SER A 4084 -28.15 7.29 14.53
N LYS A 4085 -27.23 6.43 15.02
CA LYS A 4085 -27.35 5.55 16.19
C LYS A 4085 -28.37 4.41 16.03
N ASP A 4086 -29.09 4.38 14.91
CA ASP A 4086 -29.97 3.27 14.58
C ASP A 4086 -29.40 2.41 13.46
N HIS A 4087 -28.96 3.05 12.38
CA HIS A 4087 -28.49 2.34 11.20
C HIS A 4087 -26.97 2.32 11.08
N ASN A 4088 -26.28 3.28 11.68
CA ASN A 4088 -24.87 3.51 11.43
C ASN A 4088 -24.02 2.95 12.57
N ILE A 4089 -22.99 2.18 12.22
CA ILE A 4089 -22.07 1.63 13.20
C ILE A 4089 -21.12 2.70 13.73
N ARG A 4090 -20.90 3.77 12.97
CA ARG A 4090 -19.99 4.83 13.40
C ARG A 4090 -20.61 5.77 14.43
N ALA A 4091 -21.89 5.61 14.74
CA ALA A 4091 -22.53 6.38 15.81
C ALA A 4091 -22.69 5.57 17.09
N GLN A 4092 -22.25 4.32 17.10
CA GLN A 4092 -22.38 3.45 18.25
C GLN A 4092 -21.05 3.14 18.91
N GLU A 4093 -19.95 3.62 18.35
CA GLU A 4093 -18.60 3.35 18.84
C GLU A 4093 -18.05 4.58 19.55
N PRO A 4094 -17.07 4.41 20.45
CA PRO A 4094 -16.51 5.57 21.15
C PRO A 4094 -15.68 6.46 20.25
N GLU A 4095 -15.20 7.56 20.83
CA GLU A 4095 -14.49 8.56 20.05
C GLU A 4095 -13.06 8.10 19.75
N SER A 4096 -12.32 7.72 20.77
CA SER A 4096 -10.92 7.35 20.63
C SER A 4096 -10.71 5.94 21.15
N GLY A 4097 -9.48 5.46 21.04
CA GLY A 4097 -9.13 4.15 21.52
C GLY A 4097 -9.69 3.01 20.71
N LEU A 4098 -9.81 3.18 19.39
CA LEU A 4098 -10.41 2.16 18.54
C LEU A 4098 -9.33 1.17 18.08
N SER A 4099 -9.71 0.30 17.15
CA SER A 4099 -8.80 -0.68 16.56
C SER A 4099 -8.98 -0.64 15.05
N GLU A 4100 -8.17 -1.45 14.34
CA GLU A 4100 -8.09 -1.33 12.89
C GLU A 4100 -9.34 -1.86 12.21
N GLU A 4101 -9.89 -2.97 12.70
CA GLU A 4101 -11.05 -3.59 12.06
C GLU A 4101 -12.30 -2.73 12.24
N THR A 4102 -12.52 -2.22 13.45
CA THR A 4102 -13.66 -1.34 13.67
C THR A 4102 -13.45 0.03 13.02
N GLN A 4103 -12.18 0.47 12.88
CA GLN A 4103 -11.90 1.71 12.18
C GLN A 4103 -12.25 1.60 10.69
N VAL A 4104 -11.85 0.50 10.06
CA VAL A 4104 -12.20 0.29 8.66
C VAL A 4104 -13.70 0.04 8.50
N LYS A 4105 -14.35 -0.51 9.52
CA LYS A 4105 -15.80 -0.66 9.49
C LYS A 4105 -16.51 0.70 9.51
N CYS A 4106 -16.08 1.63 10.37
CA CYS A 4106 -16.65 2.98 10.33
C CYS A 4106 -16.27 3.73 9.06
N LEU A 4107 -15.10 3.45 8.48
CA LEU A 4107 -14.71 4.09 7.23
C LEU A 4107 -15.56 3.62 6.07
N MET A 4108 -15.90 2.33 6.04
CA MET A 4108 -16.79 1.83 5.00
C MET A 4108 -18.23 2.24 5.23
N ASP A 4109 -18.61 2.46 6.49
CA ASP A 4109 -19.94 2.97 6.76
C ASP A 4109 -20.06 4.43 6.35
N GLN A 4110 -19.00 5.22 6.52
CA GLN A 4110 -19.07 6.62 6.14
C GLN A 4110 -18.99 6.81 4.63
N ALA A 4111 -18.20 6.00 3.95
CA ALA A 4111 -18.06 6.11 2.50
C ALA A 4111 -19.33 5.66 1.79
N THR A 4112 -20.00 4.65 2.33
CA THR A 4112 -21.26 4.13 1.79
C THR A 4112 -22.37 4.54 2.75
N ASP A 4113 -22.91 5.73 2.55
CA ASP A 4113 -23.96 6.27 3.38
C ASP A 4113 -24.83 7.15 2.50
N PRO A 4114 -26.12 6.82 2.32
CA PRO A 4114 -26.98 7.65 1.46
C PRO A 4114 -27.35 8.97 2.09
N ASN A 4115 -27.22 9.10 3.42
CA ASN A 4115 -27.40 10.39 4.06
C ASN A 4115 -26.24 11.34 3.78
N ILE A 4116 -25.07 10.81 3.44
CA ILE A 4116 -23.92 11.62 3.06
C ILE A 4116 -23.85 11.82 1.56
N LEU A 4117 -24.02 10.74 0.79
CA LEU A 4117 -23.94 10.84 -0.67
C LEU A 4117 -25.13 11.55 -1.28
N GLY A 4118 -26.25 11.65 -0.56
CA GLY A 4118 -27.33 12.49 -1.02
C GLY A 4118 -27.07 13.97 -0.87
N ARG A 4119 -26.16 14.33 0.04
CA ARG A 4119 -25.78 15.71 0.31
C ARG A 4119 -24.29 15.87 0.05
N THR A 4120 -23.92 16.07 -1.21
CA THR A 4120 -22.52 16.20 -1.57
C THR A 4120 -22.42 16.97 -2.89
N TRP A 4121 -21.18 17.34 -3.24
CA TRP A 4121 -20.92 18.22 -4.37
C TRP A 4121 -21.28 17.53 -5.69
N GLU A 4122 -21.85 18.31 -6.61
CA GLU A 4122 -22.43 17.80 -7.85
C GLU A 4122 -21.39 17.40 -8.88
N GLY A 4123 -20.10 17.63 -8.62
CA GLY A 4123 -19.05 17.24 -9.55
C GLY A 4123 -18.26 16.06 -9.05
N TRP A 4124 -18.50 15.68 -7.80
CA TRP A 4124 -17.88 14.49 -7.24
C TRP A 4124 -18.51 13.21 -7.75
N GLU A 4125 -19.78 13.28 -8.20
CA GLU A 4125 -20.60 12.21 -8.76
C GLU A 4125 -20.66 10.99 -7.85
N PRO A 4126 -21.41 11.04 -6.75
CA PRO A 4126 -21.40 9.94 -5.78
C PRO A 4126 -22.17 8.71 -6.24
N TRP A 4127 -23.00 8.81 -7.27
CA TRP A 4127 -23.84 7.68 -7.67
C TRP A 4127 -23.11 6.68 -8.53
N MET A 4128 -22.04 7.08 -9.20
CA MET A 4128 -21.37 6.22 -10.18
C MET A 4128 -20.08 5.64 -9.61
#